data_3G8F
# 
_entry.id   3G8F 
# 
_audit_conform.dict_name       mmcif_pdbx.dic 
_audit_conform.dict_version    5.397 
_audit_conform.dict_location   http://mmcif.pdb.org/dictionaries/ascii/mmcif_pdbx.dic 
# 
loop_
_database_2.database_id 
_database_2.database_code 
_database_2.pdbx_database_accession 
_database_2.pdbx_DOI 
PDB   3G8F         pdb_00003g8f 10.2210/pdb3g8f/pdb 
RCSB  RCSB051553   ?            ?                   
WWPDB D_1000051553 ?            ?                   
# 
loop_
_pdbx_audit_revision_history.ordinal 
_pdbx_audit_revision_history.data_content_type 
_pdbx_audit_revision_history.major_revision 
_pdbx_audit_revision_history.minor_revision 
_pdbx_audit_revision_history.revision_date 
1 'Structure model' 1 0 2009-03-10 
2 'Structure model' 1 1 2011-07-13 
3 'Structure model' 1 2 2012-12-12 
4 'Structure model' 1 3 2023-11-01 
5 'Structure model' 1 4 2024-10-16 
# 
_pdbx_audit_revision_details.ordinal             1 
_pdbx_audit_revision_details.revision_ordinal    1 
_pdbx_audit_revision_details.data_content_type   'Structure model' 
_pdbx_audit_revision_details.provider            repository 
_pdbx_audit_revision_details.type                'Initial release' 
_pdbx_audit_revision_details.description         ? 
_pdbx_audit_revision_details.details             ? 
# 
loop_
_pdbx_audit_revision_group.ordinal 
_pdbx_audit_revision_group.revision_ordinal 
_pdbx_audit_revision_group.data_content_type 
_pdbx_audit_revision_group.group 
1  2 'Structure model' 'Atomic model'              
2  2 'Structure model' 'Database references'       
3  2 'Structure model' 'Derived calculations'      
4  2 'Structure model' 'Non-polymer description'   
5  2 'Structure model' 'Structure summary'         
6  2 'Structure model' 'Version format compliance' 
7  3 'Structure model' Other                       
8  4 'Structure model' 'Data collection'           
9  4 'Structure model' 'Database references'       
10 4 'Structure model' 'Derived calculations'      
11 4 'Structure model' 'Refinement description'    
12 5 'Structure model' 'Structure summary'         
# 
loop_
_pdbx_audit_revision_category.ordinal 
_pdbx_audit_revision_category.revision_ordinal 
_pdbx_audit_revision_category.data_content_type 
_pdbx_audit_revision_category.category 
1 4 'Structure model' chem_comp_atom                
2 4 'Structure model' chem_comp_bond                
3 4 'Structure model' database_2                    
4 4 'Structure model' diffrn_source                 
5 4 'Structure model' pdbx_initial_refinement_model 
6 4 'Structure model' struct_conn                   
7 4 'Structure model' struct_site                   
8 5 'Structure model' pdbx_entry_details            
9 5 'Structure model' pdbx_modification_feature     
# 
loop_
_pdbx_audit_revision_item.ordinal 
_pdbx_audit_revision_item.revision_ordinal 
_pdbx_audit_revision_item.data_content_type 
_pdbx_audit_revision_item.item 
1 4 'Structure model' '_database_2.pdbx_DOI'                 
2 4 'Structure model' '_database_2.pdbx_database_accession'  
3 4 'Structure model' '_diffrn_source.pdbx_synchrotron_site' 
4 4 'Structure model' '_struct_conn.pdbx_leaving_atom_flag'  
5 4 'Structure model' '_struct_site.pdbx_auth_asym_id'       
6 4 'Structure model' '_struct_site.pdbx_auth_comp_id'       
7 4 'Structure model' '_struct_site.pdbx_auth_seq_id'        
# 
_database_PDB_caveat.id     1 
_database_PDB_caveat.text   'Ca center is plannar at VAL B 135' 
# 
_pdbx_database_PDB_obs_spr.id               SPRSDE 
_pdbx_database_PDB_obs_spr.date             2009-03-10 
_pdbx_database_PDB_obs_spr.pdb_id           3G8F 
_pdbx_database_PDB_obs_spr.replace_pdb_id   1TJQ 
_pdbx_database_PDB_obs_spr.details          ? 
# 
_pdbx_database_status.status_code                     REL 
_pdbx_database_status.entry_id                        3G8F 
_pdbx_database_status.recvd_initial_deposition_date   2009-02-12 
_pdbx_database_status.deposit_site                    RCSB 
_pdbx_database_status.process_site                    PDBJ 
_pdbx_database_status.status_code_sf                  REL 
_pdbx_database_status.status_code_mr                  ? 
_pdbx_database_status.SG_entry                        . 
_pdbx_database_status.status_code_cs                  ? 
_pdbx_database_status.pdb_format_compatible           Y 
_pdbx_database_status.status_code_nmr_data            ? 
_pdbx_database_status.methods_development_category    ? 
# 
_pdbx_database_related.db_name        PDB 
_pdbx_database_related.db_id          1FB2 
_pdbx_database_related.details        'Native structure' 
_pdbx_database_related.content_type   unspecified 
# 
loop_
_audit_author.name 
_audit_author.pdbx_ordinal 
'Singh, N.'       1 
'Kaur, P.'        2 
'Prem Kumar, R.'  3 
'Somvanshi, R.K.' 4 
'Perbandt, M.'    5 
'Betzel, C.'      6 
'Dey, S.'         7 
'Sharma, S.'      8 
'Singh, T.P.'     9 
# 
_citation.id                        primary 
_citation.title                     
;Crystal Structure of the Complex Formed between a Group II Phospholipase A2 and Designed Peptide Inhibitor Carbobenzoxy-Dehydro-Val-Ala-Arg-Ser at 1.2 A Resolution
;
_citation.journal_abbrev            'To be Published' 
_citation.journal_volume            ? 
_citation.page_first                ? 
_citation.page_last                 ? 
_citation.year                      ? 
_citation.journal_id_ASTM           ? 
_citation.country                   ? 
_citation.journal_id_ISSN           ? 
_citation.journal_id_CSD            0353 
_citation.book_publisher            ? 
_citation.pdbx_database_id_PubMed   ? 
_citation.pdbx_database_id_DOI      ? 
# 
loop_
_citation_author.citation_id 
_citation_author.name 
_citation_author.ordinal 
_citation_author.identifier_ORCID 
primary 'Singh, N.'       1 ? 
primary 'Kaur, P.'        2 ? 
primary 'Prem Kumar, R.'  3 ? 
primary 'Somvanshi, R.K.' 4 ? 
primary 'Perband, M.'     5 ? 
primary 'Betzel, C.'      6 ? 
primary 'Dey, S.'         7 ? 
primary 'Sharma, S.'      8 ? 
primary 'Singh, T.P.'     9 ? 
# 
loop_
_entity.id 
_entity.type 
_entity.src_method 
_entity.pdbx_description 
_entity.formula_weight 
_entity.pdbx_number_of_molecules 
_entity.pdbx_ec 
_entity.pdbx_mutation 
_entity.pdbx_fragment 
_entity.details 
1 polymer     nat 'Phospholipase A2 VRV-PL-VIIIa' 13629.767 1   3.1.1.4 ? ? ? 
2 polymer     syn 'PHQ VAL ALA ARG SER peptide'   585.073   1   ?       ? ? ? 
3 non-polymer syn 'SULFATE ION'                   96.063    3   ?       ? ? ? 
4 water       nat water                           18.015    199 ?       ? ? ? 
# 
_entity_name_com.entity_id   1 
_entity_name_com.name        'Phosphatidylcholine 2-acylhydrolase, DPLA2, P1' 
# 
loop_
_entity_poly.entity_id 
_entity_poly.type 
_entity_poly.nstd_linkage 
_entity_poly.nstd_monomer 
_entity_poly.pdbx_seq_one_letter_code 
_entity_poly.pdbx_seq_one_letter_code_can 
_entity_poly.pdbx_strand_id 
_entity_poly.pdbx_target_identifier 
1 'polypeptide(L)' no no  
;SLLEFGKMILEETGKLAIPSYSSYGCYCGWGGKGTPKDATDRCCFVHDCCYGNLPDCNPKSDRYKYKRVNGAIVCEKGTS
CENRICECDKAAAICFRQNLNTYSKKYMLYPDFLCKGELKC
;
;SLLEFGKMILEETGKLAIPSYSSYGCYCGWGGKGTPKDATDRCCFVHDCCYGNLPDCNPKSDRYKYKRVNGAIVCEKGTS
CENRICECDKAAAICFRQNLNTYSKKYMLYPDFLCKGELKC
;
A ? 
2 'polypeptide(L)' no yes '(PHQ)VARS' XVARS B ? 
# 
loop_
_pdbx_entity_nonpoly.entity_id 
_pdbx_entity_nonpoly.name 
_pdbx_entity_nonpoly.comp_id 
3 'SULFATE ION' SO4 
4 water         HOH 
# 
loop_
_entity_poly_seq.entity_id 
_entity_poly_seq.num 
_entity_poly_seq.mon_id 
_entity_poly_seq.hetero 
1 1   SER n 
1 2   LEU n 
1 3   LEU n 
1 4   GLU n 
1 5   PHE n 
1 6   GLY n 
1 7   LYS n 
1 8   MET n 
1 9   ILE n 
1 10  LEU n 
1 11  GLU n 
1 12  GLU n 
1 13  THR n 
1 14  GLY n 
1 15  LYS n 
1 16  LEU n 
1 17  ALA n 
1 18  ILE n 
1 19  PRO n 
1 20  SER n 
1 21  TYR n 
1 22  SER n 
1 23  SER n 
1 24  TYR n 
1 25  GLY n 
1 26  CYS n 
1 27  TYR n 
1 28  CYS n 
1 29  GLY n 
1 30  TRP n 
1 31  GLY n 
1 32  GLY n 
1 33  LYS n 
1 34  GLY n 
1 35  THR n 
1 36  PRO n 
1 37  LYS n 
1 38  ASP n 
1 39  ALA n 
1 40  THR n 
1 41  ASP n 
1 42  ARG n 
1 43  CYS n 
1 44  CYS n 
1 45  PHE n 
1 46  VAL n 
1 47  HIS n 
1 48  ASP n 
1 49  CYS n 
1 50  CYS n 
1 51  TYR n 
1 52  GLY n 
1 53  ASN n 
1 54  LEU n 
1 55  PRO n 
1 56  ASP n 
1 57  CYS n 
1 58  ASN n 
1 59  PRO n 
1 60  LYS n 
1 61  SER n 
1 62  ASP n 
1 63  ARG n 
1 64  TYR n 
1 65  LYS n 
1 66  TYR n 
1 67  LYS n 
1 68  ARG n 
1 69  VAL n 
1 70  ASN n 
1 71  GLY n 
1 72  ALA n 
1 73  ILE n 
1 74  VAL n 
1 75  CYS n 
1 76  GLU n 
1 77  LYS n 
1 78  GLY n 
1 79  THR n 
1 80  SER n 
1 81  CYS n 
1 82  GLU n 
1 83  ASN n 
1 84  ARG n 
1 85  ILE n 
1 86  CYS n 
1 87  GLU n 
1 88  CYS n 
1 89  ASP n 
1 90  LYS n 
1 91  ALA n 
1 92  ALA n 
1 93  ALA n 
1 94  ILE n 
1 95  CYS n 
1 96  PHE n 
1 97  ARG n 
1 98  GLN n 
1 99  ASN n 
1 100 LEU n 
1 101 ASN n 
1 102 THR n 
1 103 TYR n 
1 104 SER n 
1 105 LYS n 
1 106 LYS n 
1 107 TYR n 
1 108 MET n 
1 109 LEU n 
1 110 TYR n 
1 111 PRO n 
1 112 ASP n 
1 113 PHE n 
1 114 LEU n 
1 115 CYS n 
1 116 LYS n 
1 117 GLY n 
1 118 GLU n 
1 119 LEU n 
1 120 LYS n 
1 121 CYS n 
2 1   PHQ n 
2 2   VAL n 
2 3   ALA n 
2 4   ARG n 
2 5   SER n 
# 
_entity_src_nat.entity_id                  1 
_entity_src_nat.pdbx_src_id                1 
_entity_src_nat.pdbx_alt_source_flag       sample 
_entity_src_nat.pdbx_beg_seq_num           ? 
_entity_src_nat.pdbx_end_seq_num           ? 
_entity_src_nat.common_name                
;Indian Russell's viper
;
_entity_src_nat.pdbx_organism_scientific   'Daboia russellii russellii' 
_entity_src_nat.pdbx_ncbi_taxonomy_id      31159 
_entity_src_nat.genus                      ? 
_entity_src_nat.species                    ? 
_entity_src_nat.strain                     ? 
_entity_src_nat.tissue                     ? 
_entity_src_nat.tissue_fraction            ? 
_entity_src_nat.pdbx_secretion             ? 
_entity_src_nat.pdbx_fragment              ? 
_entity_src_nat.pdbx_variant               ? 
_entity_src_nat.pdbx_cell_line             ? 
_entity_src_nat.pdbx_atcc                  ? 
_entity_src_nat.pdbx_cellular_location     ? 
_entity_src_nat.pdbx_organ                 ? 
_entity_src_nat.pdbx_organelle             ? 
_entity_src_nat.pdbx_cell                  ? 
_entity_src_nat.pdbx_plasmid_name          ? 
_entity_src_nat.pdbx_plasmid_details       ? 
_entity_src_nat.details                    ? 
# 
loop_
_chem_comp.id 
_chem_comp.type 
_chem_comp.mon_nstd_flag 
_chem_comp.name 
_chem_comp.pdbx_synonyms 
_chem_comp.formula 
_chem_comp.formula_weight 
ALA 'L-peptide linking' y ALANINE                  ? 'C3 H7 N O2'     89.093  
ARG 'L-peptide linking' y ARGININE                 ? 'C6 H15 N4 O2 1' 175.209 
ASN 'L-peptide linking' y ASPARAGINE               ? 'C4 H8 N2 O3'    132.118 
ASP 'L-peptide linking' y 'ASPARTIC ACID'          ? 'C4 H7 N O4'     133.103 
CYS 'L-peptide linking' y CYSTEINE                 ? 'C3 H7 N O2 S'   121.158 
GLN 'L-peptide linking' y GLUTAMINE                ? 'C5 H10 N2 O3'   146.144 
GLU 'L-peptide linking' y 'GLUTAMIC ACID'          ? 'C5 H9 N O4'     147.129 
GLY 'peptide linking'   y GLYCINE                  ? 'C2 H5 N O2'     75.067  
HIS 'L-peptide linking' y HISTIDINE                ? 'C6 H10 N3 O2 1' 156.162 
HOH non-polymer         . WATER                    ? 'H2 O'           18.015  
ILE 'L-peptide linking' y ISOLEUCINE               ? 'C6 H13 N O2'    131.173 
LEU 'L-peptide linking' y LEUCINE                  ? 'C6 H13 N O2'    131.173 
LYS 'L-peptide linking' y LYSINE                   ? 'C6 H15 N2 O2 1' 147.195 
MET 'L-peptide linking' y METHIONINE               ? 'C5 H11 N O2 S'  149.211 
PHE 'L-peptide linking' y PHENYLALANINE            ? 'C9 H11 N O2'    165.189 
PHQ non-polymer         . 'benzyl chlorocarbonate' ? 'C8 H7 Cl O2'    170.593 
PRO 'L-peptide linking' y PROLINE                  ? 'C5 H9 N O2'     115.130 
SER 'L-peptide linking' y SERINE                   ? 'C3 H7 N O3'     105.093 
SO4 non-polymer         . 'SULFATE ION'            ? 'O4 S -2'        96.063  
THR 'L-peptide linking' y THREONINE                ? 'C4 H9 N O3'     119.119 
TRP 'L-peptide linking' y TRYPTOPHAN               ? 'C11 H12 N2 O2'  204.225 
TYR 'L-peptide linking' y TYROSINE                 ? 'C9 H11 N O3'    181.189 
VAL 'L-peptide linking' y VALINE                   ? 'C5 H11 N O2'    117.146 
# 
loop_
_pdbx_poly_seq_scheme.asym_id 
_pdbx_poly_seq_scheme.entity_id 
_pdbx_poly_seq_scheme.seq_id 
_pdbx_poly_seq_scheme.mon_id 
_pdbx_poly_seq_scheme.ndb_seq_num 
_pdbx_poly_seq_scheme.pdb_seq_num 
_pdbx_poly_seq_scheme.auth_seq_num 
_pdbx_poly_seq_scheme.pdb_mon_id 
_pdbx_poly_seq_scheme.auth_mon_id 
_pdbx_poly_seq_scheme.pdb_strand_id 
_pdbx_poly_seq_scheme.pdb_ins_code 
_pdbx_poly_seq_scheme.hetero 
A 1 1   SER 1   1   1   SER SER A . n 
A 1 2   LEU 2   2   2   LEU LEU A . n 
A 1 3   LEU 3   3   3   LEU LEU A . n 
A 1 4   GLU 4   4   4   GLU GLU A . n 
A 1 5   PHE 5   5   5   PHE PHE A . n 
A 1 6   GLY 6   6   6   GLY GLY A . n 
A 1 7   LYS 7   7   7   LYS LYS A . n 
A 1 8   MET 8   8   8   MET MET A . n 
A 1 9   ILE 9   9   9   ILE ILE A . n 
A 1 10  LEU 10  10  10  LEU LEU A . n 
A 1 11  GLU 11  11  11  GLU GLU A . n 
A 1 12  GLU 12  12  12  GLU GLU A . n 
A 1 13  THR 13  13  13  THR THR A . n 
A 1 14  GLY 14  14  14  GLY GLY A . n 
A 1 15  LYS 15  16  16  LYS LYS A . n 
A 1 16  LEU 16  17  17  LEU LEU A . n 
A 1 17  ALA 17  18  18  ALA ALA A . n 
A 1 18  ILE 18  19  19  ILE ILE A . n 
A 1 19  PRO 19  20  20  PRO PRO A . n 
A 1 20  SER 20  21  21  SER SER A . n 
A 1 21  TYR 21  22  22  TYR TYR A . n 
A 1 22  SER 22  23  23  SER SER A . n 
A 1 23  SER 23  24  24  SER SER A . n 
A 1 24  TYR 24  25  25  TYR TYR A . n 
A 1 25  GLY 25  26  26  GLY GLY A . n 
A 1 26  CYS 26  27  27  CYS CYS A . n 
A 1 27  TYR 27  28  28  TYR TYR A . n 
A 1 28  CYS 28  29  29  CYS CYS A . n 
A 1 29  GLY 29  30  30  GLY GLY A . n 
A 1 30  TRP 30  31  31  TRP TRP A . n 
A 1 31  GLY 31  32  32  GLY GLY A . n 
A 1 32  GLY 32  33  33  GLY GLY A . n 
A 1 33  LYS 33  34  34  LYS LYS A . n 
A 1 34  GLY 34  35  35  GLY GLY A . n 
A 1 35  THR 35  36  36  THR THR A . n 
A 1 36  PRO 36  37  37  PRO PRO A . n 
A 1 37  LYS 37  38  38  LYS LYS A . n 
A 1 38  ASP 38  39  39  ASP ASP A . n 
A 1 39  ALA 39  40  40  ALA ALA A . n 
A 1 40  THR 40  41  41  THR THR A . n 
A 1 41  ASP 41  42  42  ASP ASP A . n 
A 1 42  ARG 42  43  43  ARG ARG A . n 
A 1 43  CYS 43  44  44  CYS CYS A . n 
A 1 44  CYS 44  45  45  CYS CYS A . n 
A 1 45  PHE 45  46  46  PHE PHE A . n 
A 1 46  VAL 46  47  47  VAL VAL A . n 
A 1 47  HIS 47  48  48  HIS HIS A . n 
A 1 48  ASP 48  49  49  ASP ASP A . n 
A 1 49  CYS 49  50  50  CYS CYS A . n 
A 1 50  CYS 50  51  51  CYS CYS A . n 
A 1 51  TYR 51  52  52  TYR TYR A . n 
A 1 52  GLY 52  53  53  GLY GLY A . n 
A 1 53  ASN 53  54  54  ASN ASN A . n 
A 1 54  LEU 54  55  55  LEU LEU A . n 
A 1 55  PRO 55  56  56  PRO PRO A . n 
A 1 56  ASP 56  59  59  ASP ASP A . n 
A 1 57  CYS 57  61  61  CYS CYS A . n 
A 1 58  ASN 58  67  67  ASN ASN A . n 
A 1 59  PRO 59  68  68  PRO PRO A . n 
A 1 60  LYS 60  69  69  LYS LYS A . n 
A 1 61  SER 61  70  70  SER SER A . n 
A 1 62  ASP 62  71  71  ASP ASP A . n 
A 1 63  ARG 63  72  72  ARG ARG A . n 
A 1 64  TYR 64  73  73  TYR TYR A . n 
A 1 65  LYS 65  74  74  LYS LYS A . n 
A 1 66  TYR 66  75  75  TYR TYR A . n 
A 1 67  LYS 67  76  76  LYS LYS A . n 
A 1 68  ARG 68  77  77  ARG ARG A . n 
A 1 69  VAL 69  78  78  VAL VAL A . n 
A 1 70  ASN 70  79  79  ASN ASN A . n 
A 1 71  GLY 71  80  80  GLY GLY A . n 
A 1 72  ALA 72  81  81  ALA ALA A . n 
A 1 73  ILE 73  82  82  ILE ILE A . n 
A 1 74  VAL 74  83  83  VAL VAL A . n 
A 1 75  CYS 75  84  84  CYS CYS A . n 
A 1 76  GLU 76  85  85  GLU GLU A . n 
A 1 77  LYS 77  86  86  LYS LYS A . n 
A 1 78  GLY 78  88  88  GLY GLY A . n 
A 1 79  THR 79  89  89  THR THR A . n 
A 1 80  SER 80  90  90  SER SER A . n 
A 1 81  CYS 81  91  91  CYS CYS A . n 
A 1 82  GLU 82  92  92  GLU GLU A . n 
A 1 83  ASN 83  93  93  ASN ASN A . n 
A 1 84  ARG 84  94  94  ARG ARG A . n 
A 1 85  ILE 85  95  95  ILE ILE A . n 
A 1 86  CYS 86  96  96  CYS CYS A . n 
A 1 87  GLU 87  97  97  GLU GLU A . n 
A 1 88  CYS 88  98  98  CYS CYS A . n 
A 1 89  ASP 89  99  99  ASP ASP A . n 
A 1 90  LYS 90  100 100 LYS LYS A . n 
A 1 91  ALA 91  101 101 ALA ALA A . n 
A 1 92  ALA 92  102 102 ALA ALA A . n 
A 1 93  ALA 93  103 103 ALA ALA A . n 
A 1 94  ILE 94  104 104 ILE ILE A . n 
A 1 95  CYS 95  105 105 CYS CYS A . n 
A 1 96  PHE 96  106 106 PHE PHE A . n 
A 1 97  ARG 97  107 107 ARG ARG A . n 
A 1 98  GLN 98  108 108 GLN GLN A . n 
A 1 99  ASN 99  109 109 ASN ASN A . n 
A 1 100 LEU 100 110 110 LEU LEU A . n 
A 1 101 ASN 101 111 111 ASN ASN A . n 
A 1 102 THR 102 112 112 THR THR A . n 
A 1 103 TYR 103 113 113 TYR TYR A . n 
A 1 104 SER 104 114 114 SER SER A . n 
A 1 105 LYS 105 115 115 LYS LYS A . n 
A 1 106 LYS 106 116 116 LYS LYS A . n 
A 1 107 TYR 107 117 117 TYR TYR A . n 
A 1 108 MET 108 118 118 MET MET A . n 
A 1 109 LEU 109 119 119 LEU LEU A . n 
A 1 110 TYR 110 120 120 TYR TYR A . n 
A 1 111 PRO 111 121 121 PRO PRO A . n 
A 1 112 ASP 112 122 122 ASP ASP A . n 
A 1 113 PHE 113 124 124 PHE PHE A . n 
A 1 114 LEU 114 125 125 LEU LEU A . n 
A 1 115 CYS 115 126 126 CYS CYS A . n 
A 1 116 LYS 116 127 127 LYS LYS A . n 
A 1 117 GLY 117 128 128 GLY GLY A . n 
A 1 118 GLU 118 129 129 GLU GLU A . n 
A 1 119 LEU 119 130 130 LEU LEU A . n 
A 1 120 LYS 120 131 131 LYS LYS A . n 
A 1 121 CYS 121 133 133 CYS CYS A . n 
B 2 1   PHQ 1   134 134 PHQ PHQ B . n 
B 2 2   VAL 2   135 135 VAL VAL B . n 
B 2 3   ALA 3   136 136 ALA ALA B . n 
B 2 4   ARG 4   137 137 ARG ARG B . n 
B 2 5   SER 5   138 138 SER SER B . n 
# 
loop_
_pdbx_nonpoly_scheme.asym_id 
_pdbx_nonpoly_scheme.entity_id 
_pdbx_nonpoly_scheme.mon_id 
_pdbx_nonpoly_scheme.ndb_seq_num 
_pdbx_nonpoly_scheme.pdb_seq_num 
_pdbx_nonpoly_scheme.auth_seq_num 
_pdbx_nonpoly_scheme.pdb_mon_id 
_pdbx_nonpoly_scheme.auth_mon_id 
_pdbx_nonpoly_scheme.pdb_strand_id 
_pdbx_nonpoly_scheme.pdb_ins_code 
C 3 SO4 1   135  135  SO4 SO4 A . 
D 3 SO4 1   136  136  SO4 SO4 A . 
E 3 SO4 1   137  137  SO4 SO4 A . 
F 4 HOH 1   1001 1001 HOH HOH A . 
F 4 HOH 2   1002 1002 HOH HOH A . 
F 4 HOH 3   1003 1003 HOH HOH A . 
F 4 HOH 4   1004 1004 HOH HOH A . 
F 4 HOH 5   1005 1005 HOH HOH A . 
F 4 HOH 6   1006 1006 HOH HOH A . 
F 4 HOH 7   1007 1007 HOH HOH A . 
F 4 HOH 8   1008 1008 HOH HOH A . 
F 4 HOH 9   1009 1009 HOH HOH A . 
F 4 HOH 10  1010 1010 HOH HOH A . 
F 4 HOH 11  1011 1011 HOH HOH A . 
F 4 HOH 12  1012 1012 HOH HOH A . 
F 4 HOH 13  1013 1013 HOH HOH A . 
F 4 HOH 14  1014 1014 HOH HOH A . 
F 4 HOH 15  1015 1015 HOH HOH A . 
F 4 HOH 16  1016 1016 HOH HOH A . 
F 4 HOH 17  1017 1017 HOH HOH A . 
F 4 HOH 18  1018 1018 HOH HOH A . 
F 4 HOH 19  1019 1019 HOH HOH A . 
F 4 HOH 20  1020 1020 HOH HOH A . 
F 4 HOH 21  1021 1021 HOH HOH A . 
F 4 HOH 22  1022 1022 HOH HOH A . 
F 4 HOH 23  1023 1023 HOH HOH A . 
F 4 HOH 24  1024 1024 HOH HOH A . 
F 4 HOH 25  1025 1025 HOH HOH A . 
F 4 HOH 26  1026 1026 HOH HOH A . 
F 4 HOH 27  1027 1027 HOH HOH A . 
F 4 HOH 28  1028 1028 HOH HOH A . 
F 4 HOH 29  1029 1029 HOH HOH A . 
F 4 HOH 30  1030 1030 HOH HOH A . 
F 4 HOH 31  1031 1031 HOH HOH A . 
F 4 HOH 32  1032 1032 HOH HOH A . 
F 4 HOH 33  1033 1033 HOH HOH A . 
F 4 HOH 34  1034 1034 HOH HOH A . 
F 4 HOH 35  1035 1035 HOH HOH A . 
F 4 HOH 36  1036 1036 HOH HOH A . 
F 4 HOH 37  1037 1037 HOH HOH A . 
F 4 HOH 38  1038 1038 HOH HOH A . 
F 4 HOH 39  1039 1039 HOH HOH A . 
F 4 HOH 40  1040 1040 HOH HOH A . 
F 4 HOH 41  1041 1041 HOH HOH A . 
F 4 HOH 42  1042 1042 HOH HOH A . 
F 4 HOH 43  1043 1043 HOH HOH A . 
F 4 HOH 44  1044 1044 HOH HOH A . 
F 4 HOH 45  1045 1045 HOH HOH A . 
F 4 HOH 46  1046 1046 HOH HOH A . 
F 4 HOH 47  1047 1047 HOH HOH A . 
F 4 HOH 48  1048 1048 HOH HOH A . 
F 4 HOH 49  1049 1049 HOH HOH A . 
F 4 HOH 50  1050 1050 HOH HOH A . 
F 4 HOH 51  1051 1051 HOH HOH A . 
F 4 HOH 52  1052 1052 HOH HOH A . 
F 4 HOH 53  1053 1053 HOH HOH A . 
F 4 HOH 54  1054 1054 HOH HOH A . 
F 4 HOH 55  1055 1055 HOH HOH A . 
F 4 HOH 56  1056 1056 HOH HOH A . 
F 4 HOH 57  1057 1057 HOH HOH A . 
F 4 HOH 58  1058 1058 HOH HOH A . 
F 4 HOH 59  1059 1059 HOH HOH A . 
F 4 HOH 60  1060 1060 HOH HOH A . 
F 4 HOH 61  1061 1061 HOH HOH A . 
F 4 HOH 62  1062 1062 HOH HOH A . 
F 4 HOH 63  1063 1063 HOH HOH A . 
F 4 HOH 64  1064 1064 HOH HOH A . 
F 4 HOH 65  1065 1065 HOH HOH A . 
F 4 HOH 66  1066 1066 HOH HOH A . 
F 4 HOH 67  1067 1067 HOH HOH A . 
F 4 HOH 68  1068 1068 HOH HOH A . 
F 4 HOH 69  1069 1069 HOH HOH A . 
F 4 HOH 70  1070 1070 HOH HOH A . 
F 4 HOH 71  1071 1071 HOH HOH A . 
F 4 HOH 72  1072 1072 HOH HOH A . 
F 4 HOH 73  1073 1073 HOH HOH A . 
F 4 HOH 74  1074 1074 HOH HOH A . 
F 4 HOH 75  1075 1075 HOH HOH A . 
F 4 HOH 76  1076 1076 HOH HOH A . 
F 4 HOH 77  1077 1077 HOH HOH A . 
F 4 HOH 78  1078 1078 HOH HOH A . 
F 4 HOH 79  1079 1079 HOH HOH A . 
F 4 HOH 80  1080 1080 HOH HOH A . 
F 4 HOH 81  1081 1081 HOH HOH A . 
F 4 HOH 82  1082 1082 HOH HOH A . 
F 4 HOH 83  1083 1083 HOH HOH A . 
F 4 HOH 84  1084 1084 HOH HOH A . 
F 4 HOH 85  1085 1085 HOH HOH A . 
F 4 HOH 86  1086 1086 HOH HOH A . 
F 4 HOH 87  1087 1087 HOH HOH A . 
F 4 HOH 88  1088 1088 HOH HOH A . 
F 4 HOH 89  1089 1089 HOH HOH A . 
F 4 HOH 90  1090 1090 HOH HOH A . 
F 4 HOH 91  1091 1091 HOH HOH A . 
F 4 HOH 92  1092 1092 HOH HOH A . 
F 4 HOH 93  1093 1093 HOH HOH A . 
F 4 HOH 94  1094 1094 HOH HOH A . 
F 4 HOH 95  1095 1095 HOH HOH A . 
F 4 HOH 96  1096 1096 HOH HOH A . 
F 4 HOH 97  1097 1097 HOH HOH A . 
F 4 HOH 98  1098 1098 HOH HOH A . 
F 4 HOH 99  1099 1099 HOH HOH A . 
F 4 HOH 100 1100 1100 HOH HOH A . 
F 4 HOH 101 1101 1101 HOH HOH A . 
F 4 HOH 102 1102 1102 HOH HOH A . 
F 4 HOH 103 1103 1103 HOH HOH A . 
F 4 HOH 104 1104 1104 HOH HOH A . 
F 4 HOH 105 1105 1105 HOH HOH A . 
F 4 HOH 106 1106 1106 HOH HOH A . 
F 4 HOH 107 1107 1107 HOH HOH A . 
F 4 HOH 108 1108 1108 HOH HOH A . 
F 4 HOH 109 1109 1109 HOH HOH A . 
F 4 HOH 110 1110 1110 HOH HOH A . 
F 4 HOH 111 1111 1111 HOH HOH A . 
F 4 HOH 112 1112 1112 HOH HOH A . 
F 4 HOH 113 1113 1113 HOH HOH A . 
F 4 HOH 114 1114 1114 HOH HOH A . 
F 4 HOH 115 1115 1115 HOH HOH A . 
F 4 HOH 116 1116 1116 HOH HOH A . 
F 4 HOH 117 1117 1117 HOH HOH A . 
F 4 HOH 118 1118 1118 HOH HOH A . 
F 4 HOH 119 1119 1119 HOH HOH A . 
F 4 HOH 120 1120 1120 HOH HOH A . 
F 4 HOH 121 1121 1121 HOH HOH A . 
F 4 HOH 122 1123 1123 HOH HOH A . 
F 4 HOH 123 1124 1124 HOH HOH A . 
F 4 HOH 124 1126 1126 HOH HOH A . 
F 4 HOH 125 1127 1127 HOH HOH A . 
F 4 HOH 126 1128 1128 HOH HOH A . 
F 4 HOH 127 1129 1129 HOH HOH A . 
F 4 HOH 128 1130 1130 HOH HOH A . 
F 4 HOH 129 1131 1131 HOH HOH A . 
F 4 HOH 130 1132 1132 HOH HOH A . 
F 4 HOH 131 1133 1133 HOH HOH A . 
F 4 HOH 132 1134 1134 HOH HOH A . 
F 4 HOH 133 1135 1135 HOH HOH A . 
F 4 HOH 134 1136 1136 HOH HOH A . 
F 4 HOH 135 1137 1137 HOH HOH A . 
F 4 HOH 136 1138 1138 HOH HOH A . 
F 4 HOH 137 1139 1139 HOH HOH A . 
F 4 HOH 138 1140 1140 HOH HOH A . 
F 4 HOH 139 1141 1141 HOH HOH A . 
F 4 HOH 140 1142 1142 HOH HOH A . 
F 4 HOH 141 1143 1143 HOH HOH A . 
F 4 HOH 142 1144 1144 HOH HOH A . 
F 4 HOH 143 1145 1145 HOH HOH A . 
F 4 HOH 144 1146 1146 HOH HOH A . 
F 4 HOH 145 1148 1148 HOH HOH A . 
F 4 HOH 146 1150 1150 HOH HOH A . 
F 4 HOH 147 1151 1151 HOH HOH A . 
F 4 HOH 148 1152 1152 HOH HOH A . 
F 4 HOH 149 1153 1153 HOH HOH A . 
F 4 HOH 150 1154 1154 HOH HOH A . 
F 4 HOH 151 1155 1155 HOH HOH A . 
F 4 HOH 152 1156 1156 HOH HOH A . 
F 4 HOH 153 1157 1157 HOH HOH A . 
F 4 HOH 154 1158 1158 HOH HOH A . 
F 4 HOH 155 1159 1159 HOH HOH A . 
F 4 HOH 156 1160 1160 HOH HOH A . 
F 4 HOH 157 1161 1161 HOH HOH A . 
F 4 HOH 158 1162 1162 HOH HOH A . 
F 4 HOH 159 1164 1164 HOH HOH A . 
F 4 HOH 160 1165 1165 HOH HOH A . 
F 4 HOH 161 1166 1166 HOH HOH A . 
F 4 HOH 162 1167 1167 HOH HOH A . 
F 4 HOH 163 1168 1168 HOH HOH A . 
F 4 HOH 164 1169 1169 HOH HOH A . 
F 4 HOH 165 1170 1170 HOH HOH A . 
F 4 HOH 166 1171 1171 HOH HOH A . 
F 4 HOH 167 1172 1172 HOH HOH A . 
F 4 HOH 168 1173 1173 HOH HOH A . 
F 4 HOH 169 1174 1174 HOH HOH A . 
F 4 HOH 170 1175 1175 HOH HOH A . 
F 4 HOH 171 1176 1176 HOH HOH A . 
F 4 HOH 172 1178 1178 HOH HOH A . 
F 4 HOH 173 1179 1179 HOH HOH A . 
F 4 HOH 174 1180 1180 HOH HOH A . 
F 4 HOH 175 1181 1181 HOH HOH A . 
F 4 HOH 176 1182 1182 HOH HOH A . 
F 4 HOH 177 1183 1183 HOH HOH A . 
F 4 HOH 178 1184 1184 HOH HOH A . 
F 4 HOH 179 1185 1185 HOH HOH A . 
F 4 HOH 180 1186 1186 HOH HOH A . 
F 4 HOH 181 1187 1187 HOH HOH A . 
F 4 HOH 182 1188 1188 HOH HOH A . 
F 4 HOH 183 1189 1189 HOH HOH A . 
F 4 HOH 184 1190 1190 HOH HOH A . 
F 4 HOH 185 1191 1191 HOH HOH A . 
F 4 HOH 186 1192 1192 HOH HOH A . 
F 4 HOH 187 1193 1193 HOH HOH A . 
F 4 HOH 188 1194 1194 HOH HOH A . 
F 4 HOH 189 1195 1195 HOH HOH A . 
F 4 HOH 190 1196 1196 HOH HOH A . 
F 4 HOH 191 1197 1197 HOH HOH A . 
F 4 HOH 192 1199 1199 HOH HOH A . 
F 4 HOH 193 1201 1201 HOH HOH A . 
G 4 HOH 1   1122 1122 HOH HOH B . 
G 4 HOH 2   1147 1147 HOH HOH B . 
G 4 HOH 3   1163 1163 HOH HOH B . 
G 4 HOH 4   1177 1177 HOH HOH B . 
G 4 HOH 5   1198 1198 HOH HOH B . 
G 4 HOH 6   1200 1200 HOH HOH B . 
# 
loop_
_software.name 
_software.classification 
_software.version 
_software.citation_id 
_software.pdbx_ordinal 
HKL-2000  'data collection' . ? 1 
AMoRE     phasing           . ? 2 
REFMAC    refinement        5 ? 3 
DENZO     'data reduction'  . ? 4 
SCALEPACK 'data scaling'    . ? 5 
# 
_cell.entry_id           3G8F 
_cell.length_a           52.561 
_cell.length_b           52.561 
_cell.length_c           47.883 
_cell.angle_alpha        90.00 
_cell.angle_beta         90.00 
_cell.angle_gamma        90.00 
_cell.Z_PDB              4 
_cell.pdbx_unique_axis   ? 
_cell.length_a_esd       ? 
_cell.length_b_esd       ? 
_cell.length_c_esd       ? 
_cell.angle_alpha_esd    ? 
_cell.angle_beta_esd     ? 
_cell.angle_gamma_esd    ? 
# 
_symmetry.entry_id                         3G8F 
_symmetry.space_group_name_H-M             'P 43' 
_symmetry.pdbx_full_space_group_name_H-M   ? 
_symmetry.cell_setting                     ? 
_symmetry.Int_Tables_number                78 
_symmetry.space_group_name_Hall            ? 
# 
_exptl.entry_id          3G8F 
_exptl.method            'X-RAY DIFFRACTION' 
_exptl.crystals_number   1 
# 
_exptl_crystal.id                    1 
_exptl_crystal.density_meas          ? 
_exptl_crystal.density_Matthews      2.33 
_exptl_crystal.density_percent_sol   47.26 
_exptl_crystal.description           ? 
_exptl_crystal.F_000                 ? 
_exptl_crystal.preparation           ? 
# 
_exptl_crystal_grow.crystal_id      1 
_exptl_crystal_grow.method          'VAPOR DIFFUSION, HANGING DROP' 
_exptl_crystal_grow.temp            298.0 
_exptl_crystal_grow.temp_details    ? 
_exptl_crystal_grow.pH              7.00 
_exptl_crystal_grow.pdbx_details    
'0.2M AMMONIUM SULPHATE, 30% PEG, CaCl2, pH 7.00, VAPOR DIFFUSION, HANGING DROP, temperature 298.0K' 
_exptl_crystal_grow.pdbx_pH_range   . 
# 
_diffrn.id                     1 
_diffrn.ambient_temp           200.0 
_diffrn.ambient_temp_details   ? 
_diffrn.crystal_id             1 
# 
_diffrn_detector.diffrn_id              1 
_diffrn_detector.detector               CCD 
_diffrn_detector.type                   MARRESEARCH 
_diffrn_detector.pdbx_collection_date   2003-05-05 
_diffrn_detector.details                MIRRORS 
# 
_diffrn_radiation.diffrn_id                        1 
_diffrn_radiation.wavelength_id                    1 
_diffrn_radiation.pdbx_monochromatic_or_laue_m_l   M 
_diffrn_radiation.monochromator                    GRAPHITE 
_diffrn_radiation.pdbx_diffrn_protocol             'SINGLE WAVELENGTH' 
_diffrn_radiation.pdbx_scattering_type             x-ray 
# 
loop_
_diffrn_radiation_wavelength.id 
_diffrn_radiation_wavelength.wavelength 
_diffrn_radiation_wavelength.wt 
1 0.806 1.0 
2 0.803 1.0 
# 
_diffrn_source.diffrn_id                   1 
_diffrn_source.source                      SYNCHROTRON 
_diffrn_source.type                        'EMBL/DESY, HAMBURG BEAMLINE X11' 
_diffrn_source.pdbx_synchrotron_site       'EMBL/DESY, HAMBURG' 
_diffrn_source.pdbx_synchrotron_beamline   X11 
_diffrn_source.pdbx_wavelength             0.806 
_diffrn_source.pdbx_wavelength_list        0.803 
# 
_reflns.entry_id                     3G8F 
_reflns.observed_criterion_sigma_I   0.000 
_reflns.observed_criterion_sigma_F   0.0 
_reflns.d_resolution_low             30.000 
_reflns.d_resolution_high            1.200 
_reflns.number_obs                   35175 
_reflns.number_all                   35175 
_reflns.percent_possible_obs         100.0 
_reflns.pdbx_Rmerge_I_obs            ? 
_reflns.pdbx_Rsym_value              0.07800 
_reflns.pdbx_netI_over_sigmaI        20.5000 
_reflns.B_iso_Wilson_estimate        11.80 
_reflns.pdbx_redundancy              5.500 
_reflns.R_free_details               ? 
_reflns.limit_h_max                  ? 
_reflns.limit_h_min                  ? 
_reflns.limit_k_max                  ? 
_reflns.limit_k_min                  ? 
_reflns.limit_l_max                  ? 
_reflns.limit_l_min                  ? 
_reflns.observed_criterion_F_max     ? 
_reflns.observed_criterion_F_min     ? 
_reflns.pdbx_chi_squared             ? 
_reflns.pdbx_scaling_rejects         ? 
_reflns.pdbx_ordinal                 1 
_reflns.pdbx_diffrn_id               1 
# 
_reflns_shell.d_res_high             1.20 
_reflns_shell.d_res_low              1.27 
_reflns_shell.percent_possible_all   100.0 
_reflns_shell.Rmerge_I_obs           ? 
_reflns_shell.pdbx_Rsym_value        0.48700 
_reflns_shell.meanI_over_sigI_obs    2.300 
_reflns_shell.pdbx_redundancy        ? 
_reflns_shell.percent_possible_obs   ? 
_reflns_shell.number_unique_all      ? 
_reflns_shell.number_measured_all    ? 
_reflns_shell.number_measured_obs    ? 
_reflns_shell.number_unique_obs      ? 
_reflns_shell.pdbx_chi_squared       ? 
_reflns_shell.pdbx_ordinal           1 
_reflns_shell.pdbx_diffrn_id         1 
# 
_refine.entry_id                                 3G8F 
_refine.ls_number_reflns_obs                     35175 
_refine.ls_number_reflns_all                     35175 
_refine.pdbx_ls_sigma_I                          0.0 
_refine.pdbx_ls_sigma_F                          0.000 
_refine.pdbx_data_cutoff_high_absF               ? 
_refine.pdbx_data_cutoff_low_absF                ? 
_refine.pdbx_data_cutoff_high_rms_absF           ? 
_refine.ls_d_res_low                             29.36 
_refine.ls_d_res_high                            1.25 
_refine.ls_percent_reflns_obs                    100.0 
_refine.ls_R_factor_obs                          0.187 
_refine.ls_R_factor_all                          0.189 
_refine.ls_R_factor_R_work                       0.187 
_refine.ls_R_factor_R_free                       0.210 
_refine.ls_R_factor_R_free_error                 ? 
_refine.ls_R_factor_R_free_error_details         ? 
_refine.ls_percent_reflns_R_free                 2.600 
_refine.ls_number_reflns_R_free                  921 
_refine.ls_number_parameters                     ? 
_refine.ls_number_restraints                     ? 
_refine.occupancy_min                            ? 
_refine.occupancy_max                            ? 
_refine.correlation_coeff_Fo_to_Fc               0.962 
_refine.correlation_coeff_Fo_to_Fc_free          0.949 
_refine.B_iso_mean                               12.96 
_refine.aniso_B[1][1]                            0.05000 
_refine.aniso_B[2][2]                            0.05000 
_refine.aniso_B[3][3]                            -0.10000 
_refine.aniso_B[1][2]                            0.00000 
_refine.aniso_B[1][3]                            0.00000 
_refine.aniso_B[2][3]                            0.00000 
_refine.solvent_model_details                    'BABINET MODEL WITH MASK' 
_refine.solvent_model_param_ksol                 ? 
_refine.solvent_model_param_bsol                 ? 
_refine.pdbx_solvent_vdw_probe_radii             1.40 
_refine.pdbx_solvent_ion_probe_radii             0.80 
_refine.pdbx_solvent_shrinkage_radii             0.80 
_refine.pdbx_ls_cross_valid_method               THROUGHOUT 
_refine.details                                  'HYDROGENS HAVE BEEN ADDED IN THE RIDING POSITIONS' 
_refine.pdbx_starting_model                      'PDB ENTRY 1SKG' 
_refine.pdbx_method_to_determine_struct          'MOLECULAR REPLACEMENT' 
_refine.pdbx_isotropic_thermal_model             ? 
_refine.pdbx_stereochemistry_target_values       'MAXIMUM LIKELIHOOD' 
_refine.pdbx_stereochem_target_val_spec_case     ? 
_refine.pdbx_R_Free_selection_details            RANDOM 
_refine.pdbx_overall_ESU_R                       0.047 
_refine.pdbx_overall_ESU_R_Free                  0.049 
_refine.overall_SU_ML                            0.041 
_refine.overall_SU_B                             0.917 
_refine.ls_redundancy_reflns_obs                 ? 
_refine.B_iso_min                                ? 
_refine.B_iso_max                                ? 
_refine.overall_SU_R_Cruickshank_DPI             ? 
_refine.overall_SU_R_free                        ? 
_refine.ls_wR_factor_R_free                      ? 
_refine.ls_wR_factor_R_work                      ? 
_refine.overall_FOM_free_R_set                   ? 
_refine.overall_FOM_work_R_set                   ? 
_refine.pdbx_refine_id                           'X-RAY DIFFRACTION' 
_refine.pdbx_overall_phase_error                 ? 
_refine.pdbx_diffrn_id                           1 
_refine.pdbx_TLS_residual_ADP_flag               ? 
_refine.pdbx_overall_SU_R_free_Cruickshank_DPI   ? 
_refine.pdbx_overall_SU_R_Blow_DPI               ? 
_refine.pdbx_overall_SU_R_free_Blow_DPI          ? 
# 
_refine_hist.pdbx_refine_id                   'X-RAY DIFFRACTION' 
_refine_hist.cycle_id                         LAST 
_refine_hist.pdbx_number_atoms_protein        984 
_refine_hist.pdbx_number_atoms_nucleic_acid   0 
_refine_hist.pdbx_number_atoms_ligand         15 
_refine_hist.number_atoms_solvent             199 
_refine_hist.number_atoms_total               1198 
_refine_hist.d_res_high                       1.25 
_refine_hist.d_res_low                        29.36 
# 
loop_
_refine_ls_restr.type 
_refine_ls_restr.dev_ideal 
_refine_ls_restr.dev_ideal_target 
_refine_ls_restr.weight 
_refine_ls_restr.number 
_refine_ls_restr.pdbx_refine_id 
_refine_ls_restr.pdbx_restraint_function 
r_bond_refined_d             0.010  0.021  ? 1015 'X-RAY DIFFRACTION' ? 
r_bond_other_d               0.002  0.020  ? 857  'X-RAY DIFFRACTION' ? 
r_angle_refined_deg          1.856  2.012  ? 1352 'X-RAY DIFFRACTION' ? 
r_angle_other_deg            1.037  3.000  ? 2019 'X-RAY DIFFRACTION' ? 
r_dihedral_angle_1_deg       5.099  3.000  ? 116  'X-RAY DIFFRACTION' ? 
r_dihedral_angle_2_deg       ?      ?      ? ?    'X-RAY DIFFRACTION' ? 
r_dihedral_angle_3_deg       18.209 15.000 ? 192  'X-RAY DIFFRACTION' ? 
r_dihedral_angle_4_deg       ?      ?      ? ?    'X-RAY DIFFRACTION' ? 
r_chiral_restr               0.137  0.200  ? 137  'X-RAY DIFFRACTION' ? 
r_gen_planes_refined         0.010  0.020  ? 1062 'X-RAY DIFFRACTION' ? 
r_gen_planes_other           0.005  0.020  ? 203  'X-RAY DIFFRACTION' ? 
r_nbd_refined                0.435  0.300  ? 283  'X-RAY DIFFRACTION' ? 
r_nbd_other                  0.224  0.300  ? 814  'X-RAY DIFFRACTION' ? 
r_nbtor_refined              ?      ?      ? ?    'X-RAY DIFFRACTION' ? 
r_nbtor_other                ?      ?      ? ?    'X-RAY DIFFRACTION' ? 
r_xyhbond_nbd_refined        0.182  0.500  ? 135  'X-RAY DIFFRACTION' ? 
r_xyhbond_nbd_other          0.148  0.500  ? 3    'X-RAY DIFFRACTION' ? 
r_metal_ion_refined          ?      ?      ? ?    'X-RAY DIFFRACTION' ? 
r_metal_ion_other            ?      ?      ? ?    'X-RAY DIFFRACTION' ? 
r_symmetry_vdw_refined       0.483  0.300  ? 19   'X-RAY DIFFRACTION' ? 
r_symmetry_vdw_other         0.378  0.300  ? 54   'X-RAY DIFFRACTION' ? 
r_symmetry_hbond_refined     0.476  0.500  ? 36   'X-RAY DIFFRACTION' ? 
r_symmetry_hbond_other       ?      ?      ? ?    'X-RAY DIFFRACTION' ? 
r_symmetry_metal_ion_refined ?      ?      ? ?    'X-RAY DIFFRACTION' ? 
r_symmetry_metal_ion_other   ?      ?      ? ?    'X-RAY DIFFRACTION' ? 
r_mcbond_it                  0.660  1.500  ? 614  'X-RAY DIFFRACTION' ? 
r_mcbond_other               ?      ?      ? ?    'X-RAY DIFFRACTION' ? 
r_mcangle_it                 1.227  2.000  ? 965  'X-RAY DIFFRACTION' ? 
r_scbond_it                  1.486  3.000  ? 401  'X-RAY DIFFRACTION' ? 
r_scangle_it                 2.329  4.500  ? 387  'X-RAY DIFFRACTION' ? 
r_rigid_bond_restr           ?      ?      ? ?    'X-RAY DIFFRACTION' ? 
r_sphericity_free            ?      ?      ? ?    'X-RAY DIFFRACTION' ? 
r_sphericity_bonded          ?      ?      ? ?    'X-RAY DIFFRACTION' ? 
# 
_refine_ls_shell.pdbx_total_number_of_bins_used   20 
_refine_ls_shell.d_res_high                       1.25 
_refine_ls_shell.d_res_low                        1.28 
_refine_ls_shell.number_reflns_R_work             2587 
_refine_ls_shell.R_factor_R_work                  0.2350 
_refine_ls_shell.percent_reflns_obs               ? 
_refine_ls_shell.R_factor_R_free                  0.2310 
_refine_ls_shell.R_factor_R_free_error            ? 
_refine_ls_shell.percent_reflns_R_free            ? 
_refine_ls_shell.number_reflns_R_free             74 
_refine_ls_shell.number_reflns_all                ? 
_refine_ls_shell.R_factor_all                     ? 
_refine_ls_shell.number_reflns_obs                ? 
_refine_ls_shell.redundancy_reflns_obs            ? 
_refine_ls_shell.pdbx_refine_id                   'X-RAY DIFFRACTION' 
# 
_struct.entry_id                  3G8F 
_struct.title                     
;Crystal structure of the complex formed between a group II phospholipase A2 and designed peptide inhibitor carbobenzoxy-dehydro-val-ala-arg-ser at 1.2 A resolution
;
_struct.pdbx_model_details        ? 
_struct.pdbx_CASP_flag            ? 
_struct.pdbx_model_type_details   ? 
# 
_struct_keywords.entry_id        3G8F 
_struct_keywords.pdbx_keywords   'HYDROLASE/HYDROLASE INHIBITOR' 
_struct_keywords.text            'PHOSPHOLIPASE A2, CRYSTAL STRUCTRE, HYDROLASE-HYDROLASE INHIBITOR complex' 
# 
loop_
_struct_asym.id 
_struct_asym.pdbx_blank_PDB_chainid_flag 
_struct_asym.pdbx_modified 
_struct_asym.entity_id 
_struct_asym.details 
A N N 1 ? 
B N N 2 ? 
C N N 3 ? 
D N N 3 ? 
E N N 3 ? 
F N N 4 ? 
G N N 4 ? 
# 
loop_
_struct_ref.id 
_struct_ref.db_name 
_struct_ref.db_code 
_struct_ref.pdbx_db_accession 
_struct_ref.entity_id 
_struct_ref.pdbx_seq_one_letter_code 
_struct_ref.pdbx_align_begin 
_struct_ref.pdbx_db_isoform 
1 UNP PA28_DABRR P59071 1 
;SLLEFGKMILEETGKLAIPSYSSYGCYCGWGGKGTPKDATDRCCFVHDCCYGNLPDCNPKSDRYKYKRVNGAIVCEKGTS
CENRICECDKAAAICFRQNLNTYSKKYMLYPDFLCKGELKC
;
1 ? 
2 PDB 3G8F       3G8F   2 ? ? ? 
# 
loop_
_struct_ref_seq.align_id 
_struct_ref_seq.ref_id 
_struct_ref_seq.pdbx_PDB_id_code 
_struct_ref_seq.pdbx_strand_id 
_struct_ref_seq.seq_align_beg 
_struct_ref_seq.pdbx_seq_align_beg_ins_code 
_struct_ref_seq.seq_align_end 
_struct_ref_seq.pdbx_seq_align_end_ins_code 
_struct_ref_seq.pdbx_db_accession 
_struct_ref_seq.db_align_beg 
_struct_ref_seq.pdbx_db_align_beg_ins_code 
_struct_ref_seq.db_align_end 
_struct_ref_seq.pdbx_db_align_end_ins_code 
_struct_ref_seq.pdbx_auth_seq_align_beg 
_struct_ref_seq.pdbx_auth_seq_align_end 
1 1 3G8F A 1 ? 121 ? P59071 1   ? 121 ? 1   133 
2 2 3G8F B 1 ? 5   ? 3G8F   134 ? 138 ? 134 138 
# 
_pdbx_struct_assembly.id                   1 
_pdbx_struct_assembly.details              author_and_software_defined_assembly 
_pdbx_struct_assembly.method_details       PISA 
_pdbx_struct_assembly.oligomeric_details   dimeric 
_pdbx_struct_assembly.oligomeric_count     2 
# 
_pdbx_struct_assembly_gen.assembly_id       1 
_pdbx_struct_assembly_gen.oper_expression   1 
_pdbx_struct_assembly_gen.asym_id_list      A,B,C,D,E,F,G 
# 
_pdbx_struct_oper_list.id                   1 
_pdbx_struct_oper_list.type                 'identity operation' 
_pdbx_struct_oper_list.name                 1_555 
_pdbx_struct_oper_list.symmetry_operation   x,y,z 
_pdbx_struct_oper_list.matrix[1][1]         1.0000000000 
_pdbx_struct_oper_list.matrix[1][2]         0.0000000000 
_pdbx_struct_oper_list.matrix[1][3]         0.0000000000 
_pdbx_struct_oper_list.vector[1]            0.0000000000 
_pdbx_struct_oper_list.matrix[2][1]         0.0000000000 
_pdbx_struct_oper_list.matrix[2][2]         1.0000000000 
_pdbx_struct_oper_list.matrix[2][3]         0.0000000000 
_pdbx_struct_oper_list.vector[2]            0.0000000000 
_pdbx_struct_oper_list.matrix[3][1]         0.0000000000 
_pdbx_struct_oper_list.matrix[3][2]         0.0000000000 
_pdbx_struct_oper_list.matrix[3][3]         1.0000000000 
_pdbx_struct_oper_list.vector[3]            0.0000000000 
# 
_struct_biol.id        1 
_struct_biol.details   ? 
# 
loop_
_struct_conf.conf_type_id 
_struct_conf.id 
_struct_conf.pdbx_PDB_helix_id 
_struct_conf.beg_label_comp_id 
_struct_conf.beg_label_asym_id 
_struct_conf.beg_label_seq_id 
_struct_conf.pdbx_beg_PDB_ins_code 
_struct_conf.end_label_comp_id 
_struct_conf.end_label_asym_id 
_struct_conf.end_label_seq_id 
_struct_conf.pdbx_end_PDB_ins_code 
_struct_conf.beg_auth_comp_id 
_struct_conf.beg_auth_asym_id 
_struct_conf.beg_auth_seq_id 
_struct_conf.end_auth_comp_id 
_struct_conf.end_auth_asym_id 
_struct_conf.end_auth_seq_id 
_struct_conf.pdbx_PDB_helix_class 
_struct_conf.details 
_struct_conf.pdbx_PDB_helix_length 
HELX_P HELX_P1 1 SER A 1   ? GLY A 14  ? SER A 1   GLY A 14  1 ? 14 
HELX_P HELX_P2 2 LEU A 16  ? TYR A 21  ? LEU A 17  TYR A 22  1 ? 6  
HELX_P HELX_P3 3 ASP A 38  ? ASN A 53  ? ASP A 39  ASN A 54  1 ? 16 
HELX_P HELX_P4 4 THR A 79  ? ASN A 99  ? THR A 89  ASN A 109 1 ? 21 
HELX_P HELX_P5 5 LEU A 100 ? TYR A 103 ? LEU A 110 TYR A 113 5 ? 4  
HELX_P HELX_P6 6 SER A 104 ? MET A 108 ? SER A 114 MET A 118 5 ? 5  
HELX_P HELX_P7 7 PRO A 111 ? CYS A 115 ? PRO A 121 CYS A 126 5 ? 5  
# 
_struct_conf_type.id          HELX_P 
_struct_conf_type.criteria    ? 
_struct_conf_type.reference   ? 
# 
loop_
_struct_conn.id 
_struct_conn.conn_type_id 
_struct_conn.pdbx_leaving_atom_flag 
_struct_conn.pdbx_PDB_id 
_struct_conn.ptnr1_label_asym_id 
_struct_conn.ptnr1_label_comp_id 
_struct_conn.ptnr1_label_seq_id 
_struct_conn.ptnr1_label_atom_id 
_struct_conn.pdbx_ptnr1_label_alt_id 
_struct_conn.pdbx_ptnr1_PDB_ins_code 
_struct_conn.pdbx_ptnr1_standard_comp_id 
_struct_conn.ptnr1_symmetry 
_struct_conn.ptnr2_label_asym_id 
_struct_conn.ptnr2_label_comp_id 
_struct_conn.ptnr2_label_seq_id 
_struct_conn.ptnr2_label_atom_id 
_struct_conn.pdbx_ptnr2_label_alt_id 
_struct_conn.pdbx_ptnr2_PDB_ins_code 
_struct_conn.ptnr1_auth_asym_id 
_struct_conn.ptnr1_auth_comp_id 
_struct_conn.ptnr1_auth_seq_id 
_struct_conn.ptnr2_auth_asym_id 
_struct_conn.ptnr2_auth_comp_id 
_struct_conn.ptnr2_auth_seq_id 
_struct_conn.ptnr2_symmetry 
_struct_conn.pdbx_ptnr3_label_atom_id 
_struct_conn.pdbx_ptnr3_label_seq_id 
_struct_conn.pdbx_ptnr3_label_comp_id 
_struct_conn.pdbx_ptnr3_label_asym_id 
_struct_conn.pdbx_ptnr3_label_alt_id 
_struct_conn.pdbx_ptnr3_PDB_ins_code 
_struct_conn.details 
_struct_conn.pdbx_dist_value 
_struct_conn.pdbx_value_order 
_struct_conn.pdbx_role 
disulf1 disulf ?    ? A CYS 26 SG ? ? ? 1_555 A CYS 115 SG ? ? A CYS 27  A CYS 126 1_555 ? ? ? ? ? ? ? 1.867 ? ? 
disulf2 disulf ?    ? A CYS 28 SG ? ? ? 1_555 A CYS 44  SG ? ? A CYS 29  A CYS 45  1_555 ? ? ? ? ? ? ? 2.038 ? ? 
disulf3 disulf ?    ? A CYS 43 SG ? ? ? 1_555 A CYS 95  SG ? ? A CYS 44  A CYS 105 1_555 ? ? ? ? ? ? ? 2.043 ? ? 
disulf4 disulf ?    ? A CYS 49 SG ? ? ? 1_555 A CYS 121 SG ? ? A CYS 50  A CYS 133 1_555 ? ? ? ? ? ? ? 2.028 ? ? 
disulf5 disulf ?    ? A CYS 50 SG ? ? ? 1_555 A CYS 88  SG ? ? A CYS 51  A CYS 98  1_555 ? ? ? ? ? ? ? 2.051 ? ? 
disulf6 disulf ?    ? A CYS 57 SG ? ? ? 1_555 A CYS 81  SG ? ? A CYS 61  A CYS 91  1_555 ? ? ? ? ? ? ? 2.046 ? ? 
disulf7 disulf ?    ? A CYS 75 SG ? ? ? 1_555 A CYS 86  SG ? ? A CYS 84  A CYS 96  1_555 ? ? ? ? ? ? ? 2.049 ? ? 
covale1 covale both ? B PHQ 1  C1 ? ? ? 1_555 B VAL 2   N  ? ? B PHQ 134 B VAL 135 1_555 ? ? ? ? ? ? ? 1.443 ? ? 
# 
loop_
_struct_conn_type.id 
_struct_conn_type.criteria 
_struct_conn_type.reference 
disulf ? ? 
covale ? ? 
# 
loop_
_pdbx_modification_feature.ordinal 
_pdbx_modification_feature.label_comp_id 
_pdbx_modification_feature.label_asym_id 
_pdbx_modification_feature.label_seq_id 
_pdbx_modification_feature.label_alt_id 
_pdbx_modification_feature.modified_residue_label_comp_id 
_pdbx_modification_feature.modified_residue_label_asym_id 
_pdbx_modification_feature.modified_residue_label_seq_id 
_pdbx_modification_feature.modified_residue_label_alt_id 
_pdbx_modification_feature.auth_comp_id 
_pdbx_modification_feature.auth_asym_id 
_pdbx_modification_feature.auth_seq_id 
_pdbx_modification_feature.PDB_ins_code 
_pdbx_modification_feature.symmetry 
_pdbx_modification_feature.modified_residue_auth_comp_id 
_pdbx_modification_feature.modified_residue_auth_asym_id 
_pdbx_modification_feature.modified_residue_auth_seq_id 
_pdbx_modification_feature.modified_residue_PDB_ins_code 
_pdbx_modification_feature.modified_residue_symmetry 
_pdbx_modification_feature.comp_id_linking_atom 
_pdbx_modification_feature.modified_residue_id_linking_atom 
_pdbx_modification_feature.modified_residue_id 
_pdbx_modification_feature.ref_pcm_id 
_pdbx_modification_feature.ref_comp_id 
_pdbx_modification_feature.type 
_pdbx_modification_feature.category 
1 PHQ B 1  ? .   . .   . PHQ B 134 ? 1_555 .   . .   . .     .  .  ? 1 PHQ None 'Non-standard residue' 
2 CYS A 26 ? CYS A 115 ? CYS A 27  ? 1_555 CYS A 126 ? 1_555 SG SG . . .   None 'Disulfide bridge'     
3 CYS A 28 ? CYS A 44  ? CYS A 29  ? 1_555 CYS A 45  ? 1_555 SG SG . . .   None 'Disulfide bridge'     
4 CYS A 43 ? CYS A 95  ? CYS A 44  ? 1_555 CYS A 105 ? 1_555 SG SG . . .   None 'Disulfide bridge'     
5 CYS A 49 ? CYS A 121 ? CYS A 50  ? 1_555 CYS A 133 ? 1_555 SG SG . . .   None 'Disulfide bridge'     
6 CYS A 50 ? CYS A 88  ? CYS A 51  ? 1_555 CYS A 98  ? 1_555 SG SG . . .   None 'Disulfide bridge'     
7 CYS A 57 ? CYS A 81  ? CYS A 61  ? 1_555 CYS A 91  ? 1_555 SG SG . . .   None 'Disulfide bridge'     
8 CYS A 75 ? CYS A 86  ? CYS A 84  ? 1_555 CYS A 96  ? 1_555 SG SG . . .   None 'Disulfide bridge'     
# 
_struct_mon_prot_cis.pdbx_id                1 
_struct_mon_prot_cis.label_comp_id          ILE 
_struct_mon_prot_cis.label_seq_id           18 
_struct_mon_prot_cis.label_asym_id          A 
_struct_mon_prot_cis.label_alt_id           . 
_struct_mon_prot_cis.pdbx_PDB_ins_code      ? 
_struct_mon_prot_cis.auth_comp_id           ILE 
_struct_mon_prot_cis.auth_seq_id            19 
_struct_mon_prot_cis.auth_asym_id           A 
_struct_mon_prot_cis.pdbx_label_comp_id_2   PRO 
_struct_mon_prot_cis.pdbx_label_seq_id_2    19 
_struct_mon_prot_cis.pdbx_label_asym_id_2   A 
_struct_mon_prot_cis.pdbx_PDB_ins_code_2    ? 
_struct_mon_prot_cis.pdbx_auth_comp_id_2    PRO 
_struct_mon_prot_cis.pdbx_auth_seq_id_2     20 
_struct_mon_prot_cis.pdbx_auth_asym_id_2    A 
_struct_mon_prot_cis.pdbx_PDB_model_num     1 
_struct_mon_prot_cis.pdbx_omega_angle       4.92 
# 
_struct_sheet.id               A 
_struct_sheet.type             ? 
_struct_sheet.number_strands   2 
_struct_sheet.details          ? 
# 
_struct_sheet_order.sheet_id     A 
_struct_sheet_order.range_id_1   1 
_struct_sheet_order.range_id_2   2 
_struct_sheet_order.offset       ? 
_struct_sheet_order.sense        anti-parallel 
# 
loop_
_struct_sheet_range.sheet_id 
_struct_sheet_range.id 
_struct_sheet_range.beg_label_comp_id 
_struct_sheet_range.beg_label_asym_id 
_struct_sheet_range.beg_label_seq_id 
_struct_sheet_range.pdbx_beg_PDB_ins_code 
_struct_sheet_range.end_label_comp_id 
_struct_sheet_range.end_label_asym_id 
_struct_sheet_range.end_label_seq_id 
_struct_sheet_range.pdbx_end_PDB_ins_code 
_struct_sheet_range.beg_auth_comp_id 
_struct_sheet_range.beg_auth_asym_id 
_struct_sheet_range.beg_auth_seq_id 
_struct_sheet_range.end_auth_comp_id 
_struct_sheet_range.end_auth_asym_id 
_struct_sheet_range.end_auth_seq_id 
A 1 TYR A 66 ? VAL A 69 ? TYR A 75 VAL A 78 
A 2 ALA A 72 ? CYS A 75 ? ALA A 81 CYS A 84 
# 
_pdbx_struct_sheet_hbond.sheet_id                A 
_pdbx_struct_sheet_hbond.range_id_1              1 
_pdbx_struct_sheet_hbond.range_id_2              2 
_pdbx_struct_sheet_hbond.range_1_label_atom_id   N 
_pdbx_struct_sheet_hbond.range_1_label_comp_id   LYS 
_pdbx_struct_sheet_hbond.range_1_label_asym_id   A 
_pdbx_struct_sheet_hbond.range_1_label_seq_id    67 
_pdbx_struct_sheet_hbond.range_1_PDB_ins_code    ? 
_pdbx_struct_sheet_hbond.range_1_auth_atom_id    N 
_pdbx_struct_sheet_hbond.range_1_auth_comp_id    LYS 
_pdbx_struct_sheet_hbond.range_1_auth_asym_id    A 
_pdbx_struct_sheet_hbond.range_1_auth_seq_id     76 
_pdbx_struct_sheet_hbond.range_2_label_atom_id   O 
_pdbx_struct_sheet_hbond.range_2_label_comp_id   VAL 
_pdbx_struct_sheet_hbond.range_2_label_asym_id   A 
_pdbx_struct_sheet_hbond.range_2_label_seq_id    74 
_pdbx_struct_sheet_hbond.range_2_PDB_ins_code    ? 
_pdbx_struct_sheet_hbond.range_2_auth_atom_id    O 
_pdbx_struct_sheet_hbond.range_2_auth_comp_id    VAL 
_pdbx_struct_sheet_hbond.range_2_auth_asym_id    A 
_pdbx_struct_sheet_hbond.range_2_auth_seq_id     83 
# 
loop_
_struct_site.id 
_struct_site.pdbx_evidence_code 
_struct_site.pdbx_auth_asym_id 
_struct_site.pdbx_auth_comp_id 
_struct_site.pdbx_auth_seq_id 
_struct_site.pdbx_auth_ins_code 
_struct_site.pdbx_num_residues 
_struct_site.details 
AC1 Software A SO4 135 ? 3  'BINDING SITE FOR RESIDUE SO4 A 135'                      
AC2 Software A SO4 136 ? 7  'BINDING SITE FOR RESIDUE SO4 A 136'                      
AC3 Software A SO4 137 ? 3  'BINDING SITE FOR RESIDUE SO4 A 137'                      
AC4 Software ? ?   ?   ? 17 'BINDING SITE FOR CHAIN B OF PHQ VAL ALA ARG SER PEPTIDE' 
# 
loop_
_struct_site_gen.id 
_struct_site_gen.site_id 
_struct_site_gen.pdbx_num_res 
_struct_site_gen.label_comp_id 
_struct_site_gen.label_asym_id 
_struct_site_gen.label_seq_id 
_struct_site_gen.pdbx_auth_ins_code 
_struct_site_gen.auth_comp_id 
_struct_site_gen.auth_asym_id 
_struct_site_gen.auth_seq_id 
_struct_site_gen.label_atom_id 
_struct_site_gen.label_alt_id 
_struct_site_gen.symmetry 
_struct_site_gen.details 
1  AC1 3  ARG A 42  ? ARG A 43   . ? 1_555 ? 
2  AC1 3  HOH F .   ? HOH A 1084 . ? 1_555 ? 
3  AC1 3  HOH F .   ? HOH A 1094 . ? 1_555 ? 
4  AC2 7  GLU A 4   ? GLU A 4    . ? 1_555 ? 
5  AC2 7  ARG A 63  ? ARG A 72   . ? 1_555 ? 
6  AC2 7  LYS A 65  ? LYS A 74   . ? 1_555 ? 
7  AC2 7  HOH F .   ? HOH A 1061 . ? 1_555 ? 
8  AC2 7  HOH F .   ? HOH A 1070 . ? 3_654 ? 
9  AC2 7  HOH F .   ? HOH A 1075 . ? 1_555 ? 
10 AC2 7  HOH F .   ? HOH A 1097 . ? 1_555 ? 
11 AC3 3  SER A 104 ? SER A 114  . ? 1_555 ? 
12 AC3 3  LYS A 105 ? LYS A 115  . ? 1_555 ? 
13 AC3 3  LYS A 120 ? LYS A 131  . ? 4_465 ? 
14 AC4 17 LEU A 2   ? LEU A 2    . ? 1_555 ? 
15 AC4 17 GLY A 29  ? GLY A 30   . ? 1_555 ? 
16 AC4 17 TRP A 30  ? TRP A 31   . ? 1_555 ? 
17 AC4 17 HIS A 47  ? HIS A 48   . ? 1_555 ? 
18 AC4 17 ASP A 48  ? ASP A 49   . ? 1_555 ? 
19 AC4 17 TYR A 51  ? TYR A 52   . ? 1_555 ? 
20 AC4 17 LYS A 60  ? LYS A 69   . ? 1_555 ? 
21 AC4 17 ASN A 101 ? ASN A 111  . ? 2_564 ? 
22 AC4 17 THR A 102 ? THR A 112  . ? 2_564 ? 
23 AC4 17 HOH F .   ? HOH A 1144 . ? 1_555 ? 
24 AC4 17 HOH F .   ? HOH A 1162 . ? 1_555 ? 
25 AC4 17 HOH F .   ? HOH A 1171 . ? 2_564 ? 
26 AC4 17 HOH F .   ? HOH A 1176 . ? 1_555 ? 
27 AC4 17 HOH F .   ? HOH A 1186 . ? 1_555 ? 
28 AC4 17 HOH G .   ? HOH B 1122 . ? 1_555 ? 
29 AC4 17 HOH G .   ? HOH B 1163 . ? 1_555 ? 
30 AC4 17 HOH G .   ? HOH B 1200 . ? 1_555 ? 
# 
_pdbx_entry_details.entry_id                   3G8F 
_pdbx_entry_details.compound_details           ? 
_pdbx_entry_details.source_details             ? 
_pdbx_entry_details.nonpolymer_details         ? 
_pdbx_entry_details.sequence_details           ? 
_pdbx_entry_details.has_ligand_of_interest     ? 
_pdbx_entry_details.has_protein_modification   Y 
# 
_pdbx_validate_rmsd_angle.id                         1 
_pdbx_validate_rmsd_angle.PDB_model_num              1 
_pdbx_validate_rmsd_angle.auth_atom_id_1             N 
_pdbx_validate_rmsd_angle.auth_asym_id_1             B 
_pdbx_validate_rmsd_angle.auth_comp_id_1             VAL 
_pdbx_validate_rmsd_angle.auth_seq_id_1              135 
_pdbx_validate_rmsd_angle.PDB_ins_code_1             ? 
_pdbx_validate_rmsd_angle.label_alt_id_1             ? 
_pdbx_validate_rmsd_angle.auth_atom_id_2             CA 
_pdbx_validate_rmsd_angle.auth_asym_id_2             B 
_pdbx_validate_rmsd_angle.auth_comp_id_2             VAL 
_pdbx_validate_rmsd_angle.auth_seq_id_2              135 
_pdbx_validate_rmsd_angle.PDB_ins_code_2             ? 
_pdbx_validate_rmsd_angle.label_alt_id_2             ? 
_pdbx_validate_rmsd_angle.auth_atom_id_3             C 
_pdbx_validate_rmsd_angle.auth_asym_id_3             B 
_pdbx_validate_rmsd_angle.auth_comp_id_3             VAL 
_pdbx_validate_rmsd_angle.auth_seq_id_3              135 
_pdbx_validate_rmsd_angle.PDB_ins_code_3             ? 
_pdbx_validate_rmsd_angle.label_alt_id_3             ? 
_pdbx_validate_rmsd_angle.angle_value                129.09 
_pdbx_validate_rmsd_angle.angle_target_value         111.00 
_pdbx_validate_rmsd_angle.angle_deviation            18.09 
_pdbx_validate_rmsd_angle.angle_standard_deviation   2.70 
_pdbx_validate_rmsd_angle.linker_flag                N 
# 
loop_
_pdbx_validate_torsion.id 
_pdbx_validate_torsion.PDB_model_num 
_pdbx_validate_torsion.auth_comp_id 
_pdbx_validate_torsion.auth_asym_id 
_pdbx_validate_torsion.auth_seq_id 
_pdbx_validate_torsion.PDB_ins_code 
_pdbx_validate_torsion.label_alt_id 
_pdbx_validate_torsion.phi 
_pdbx_validate_torsion.psi 
1 1 SER A 24  ? ? -147.16 30.76  
2 1 TRP A 31  ? ? -167.25 48.02  
3 1 ASN A 79  ? ? 30.61   68.47  
4 1 ARG B 137 ? ? 62.19   -27.45 
# 
_pdbx_validate_chiral.id              1 
_pdbx_validate_chiral.PDB_model_num   1 
_pdbx_validate_chiral.auth_atom_id    CA 
_pdbx_validate_chiral.label_alt_id    ? 
_pdbx_validate_chiral.auth_asym_id    B 
_pdbx_validate_chiral.auth_comp_id    VAL 
_pdbx_validate_chiral.auth_seq_id     135 
_pdbx_validate_chiral.PDB_ins_code    ? 
_pdbx_validate_chiral.details         PLANAR 
_pdbx_validate_chiral.omega           . 
# 
_pdbx_molecule_features.prd_id    PRD_000339 
_pdbx_molecule_features.name      CARBOBENZOXY-DEHYDRO-VAL-ALA-ARG-SER 
_pdbx_molecule_features.type      Peptide-like 
_pdbx_molecule_features.class     Inhibitor 
_pdbx_molecule_features.details   ? 
# 
_pdbx_molecule.instance_id   1 
_pdbx_molecule.prd_id        PRD_000339 
_pdbx_molecule.asym_id       B 
# 
loop_
_chem_comp_atom.comp_id 
_chem_comp_atom.atom_id 
_chem_comp_atom.type_symbol 
_chem_comp_atom.pdbx_aromatic_flag 
_chem_comp_atom.pdbx_stereo_config 
_chem_comp_atom.pdbx_ordinal 
ALA N    N  N N 1   
ALA CA   C  N S 2   
ALA C    C  N N 3   
ALA O    O  N N 4   
ALA CB   C  N N 5   
ALA OXT  O  N N 6   
ALA H    H  N N 7   
ALA H2   H  N N 8   
ALA HA   H  N N 9   
ALA HB1  H  N N 10  
ALA HB2  H  N N 11  
ALA HB3  H  N N 12  
ALA HXT  H  N N 13  
ARG N    N  N N 14  
ARG CA   C  N S 15  
ARG C    C  N N 16  
ARG O    O  N N 17  
ARG CB   C  N N 18  
ARG CG   C  N N 19  
ARG CD   C  N N 20  
ARG NE   N  N N 21  
ARG CZ   C  N N 22  
ARG NH1  N  N N 23  
ARG NH2  N  N N 24  
ARG OXT  O  N N 25  
ARG H    H  N N 26  
ARG H2   H  N N 27  
ARG HA   H  N N 28  
ARG HB2  H  N N 29  
ARG HB3  H  N N 30  
ARG HG2  H  N N 31  
ARG HG3  H  N N 32  
ARG HD2  H  N N 33  
ARG HD3  H  N N 34  
ARG HE   H  N N 35  
ARG HH11 H  N N 36  
ARG HH12 H  N N 37  
ARG HH21 H  N N 38  
ARG HH22 H  N N 39  
ARG HXT  H  N N 40  
ASN N    N  N N 41  
ASN CA   C  N S 42  
ASN C    C  N N 43  
ASN O    O  N N 44  
ASN CB   C  N N 45  
ASN CG   C  N N 46  
ASN OD1  O  N N 47  
ASN ND2  N  N N 48  
ASN OXT  O  N N 49  
ASN H    H  N N 50  
ASN H2   H  N N 51  
ASN HA   H  N N 52  
ASN HB2  H  N N 53  
ASN HB3  H  N N 54  
ASN HD21 H  N N 55  
ASN HD22 H  N N 56  
ASN HXT  H  N N 57  
ASP N    N  N N 58  
ASP CA   C  N S 59  
ASP C    C  N N 60  
ASP O    O  N N 61  
ASP CB   C  N N 62  
ASP CG   C  N N 63  
ASP OD1  O  N N 64  
ASP OD2  O  N N 65  
ASP OXT  O  N N 66  
ASP H    H  N N 67  
ASP H2   H  N N 68  
ASP HA   H  N N 69  
ASP HB2  H  N N 70  
ASP HB3  H  N N 71  
ASP HD2  H  N N 72  
ASP HXT  H  N N 73  
CYS N    N  N N 74  
CYS CA   C  N R 75  
CYS C    C  N N 76  
CYS O    O  N N 77  
CYS CB   C  N N 78  
CYS SG   S  N N 79  
CYS OXT  O  N N 80  
CYS H    H  N N 81  
CYS H2   H  N N 82  
CYS HA   H  N N 83  
CYS HB2  H  N N 84  
CYS HB3  H  N N 85  
CYS HG   H  N N 86  
CYS HXT  H  N N 87  
GLN N    N  N N 88  
GLN CA   C  N S 89  
GLN C    C  N N 90  
GLN O    O  N N 91  
GLN CB   C  N N 92  
GLN CG   C  N N 93  
GLN CD   C  N N 94  
GLN OE1  O  N N 95  
GLN NE2  N  N N 96  
GLN OXT  O  N N 97  
GLN H    H  N N 98  
GLN H2   H  N N 99  
GLN HA   H  N N 100 
GLN HB2  H  N N 101 
GLN HB3  H  N N 102 
GLN HG2  H  N N 103 
GLN HG3  H  N N 104 
GLN HE21 H  N N 105 
GLN HE22 H  N N 106 
GLN HXT  H  N N 107 
GLU N    N  N N 108 
GLU CA   C  N S 109 
GLU C    C  N N 110 
GLU O    O  N N 111 
GLU CB   C  N N 112 
GLU CG   C  N N 113 
GLU CD   C  N N 114 
GLU OE1  O  N N 115 
GLU OE2  O  N N 116 
GLU OXT  O  N N 117 
GLU H    H  N N 118 
GLU H2   H  N N 119 
GLU HA   H  N N 120 
GLU HB2  H  N N 121 
GLU HB3  H  N N 122 
GLU HG2  H  N N 123 
GLU HG3  H  N N 124 
GLU HE2  H  N N 125 
GLU HXT  H  N N 126 
GLY N    N  N N 127 
GLY CA   C  N N 128 
GLY C    C  N N 129 
GLY O    O  N N 130 
GLY OXT  O  N N 131 
GLY H    H  N N 132 
GLY H2   H  N N 133 
GLY HA2  H  N N 134 
GLY HA3  H  N N 135 
GLY HXT  H  N N 136 
HIS N    N  N N 137 
HIS CA   C  N S 138 
HIS C    C  N N 139 
HIS O    O  N N 140 
HIS CB   C  N N 141 
HIS CG   C  Y N 142 
HIS ND1  N  Y N 143 
HIS CD2  C  Y N 144 
HIS CE1  C  Y N 145 
HIS NE2  N  Y N 146 
HIS OXT  O  N N 147 
HIS H    H  N N 148 
HIS H2   H  N N 149 
HIS HA   H  N N 150 
HIS HB2  H  N N 151 
HIS HB3  H  N N 152 
HIS HD1  H  N N 153 
HIS HD2  H  N N 154 
HIS HE1  H  N N 155 
HIS HE2  H  N N 156 
HIS HXT  H  N N 157 
HOH O    O  N N 158 
HOH H1   H  N N 159 
HOH H2   H  N N 160 
ILE N    N  N N 161 
ILE CA   C  N S 162 
ILE C    C  N N 163 
ILE O    O  N N 164 
ILE CB   C  N S 165 
ILE CG1  C  N N 166 
ILE CG2  C  N N 167 
ILE CD1  C  N N 168 
ILE OXT  O  N N 169 
ILE H    H  N N 170 
ILE H2   H  N N 171 
ILE HA   H  N N 172 
ILE HB   H  N N 173 
ILE HG12 H  N N 174 
ILE HG13 H  N N 175 
ILE HG21 H  N N 176 
ILE HG22 H  N N 177 
ILE HG23 H  N N 178 
ILE HD11 H  N N 179 
ILE HD12 H  N N 180 
ILE HD13 H  N N 181 
ILE HXT  H  N N 182 
LEU N    N  N N 183 
LEU CA   C  N S 184 
LEU C    C  N N 185 
LEU O    O  N N 186 
LEU CB   C  N N 187 
LEU CG   C  N N 188 
LEU CD1  C  N N 189 
LEU CD2  C  N N 190 
LEU OXT  O  N N 191 
LEU H    H  N N 192 
LEU H2   H  N N 193 
LEU HA   H  N N 194 
LEU HB2  H  N N 195 
LEU HB3  H  N N 196 
LEU HG   H  N N 197 
LEU HD11 H  N N 198 
LEU HD12 H  N N 199 
LEU HD13 H  N N 200 
LEU HD21 H  N N 201 
LEU HD22 H  N N 202 
LEU HD23 H  N N 203 
LEU HXT  H  N N 204 
LYS N    N  N N 205 
LYS CA   C  N S 206 
LYS C    C  N N 207 
LYS O    O  N N 208 
LYS CB   C  N N 209 
LYS CG   C  N N 210 
LYS CD   C  N N 211 
LYS CE   C  N N 212 
LYS NZ   N  N N 213 
LYS OXT  O  N N 214 
LYS H    H  N N 215 
LYS H2   H  N N 216 
LYS HA   H  N N 217 
LYS HB2  H  N N 218 
LYS HB3  H  N N 219 
LYS HG2  H  N N 220 
LYS HG3  H  N N 221 
LYS HD2  H  N N 222 
LYS HD3  H  N N 223 
LYS HE2  H  N N 224 
LYS HE3  H  N N 225 
LYS HZ1  H  N N 226 
LYS HZ2  H  N N 227 
LYS HZ3  H  N N 228 
LYS HXT  H  N N 229 
MET N    N  N N 230 
MET CA   C  N S 231 
MET C    C  N N 232 
MET O    O  N N 233 
MET CB   C  N N 234 
MET CG   C  N N 235 
MET SD   S  N N 236 
MET CE   C  N N 237 
MET OXT  O  N N 238 
MET H    H  N N 239 
MET H2   H  N N 240 
MET HA   H  N N 241 
MET HB2  H  N N 242 
MET HB3  H  N N 243 
MET HG2  H  N N 244 
MET HG3  H  N N 245 
MET HE1  H  N N 246 
MET HE2  H  N N 247 
MET HE3  H  N N 248 
MET HXT  H  N N 249 
PHE N    N  N N 250 
PHE CA   C  N S 251 
PHE C    C  N N 252 
PHE O    O  N N 253 
PHE CB   C  N N 254 
PHE CG   C  Y N 255 
PHE CD1  C  Y N 256 
PHE CD2  C  Y N 257 
PHE CE1  C  Y N 258 
PHE CE2  C  Y N 259 
PHE CZ   C  Y N 260 
PHE OXT  O  N N 261 
PHE H    H  N N 262 
PHE H2   H  N N 263 
PHE HA   H  N N 264 
PHE HB2  H  N N 265 
PHE HB3  H  N N 266 
PHE HD1  H  N N 267 
PHE HD2  H  N N 268 
PHE HE1  H  N N 269 
PHE HE2  H  N N 270 
PHE HZ   H  N N 271 
PHE HXT  H  N N 272 
PHQ C1   C  N N 273 
PHQ O1   O  N N 274 
PHQ O2   O  N N 275 
PHQ C2   C  N N 276 
PHQ C3   C  Y N 277 
PHQ C4   C  Y N 278 
PHQ C5   C  Y N 279 
PHQ C6   C  Y N 280 
PHQ C7   C  Y N 281 
PHQ C8   C  Y N 282 
PHQ CL1  CL N N 283 
PHQ H21  H  N N 284 
PHQ H22  H  N N 285 
PHQ H41  H  N N 286 
PHQ H51  H  N N 287 
PHQ H61  H  N N 288 
PHQ H71  H  N N 289 
PHQ H81  H  N N 290 
PRO N    N  N N 291 
PRO CA   C  N S 292 
PRO C    C  N N 293 
PRO O    O  N N 294 
PRO CB   C  N N 295 
PRO CG   C  N N 296 
PRO CD   C  N N 297 
PRO OXT  O  N N 298 
PRO H    H  N N 299 
PRO HA   H  N N 300 
PRO HB2  H  N N 301 
PRO HB3  H  N N 302 
PRO HG2  H  N N 303 
PRO HG3  H  N N 304 
PRO HD2  H  N N 305 
PRO HD3  H  N N 306 
PRO HXT  H  N N 307 
SER N    N  N N 308 
SER CA   C  N S 309 
SER C    C  N N 310 
SER O    O  N N 311 
SER CB   C  N N 312 
SER OG   O  N N 313 
SER OXT  O  N N 314 
SER H    H  N N 315 
SER H2   H  N N 316 
SER HA   H  N N 317 
SER HB2  H  N N 318 
SER HB3  H  N N 319 
SER HG   H  N N 320 
SER HXT  H  N N 321 
SO4 S    S  N N 322 
SO4 O1   O  N N 323 
SO4 O2   O  N N 324 
SO4 O3   O  N N 325 
SO4 O4   O  N N 326 
THR N    N  N N 327 
THR CA   C  N S 328 
THR C    C  N N 329 
THR O    O  N N 330 
THR CB   C  N R 331 
THR OG1  O  N N 332 
THR CG2  C  N N 333 
THR OXT  O  N N 334 
THR H    H  N N 335 
THR H2   H  N N 336 
THR HA   H  N N 337 
THR HB   H  N N 338 
THR HG1  H  N N 339 
THR HG21 H  N N 340 
THR HG22 H  N N 341 
THR HG23 H  N N 342 
THR HXT  H  N N 343 
TRP N    N  N N 344 
TRP CA   C  N S 345 
TRP C    C  N N 346 
TRP O    O  N N 347 
TRP CB   C  N N 348 
TRP CG   C  Y N 349 
TRP CD1  C  Y N 350 
TRP CD2  C  Y N 351 
TRP NE1  N  Y N 352 
TRP CE2  C  Y N 353 
TRP CE3  C  Y N 354 
TRP CZ2  C  Y N 355 
TRP CZ3  C  Y N 356 
TRP CH2  C  Y N 357 
TRP OXT  O  N N 358 
TRP H    H  N N 359 
TRP H2   H  N N 360 
TRP HA   H  N N 361 
TRP HB2  H  N N 362 
TRP HB3  H  N N 363 
TRP HD1  H  N N 364 
TRP HE1  H  N N 365 
TRP HE3  H  N N 366 
TRP HZ2  H  N N 367 
TRP HZ3  H  N N 368 
TRP HH2  H  N N 369 
TRP HXT  H  N N 370 
TYR N    N  N N 371 
TYR CA   C  N S 372 
TYR C    C  N N 373 
TYR O    O  N N 374 
TYR CB   C  N N 375 
TYR CG   C  Y N 376 
TYR CD1  C  Y N 377 
TYR CD2  C  Y N 378 
TYR CE1  C  Y N 379 
TYR CE2  C  Y N 380 
TYR CZ   C  Y N 381 
TYR OH   O  N N 382 
TYR OXT  O  N N 383 
TYR H    H  N N 384 
TYR H2   H  N N 385 
TYR HA   H  N N 386 
TYR HB2  H  N N 387 
TYR HB3  H  N N 388 
TYR HD1  H  N N 389 
TYR HD2  H  N N 390 
TYR HE1  H  N N 391 
TYR HE2  H  N N 392 
TYR HH   H  N N 393 
TYR HXT  H  N N 394 
VAL N    N  N N 395 
VAL CA   C  N S 396 
VAL C    C  N N 397 
VAL O    O  N N 398 
VAL CB   C  N N 399 
VAL CG1  C  N N 400 
VAL CG2  C  N N 401 
VAL OXT  O  N N 402 
VAL H    H  N N 403 
VAL H2   H  N N 404 
VAL HA   H  N N 405 
VAL HB   H  N N 406 
VAL HG11 H  N N 407 
VAL HG12 H  N N 408 
VAL HG13 H  N N 409 
VAL HG21 H  N N 410 
VAL HG22 H  N N 411 
VAL HG23 H  N N 412 
VAL HXT  H  N N 413 
# 
loop_
_chem_comp_bond.comp_id 
_chem_comp_bond.atom_id_1 
_chem_comp_bond.atom_id_2 
_chem_comp_bond.value_order 
_chem_comp_bond.pdbx_aromatic_flag 
_chem_comp_bond.pdbx_stereo_config 
_chem_comp_bond.pdbx_ordinal 
ALA N   CA   sing N N 1   
ALA N   H    sing N N 2   
ALA N   H2   sing N N 3   
ALA CA  C    sing N N 4   
ALA CA  CB   sing N N 5   
ALA CA  HA   sing N N 6   
ALA C   O    doub N N 7   
ALA C   OXT  sing N N 8   
ALA CB  HB1  sing N N 9   
ALA CB  HB2  sing N N 10  
ALA CB  HB3  sing N N 11  
ALA OXT HXT  sing N N 12  
ARG N   CA   sing N N 13  
ARG N   H    sing N N 14  
ARG N   H2   sing N N 15  
ARG CA  C    sing N N 16  
ARG CA  CB   sing N N 17  
ARG CA  HA   sing N N 18  
ARG C   O    doub N N 19  
ARG C   OXT  sing N N 20  
ARG CB  CG   sing N N 21  
ARG CB  HB2  sing N N 22  
ARG CB  HB3  sing N N 23  
ARG CG  CD   sing N N 24  
ARG CG  HG2  sing N N 25  
ARG CG  HG3  sing N N 26  
ARG CD  NE   sing N N 27  
ARG CD  HD2  sing N N 28  
ARG CD  HD3  sing N N 29  
ARG NE  CZ   sing N N 30  
ARG NE  HE   sing N N 31  
ARG CZ  NH1  sing N N 32  
ARG CZ  NH2  doub N N 33  
ARG NH1 HH11 sing N N 34  
ARG NH1 HH12 sing N N 35  
ARG NH2 HH21 sing N N 36  
ARG NH2 HH22 sing N N 37  
ARG OXT HXT  sing N N 38  
ASN N   CA   sing N N 39  
ASN N   H    sing N N 40  
ASN N   H2   sing N N 41  
ASN CA  C    sing N N 42  
ASN CA  CB   sing N N 43  
ASN CA  HA   sing N N 44  
ASN C   O    doub N N 45  
ASN C   OXT  sing N N 46  
ASN CB  CG   sing N N 47  
ASN CB  HB2  sing N N 48  
ASN CB  HB3  sing N N 49  
ASN CG  OD1  doub N N 50  
ASN CG  ND2  sing N N 51  
ASN ND2 HD21 sing N N 52  
ASN ND2 HD22 sing N N 53  
ASN OXT HXT  sing N N 54  
ASP N   CA   sing N N 55  
ASP N   H    sing N N 56  
ASP N   H2   sing N N 57  
ASP CA  C    sing N N 58  
ASP CA  CB   sing N N 59  
ASP CA  HA   sing N N 60  
ASP C   O    doub N N 61  
ASP C   OXT  sing N N 62  
ASP CB  CG   sing N N 63  
ASP CB  HB2  sing N N 64  
ASP CB  HB3  sing N N 65  
ASP CG  OD1  doub N N 66  
ASP CG  OD2  sing N N 67  
ASP OD2 HD2  sing N N 68  
ASP OXT HXT  sing N N 69  
CYS N   CA   sing N N 70  
CYS N   H    sing N N 71  
CYS N   H2   sing N N 72  
CYS CA  C    sing N N 73  
CYS CA  CB   sing N N 74  
CYS CA  HA   sing N N 75  
CYS C   O    doub N N 76  
CYS C   OXT  sing N N 77  
CYS CB  SG   sing N N 78  
CYS CB  HB2  sing N N 79  
CYS CB  HB3  sing N N 80  
CYS SG  HG   sing N N 81  
CYS OXT HXT  sing N N 82  
GLN N   CA   sing N N 83  
GLN N   H    sing N N 84  
GLN N   H2   sing N N 85  
GLN CA  C    sing N N 86  
GLN CA  CB   sing N N 87  
GLN CA  HA   sing N N 88  
GLN C   O    doub N N 89  
GLN C   OXT  sing N N 90  
GLN CB  CG   sing N N 91  
GLN CB  HB2  sing N N 92  
GLN CB  HB3  sing N N 93  
GLN CG  CD   sing N N 94  
GLN CG  HG2  sing N N 95  
GLN CG  HG3  sing N N 96  
GLN CD  OE1  doub N N 97  
GLN CD  NE2  sing N N 98  
GLN NE2 HE21 sing N N 99  
GLN NE2 HE22 sing N N 100 
GLN OXT HXT  sing N N 101 
GLU N   CA   sing N N 102 
GLU N   H    sing N N 103 
GLU N   H2   sing N N 104 
GLU CA  C    sing N N 105 
GLU CA  CB   sing N N 106 
GLU CA  HA   sing N N 107 
GLU C   O    doub N N 108 
GLU C   OXT  sing N N 109 
GLU CB  CG   sing N N 110 
GLU CB  HB2  sing N N 111 
GLU CB  HB3  sing N N 112 
GLU CG  CD   sing N N 113 
GLU CG  HG2  sing N N 114 
GLU CG  HG3  sing N N 115 
GLU CD  OE1  doub N N 116 
GLU CD  OE2  sing N N 117 
GLU OE2 HE2  sing N N 118 
GLU OXT HXT  sing N N 119 
GLY N   CA   sing N N 120 
GLY N   H    sing N N 121 
GLY N   H2   sing N N 122 
GLY CA  C    sing N N 123 
GLY CA  HA2  sing N N 124 
GLY CA  HA3  sing N N 125 
GLY C   O    doub N N 126 
GLY C   OXT  sing N N 127 
GLY OXT HXT  sing N N 128 
HIS N   CA   sing N N 129 
HIS N   H    sing N N 130 
HIS N   H2   sing N N 131 
HIS CA  C    sing N N 132 
HIS CA  CB   sing N N 133 
HIS CA  HA   sing N N 134 
HIS C   O    doub N N 135 
HIS C   OXT  sing N N 136 
HIS CB  CG   sing N N 137 
HIS CB  HB2  sing N N 138 
HIS CB  HB3  sing N N 139 
HIS CG  ND1  sing Y N 140 
HIS CG  CD2  doub Y N 141 
HIS ND1 CE1  doub Y N 142 
HIS ND1 HD1  sing N N 143 
HIS CD2 NE2  sing Y N 144 
HIS CD2 HD2  sing N N 145 
HIS CE1 NE2  sing Y N 146 
HIS CE1 HE1  sing N N 147 
HIS NE2 HE2  sing N N 148 
HIS OXT HXT  sing N N 149 
HOH O   H1   sing N N 150 
HOH O   H2   sing N N 151 
ILE N   CA   sing N N 152 
ILE N   H    sing N N 153 
ILE N   H2   sing N N 154 
ILE CA  C    sing N N 155 
ILE CA  CB   sing N N 156 
ILE CA  HA   sing N N 157 
ILE C   O    doub N N 158 
ILE C   OXT  sing N N 159 
ILE CB  CG1  sing N N 160 
ILE CB  CG2  sing N N 161 
ILE CB  HB   sing N N 162 
ILE CG1 CD1  sing N N 163 
ILE CG1 HG12 sing N N 164 
ILE CG1 HG13 sing N N 165 
ILE CG2 HG21 sing N N 166 
ILE CG2 HG22 sing N N 167 
ILE CG2 HG23 sing N N 168 
ILE CD1 HD11 sing N N 169 
ILE CD1 HD12 sing N N 170 
ILE CD1 HD13 sing N N 171 
ILE OXT HXT  sing N N 172 
LEU N   CA   sing N N 173 
LEU N   H    sing N N 174 
LEU N   H2   sing N N 175 
LEU CA  C    sing N N 176 
LEU CA  CB   sing N N 177 
LEU CA  HA   sing N N 178 
LEU C   O    doub N N 179 
LEU C   OXT  sing N N 180 
LEU CB  CG   sing N N 181 
LEU CB  HB2  sing N N 182 
LEU CB  HB3  sing N N 183 
LEU CG  CD1  sing N N 184 
LEU CG  CD2  sing N N 185 
LEU CG  HG   sing N N 186 
LEU CD1 HD11 sing N N 187 
LEU CD1 HD12 sing N N 188 
LEU CD1 HD13 sing N N 189 
LEU CD2 HD21 sing N N 190 
LEU CD2 HD22 sing N N 191 
LEU CD2 HD23 sing N N 192 
LEU OXT HXT  sing N N 193 
LYS N   CA   sing N N 194 
LYS N   H    sing N N 195 
LYS N   H2   sing N N 196 
LYS CA  C    sing N N 197 
LYS CA  CB   sing N N 198 
LYS CA  HA   sing N N 199 
LYS C   O    doub N N 200 
LYS C   OXT  sing N N 201 
LYS CB  CG   sing N N 202 
LYS CB  HB2  sing N N 203 
LYS CB  HB3  sing N N 204 
LYS CG  CD   sing N N 205 
LYS CG  HG2  sing N N 206 
LYS CG  HG3  sing N N 207 
LYS CD  CE   sing N N 208 
LYS CD  HD2  sing N N 209 
LYS CD  HD3  sing N N 210 
LYS CE  NZ   sing N N 211 
LYS CE  HE2  sing N N 212 
LYS CE  HE3  sing N N 213 
LYS NZ  HZ1  sing N N 214 
LYS NZ  HZ2  sing N N 215 
LYS NZ  HZ3  sing N N 216 
LYS OXT HXT  sing N N 217 
MET N   CA   sing N N 218 
MET N   H    sing N N 219 
MET N   H2   sing N N 220 
MET CA  C    sing N N 221 
MET CA  CB   sing N N 222 
MET CA  HA   sing N N 223 
MET C   O    doub N N 224 
MET C   OXT  sing N N 225 
MET CB  CG   sing N N 226 
MET CB  HB2  sing N N 227 
MET CB  HB3  sing N N 228 
MET CG  SD   sing N N 229 
MET CG  HG2  sing N N 230 
MET CG  HG3  sing N N 231 
MET SD  CE   sing N N 232 
MET CE  HE1  sing N N 233 
MET CE  HE2  sing N N 234 
MET CE  HE3  sing N N 235 
MET OXT HXT  sing N N 236 
PHE N   CA   sing N N 237 
PHE N   H    sing N N 238 
PHE N   H2   sing N N 239 
PHE CA  C    sing N N 240 
PHE CA  CB   sing N N 241 
PHE CA  HA   sing N N 242 
PHE C   O    doub N N 243 
PHE C   OXT  sing N N 244 
PHE CB  CG   sing N N 245 
PHE CB  HB2  sing N N 246 
PHE CB  HB3  sing N N 247 
PHE CG  CD1  doub Y N 248 
PHE CG  CD2  sing Y N 249 
PHE CD1 CE1  sing Y N 250 
PHE CD1 HD1  sing N N 251 
PHE CD2 CE2  doub Y N 252 
PHE CD2 HD2  sing N N 253 
PHE CE1 CZ   doub Y N 254 
PHE CE1 HE1  sing N N 255 
PHE CE2 CZ   sing Y N 256 
PHE CE2 HE2  sing N N 257 
PHE CZ  HZ   sing N N 258 
PHE OXT HXT  sing N N 259 
PHQ C1  O1   doub N N 260 
PHQ C1  O2   sing N N 261 
PHQ C1  CL1  sing N N 262 
PHQ O2  C2   sing N N 263 
PHQ C2  C3   sing N N 264 
PHQ C2  H21  sing N N 265 
PHQ C2  H22  sing N N 266 
PHQ C3  C4   doub Y N 267 
PHQ C3  C8   sing Y N 268 
PHQ C4  C5   sing Y N 269 
PHQ C4  H41  sing N N 270 
PHQ C5  C6   doub Y N 271 
PHQ C5  H51  sing N N 272 
PHQ C6  C7   sing Y N 273 
PHQ C6  H61  sing N N 274 
PHQ C7  C8   doub Y N 275 
PHQ C7  H71  sing N N 276 
PHQ C8  H81  sing N N 277 
PRO N   CA   sing N N 278 
PRO N   CD   sing N N 279 
PRO N   H    sing N N 280 
PRO CA  C    sing N N 281 
PRO CA  CB   sing N N 282 
PRO CA  HA   sing N N 283 
PRO C   O    doub N N 284 
PRO C   OXT  sing N N 285 
PRO CB  CG   sing N N 286 
PRO CB  HB2  sing N N 287 
PRO CB  HB3  sing N N 288 
PRO CG  CD   sing N N 289 
PRO CG  HG2  sing N N 290 
PRO CG  HG3  sing N N 291 
PRO CD  HD2  sing N N 292 
PRO CD  HD3  sing N N 293 
PRO OXT HXT  sing N N 294 
SER N   CA   sing N N 295 
SER N   H    sing N N 296 
SER N   H2   sing N N 297 
SER CA  C    sing N N 298 
SER CA  CB   sing N N 299 
SER CA  HA   sing N N 300 
SER C   O    doub N N 301 
SER C   OXT  sing N N 302 
SER CB  OG   sing N N 303 
SER CB  HB2  sing N N 304 
SER CB  HB3  sing N N 305 
SER OG  HG   sing N N 306 
SER OXT HXT  sing N N 307 
SO4 S   O1   doub N N 308 
SO4 S   O2   doub N N 309 
SO4 S   O3   sing N N 310 
SO4 S   O4   sing N N 311 
THR N   CA   sing N N 312 
THR N   H    sing N N 313 
THR N   H2   sing N N 314 
THR CA  C    sing N N 315 
THR CA  CB   sing N N 316 
THR CA  HA   sing N N 317 
THR C   O    doub N N 318 
THR C   OXT  sing N N 319 
THR CB  OG1  sing N N 320 
THR CB  CG2  sing N N 321 
THR CB  HB   sing N N 322 
THR OG1 HG1  sing N N 323 
THR CG2 HG21 sing N N 324 
THR CG2 HG22 sing N N 325 
THR CG2 HG23 sing N N 326 
THR OXT HXT  sing N N 327 
TRP N   CA   sing N N 328 
TRP N   H    sing N N 329 
TRP N   H2   sing N N 330 
TRP CA  C    sing N N 331 
TRP CA  CB   sing N N 332 
TRP CA  HA   sing N N 333 
TRP C   O    doub N N 334 
TRP C   OXT  sing N N 335 
TRP CB  CG   sing N N 336 
TRP CB  HB2  sing N N 337 
TRP CB  HB3  sing N N 338 
TRP CG  CD1  doub Y N 339 
TRP CG  CD2  sing Y N 340 
TRP CD1 NE1  sing Y N 341 
TRP CD1 HD1  sing N N 342 
TRP CD2 CE2  doub Y N 343 
TRP CD2 CE3  sing Y N 344 
TRP NE1 CE2  sing Y N 345 
TRP NE1 HE1  sing N N 346 
TRP CE2 CZ2  sing Y N 347 
TRP CE3 CZ3  doub Y N 348 
TRP CE3 HE3  sing N N 349 
TRP CZ2 CH2  doub Y N 350 
TRP CZ2 HZ2  sing N N 351 
TRP CZ3 CH2  sing Y N 352 
TRP CZ3 HZ3  sing N N 353 
TRP CH2 HH2  sing N N 354 
TRP OXT HXT  sing N N 355 
TYR N   CA   sing N N 356 
TYR N   H    sing N N 357 
TYR N   H2   sing N N 358 
TYR CA  C    sing N N 359 
TYR CA  CB   sing N N 360 
TYR CA  HA   sing N N 361 
TYR C   O    doub N N 362 
TYR C   OXT  sing N N 363 
TYR CB  CG   sing N N 364 
TYR CB  HB2  sing N N 365 
TYR CB  HB3  sing N N 366 
TYR CG  CD1  doub Y N 367 
TYR CG  CD2  sing Y N 368 
TYR CD1 CE1  sing Y N 369 
TYR CD1 HD1  sing N N 370 
TYR CD2 CE2  doub Y N 371 
TYR CD2 HD2  sing N N 372 
TYR CE1 CZ   doub Y N 373 
TYR CE1 HE1  sing N N 374 
TYR CE2 CZ   sing Y N 375 
TYR CE2 HE2  sing N N 376 
TYR CZ  OH   sing N N 377 
TYR OH  HH   sing N N 378 
TYR OXT HXT  sing N N 379 
VAL N   CA   sing N N 380 
VAL N   H    sing N N 381 
VAL N   H2   sing N N 382 
VAL CA  C    sing N N 383 
VAL CA  CB   sing N N 384 
VAL CA  HA   sing N N 385 
VAL C   O    doub N N 386 
VAL C   OXT  sing N N 387 
VAL CB  CG1  sing N N 388 
VAL CB  CG2  sing N N 389 
VAL CB  HB   sing N N 390 
VAL CG1 HG11 sing N N 391 
VAL CG1 HG12 sing N N 392 
VAL CG1 HG13 sing N N 393 
VAL CG2 HG21 sing N N 394 
VAL CG2 HG22 sing N N 395 
VAL CG2 HG23 sing N N 396 
VAL OXT HXT  sing N N 397 
# 
_pdbx_initial_refinement_model.id               1 
_pdbx_initial_refinement_model.entity_id_list   ? 
_pdbx_initial_refinement_model.type             'experimental model' 
_pdbx_initial_refinement_model.source_name      PDB 
_pdbx_initial_refinement_model.accession_code   1SKG 
_pdbx_initial_refinement_model.details          'PDB ENTRY 1SKG' 
# 
_atom_sites.entry_id                    3G8F 
_atom_sites.fract_transf_matrix[1][1]   -0.01804635 
_atom_sites.fract_transf_matrix[1][2]   -0.00076572 
_atom_sites.fract_transf_matrix[1][3]   -0.00597758 
_atom_sites.fract_transf_matrix[2][1]   -0.00597236 
_atom_sites.fract_transf_matrix[2][2]   -0.00024976 
_atom_sites.fract_transf_matrix[2][3]   0.01806259 
_atom_sites.fract_transf_matrix[3][1]   -0.00088407 
_atom_sites.fract_transf_matrix[3][2]   0.02086528 
_atom_sites.fract_transf_matrix[3][3]   -0.00000380 
_atom_sites.fract_transf_vector[1]      0.161837 
_atom_sites.fract_transf_vector[2]      0.475120 
_atom_sites.fract_transf_vector[3]      -0.007519 
# 
loop_
_atom_type.symbol 
C 
N 
O 
S 
# 
loop_
_atom_site.group_PDB 
_atom_site.id 
_atom_site.type_symbol 
_atom_site.label_atom_id 
_atom_site.label_alt_id 
_atom_site.label_comp_id 
_atom_site.label_asym_id 
_atom_site.label_entity_id 
_atom_site.label_seq_id 
_atom_site.pdbx_PDB_ins_code 
_atom_site.Cartn_x 
_atom_site.Cartn_y 
_atom_site.Cartn_z 
_atom_site.occupancy 
_atom_site.B_iso_or_equiv 
_atom_site.pdbx_formal_charge 
_atom_site.auth_seq_id 
_atom_site.auth_comp_id 
_atom_site.auth_asym_id 
_atom_site.auth_atom_id 
_atom_site.pdbx_PDB_model_num 
ATOM   1    N N   . SER A 1 1   ? -1.437  -3.181  -10.634 1.00 11.10 ? 1    SER A N   1 
ATOM   2    C CA  . SER A 1 1   ? -0.649  -4.409  -10.302 1.00 11.38 ? 1    SER A CA  1 
ATOM   3    C C   . SER A 1 1   ? 0.402   -4.088  -9.249  1.00 11.29 ? 1    SER A C   1 
ATOM   4    O O   . SER A 1 1   ? 0.756   -2.925  -9.060  1.00 11.03 ? 1    SER A O   1 
ATOM   5    C CB  . SER A 1 1   ? 0.053   -4.936  -11.545 1.00 11.56 ? 1    SER A CB  1 
ATOM   6    O OG  . SER A 1 1   ? 1.085   -4.036  -11.905 1.00 12.60 ? 1    SER A OG  1 
ATOM   7    N N   . LEU A 1 2   ? 0.793   -5.083  -8.465  1.00 11.96 ? 2    LEU A N   1 
ATOM   8    C CA  . LEU A 1 2   ? 1.887   -4.953  -7.511  1.00 12.85 ? 2    LEU A CA  1 
ATOM   9    C C   . LEU A 1 2   ? 3.131   -4.247  -8.053  1.00 12.89 ? 2    LEU A C   1 
ATOM   10   O O   . LEU A 1 2   ? 3.698   -3.393  -7.368  1.00 12.70 ? 2    LEU A O   1 
ATOM   11   C CB  . LEU A 1 2   ? 2.249   -6.319  -6.932  1.00 13.51 ? 2    LEU A CB  1 
ATOM   12   C CG  . LEU A 1 2   ? 3.198   -6.288  -5.733  1.00 15.51 ? 2    LEU A CG  1 
ATOM   13   C CD1 . LEU A 1 2   ? 2.678   -5.385  -4.626  1.00 16.67 ? 2    LEU A CD1 1 
ATOM   14   C CD2 . LEU A 1 2   ? 3.406   -7.699  -5.225  1.00 16.79 ? 2    LEU A CD2 1 
ATOM   15   N N   . LEU A 1 3   ? 3.559   -4.589  -9.264  1.00 13.04 ? 3    LEU A N   1 
ATOM   16   C CA  . LEU A 1 3   ? 4.733   -3.946  -9.861  1.00 13.71 ? 3    LEU A CA  1 
ATOM   17   C C   . LEU A 1 3   ? 4.503   -2.457  -10.110 1.00 13.05 ? 3    LEU A C   1 
ATOM   18   O O   . LEU A 1 3   ? 5.398   -1.636  -9.878  1.00 13.16 ? 3    LEU A O   1 
ATOM   19   C CB  . LEU A 1 3   ? 5.135   -4.637  -11.165 1.00 14.35 ? 3    LEU A CB  1 
ATOM   20   C CG  . LEU A 1 3   ? 6.022   -5.873  -11.008 1.00 17.29 ? 3    LEU A CG  1 
ATOM   21   C CD1 . LEU A 1 3   ? 6.421   -6.408  -12.369 1.00 19.22 ? 3    LEU A CD1 1 
ATOM   22   C CD2 . LEU A 1 3   ? 7.258   -5.542  -10.199 1.00 18.42 ? 3    LEU A CD2 1 
ATOM   23   N N   . GLU A 1 4   ? 3.313   -2.104  -10.592 1.00 12.40 ? 4    GLU A N   1 
ATOM   24   C CA  . GLU A 1 4   ? 2.980   -0.701  -10.841 1.00 12.09 ? 4    GLU A CA  1 
ATOM   25   C C   . GLU A 1 4   ? 2.912   0.057   -9.519  1.00 11.42 ? 4    GLU A C   1 
ATOM   26   O O   . GLU A 1 4   ? 3.366   1.192   -9.422  1.00 11.57 ? 4    GLU A O   1 
ATOM   27   C CB  . GLU A 1 4   ? 1.641   -0.568  -11.569 1.00 12.46 ? 4    GLU A CB  1 
ATOM   28   C CG  . GLU A 1 4   ? 1.663   -1.094  -12.986 1.00 13.52 ? 4    GLU A CG  1 
ATOM   29   C CD  . GLU A 1 4   ? 0.276   -1.222  -13.586 1.00 13.64 ? 4    GLU A CD  1 
ATOM   30   O OE1 . GLU A 1 4   ? -0.734  -1.168  -12.830 1.00 12.54 ? 4    GLU A OE1 1 
ATOM   31   O OE2 . GLU A 1 4   ? 0.204   -1.374  -14.826 1.00 15.64 ? 4    GLU A OE2 1 
ATOM   32   N N   . PHE A 1 5   ? 2.324   -0.564  -8.507  1.00 10.48 ? 5    PHE A N   1 
ATOM   33   C CA  . PHE A 1 5   ? 2.253   0.044   -7.183  1.00 10.44 ? 5    PHE A CA  1 
ATOM   34   C C   . PHE A 1 5   ? 3.687   0.317   -6.705  1.00 10.51 ? 5    PHE A C   1 
ATOM   35   O O   . PHE A 1 5   ? 3.986   1.381   -6.180  1.00 10.23 ? 5    PHE A O   1 
ATOM   36   C CB  . PHE A 1 5   ? 1.518   -0.900  -6.221  1.00 10.20 ? 5    PHE A CB  1 
ATOM   37   C CG  . PHE A 1 5   ? 1.297   -0.359  -4.834  1.00 10.07 ? 5    PHE A CG  1 
ATOM   38   C CD1 . PHE A 1 5   ? 1.020   0.984   -4.597  1.00 10.05 ? 5    PHE A CD1 1 
ATOM   39   C CD2 . PHE A 1 5   ? 1.320   -1.233  -3.763  1.00 11.10 ? 5    PHE A CD2 1 
ATOM   40   C CE1 . PHE A 1 5   ? 0.789   1.434   -3.312  1.00 10.45 ? 5    PHE A CE1 1 
ATOM   41   C CE2 . PHE A 1 5   ? 1.095   -0.789  -2.484  1.00 11.39 ? 5    PHE A CE2 1 
ATOM   42   C CZ  . PHE A 1 5   ? 0.818   0.554   -2.258  1.00 10.78 ? 5    PHE A CZ  1 
ATOM   43   N N   . GLY A 1 6   ? 4.585   -0.641  -6.907  1.00 10.59 ? 6    GLY A N   1 
ATOM   44   C CA  . GLY A 1 6   ? 5.971   -0.474  -6.497  1.00 10.85 ? 6    GLY A CA  1 
ATOM   45   C C   . GLY A 1 6   ? 6.642   0.713   -7.172  1.00 11.37 ? 6    GLY A C   1 
ATOM   46   O O   . GLY A 1 6   ? 7.399   1.464   -6.545  1.00 11.41 ? 6    GLY A O   1 
ATOM   47   N N   . LYS A 1 7   ? 6.399   0.879   -8.465  1.00 11.47 ? 7    LYS A N   1 
ATOM   48   C CA  . LYS A 1 7   ? 6.966   2.000   -9.212  1.00 12.15 ? 7    LYS A CA  1 
ATOM   49   C C   . LYS A 1 7   ? 6.368   3.311   -8.690  1.00 11.75 ? 7    LYS A C   1 
ATOM   50   O O   . LYS A 1 7   ? 7.077   4.306   -8.526  1.00 11.85 ? 7    LYS A O   1 
ATOM   51   C CB  . LYS A 1 7   ? 6.700   1.817   -10.707 1.00 12.58 ? 7    LYS A CB  1 
ATOM   52   C CG  . LYS A 1 7   ? 7.017   3.032   -11.559 1.00 15.27 ? 7    LYS A CG  1 
ATOM   53   C CD  . LYS A 1 7   ? 6.819   2.731   -13.044 1.00 18.15 ? 7    LYS A CD  1 
ATOM   54   C CE  . LYS A 1 7   ? 6.753   3.997   -13.885 1.00 20.86 ? 7    LYS A CE  1 
ATOM   55   N NZ  . LYS A 1 7   ? 5.377   4.565   -13.927 1.00 23.18 ? 7    LYS A NZ  1 
ATOM   56   N N   . MET A 1 8   ? 5.068   3.307   -8.407  1.00 11.57 ? 8    MET A N   1 
ATOM   57   C CA  . MET A 1 8   ? 4.393   4.484   -7.863  1.00 11.01 ? 8    MET A CA  1 
ATOM   58   C C   . MET A 1 8   ? 5.000   4.889   -6.505  1.00 10.76 ? 8    MET A C   1 
ATOM   59   O O   . MET A 1 8   ? 5.225   6.074   -6.227  1.00 10.60 ? 8    MET A O   1 
ATOM   60   C CB  . MET A 1 8   ? 2.895   4.202   -7.719  1.00 11.18 ? 8    MET A CB  1 
ATOM   61   C CG  . MET A 1 8   ? 2.064   5.424   -7.408  1.00 11.22 ? 8    MET A CG  1 
ATOM   62   S SD  . MET A 1 8   ? 0.328   5.049   -7.047  1.00 11.09 ? 8    MET A SD  1 
ATOM   63   C CE  . MET A 1 8   ? -0.339  4.768   -8.706  1.00 12.18 ? 8    MET A CE  1 
ATOM   64   N N   . ILE A 1 9   ? 5.249   3.898   -5.659  1.00 10.48 ? 9    ILE A N   1 
ATOM   65   C CA  . ILE A 1 9   ? 5.875   4.126   -4.361  1.00 10.56 ? 9    ILE A CA  1 
ATOM   66   C C   . ILE A 1 9   ? 7.260   4.754   -4.518  1.00 10.62 ? 9    ILE A C   1 
ATOM   67   O O   . ILE A 1 9   ? 7.587   5.726   -3.826  1.00 10.44 ? 9    ILE A O   1 
ATOM   68   C CB  . ILE A 1 9   ? 5.963   2.802   -3.579  1.00 10.52 ? 9    ILE A CB  1 
ATOM   69   C CG1 . ILE A 1 9   ? 4.558   2.317   -3.205  1.00 10.38 ? 9    ILE A CG1 1 
ATOM   70   C CG2 . ILE A 1 9   ? 6.810   2.973   -2.323  1.00 10.58 ? 9    ILE A CG2 1 
ATOM   71   C CD1 . ILE A 1 9   ? 4.504   0.877   -2.705  1.00 10.03 ? 9    ILE A CD1 1 
ATOM   72   N N   . LEU A 1 10  ? 8.078   4.189   -5.403  1.00 11.12 ? 10   LEU A N   1 
ATOM   73   C CA  . LEU A 1 10  ? 9.421   4.709   -5.641  1.00 11.82 ? 10   LEU A CA  1 
ATOM   74   C C   . LEU A 1 10  ? 9.350   6.158   -6.144  1.00 12.25 ? 10   LEU A C   1 
ATOM   75   O O   . LEU A 1 10  ? 10.076  7.035   -5.665  1.00 12.30 ? 10   LEU A O   1 
ATOM   76   C CB  . LEU A 1 10  ? 10.168  3.814   -6.627  1.00 12.32 ? 10   LEU A CB  1 
ATOM   77   C CG  . LEU A 1 10  ? 11.553  4.334   -7.043  1.00 13.49 ? 10   LEU A CG  1 
ATOM   78   C CD1 . LEU A 1 10  ? 12.491  4.497   -5.856  1.00 14.35 ? 10   LEU A CD1 1 
ATOM   79   C CD2 . LEU A 1 10  ? 12.155  3.403   -8.077  1.00 14.86 ? 10   LEU A CD2 1 
ATOM   80   N N   . GLU A 1 11  ? 8.469   6.416   -7.103  1.00 12.78 ? 11   GLU A N   1 
ATOM   81   C CA  . GLU A 1 11  ? 8.300   7.770   -7.644  1.00 13.39 ? 11   GLU A CA  1 
ATOM   82   C C   . GLU A 1 11  ? 7.937   8.766   -6.559  1.00 12.77 ? 11   GLU A C   1 
ATOM   83   O O   . GLU A 1 11  ? 8.405   9.904   -6.535  1.00 12.58 ? 11   GLU A O   1 
ATOM   84   C CB  . GLU A 1 11  ? 7.149   7.820   -8.645  1.00 14.12 ? 11   GLU A CB  1 
ATOM   85   C CG  . GLU A 1 11  ? 7.469   7.421   -10.057 1.00 16.70 ? 11   GLU A CG  1 
ATOM   86   C CD  . GLU A 1 11  ? 6.228   7.428   -10.937 1.00 18.65 ? 11   GLU A CD  1 
ATOM   87   O OE1 . GLU A 1 11  ? 5.077   7.510   -10.414 1.00 19.35 ? 11   GLU A OE1 1 
ATOM   88   O OE2 . GLU A 1 11  ? 6.411   7.343   -12.161 1.00 21.67 ? 11   GLU A OE2 1 
ATOM   89   N N   . GLU A 1 12  ? 7.041   8.344   -5.686  1.00 12.55 ? 12   GLU A N   1 
ATOM   90   C CA  . GLU A 1 12  ? 6.532   9.213   -4.657  1.00 12.52 ? 12   GLU A CA  1 
ATOM   91   C C   . GLU A 1 12  ? 7.545   9.478   -3.539  1.00 12.03 ? 12   GLU A C   1 
ATOM   92   O O   . GLU A 1 12  ? 7.761   10.634  -3.158  1.00 11.88 ? 12   GLU A O   1 
ATOM   93   C CB  . GLU A 1 12  ? 5.263   8.589   -4.087  1.00 13.01 ? 12   GLU A CB  1 
ATOM   94   C CG  . GLU A 1 12  ? 4.453   9.535   -3.247  1.00 14.62 ? 12   GLU A CG  1 
ATOM   95   C CD  . GLU A 1 12  ? 3.661   10.537  -4.043  1.00 15.29 ? 12   GLU A CD  1 
ATOM   96   O OE1 . GLU A 1 12  ? 3.079   11.412  -3.381  1.00 19.58 ? 12   GLU A OE1 1 
ATOM   97   O OE2 . GLU A 1 12  ? 3.609   10.466  -5.290  1.00 15.67 ? 12   GLU A OE2 1 
ATOM   98   N N   . THR A 1 13  ? 8.188   8.420   -3.047  1.00 11.79 ? 13   THR A N   1 
ATOM   99   C CA  . THR A 1 13  ? 9.035   8.504   -1.850  1.00 12.18 ? 13   THR A CA  1 
ATOM   100  C C   . THR A 1 13  ? 10.537  8.457   -2.050  1.00 12.54 ? 13   THR A C   1 
ATOM   101  O O   . THR A 1 13  ? 11.272  8.874   -1.160  1.00 13.48 ? 13   THR A O   1 
ATOM   102  C CB  . THR A 1 13  ? 8.710   7.345   -0.886  1.00 12.13 ? 13   THR A CB  1 
ATOM   103  O OG1 . THR A 1 13  ? 9.139   6.096   -1.461  1.00 12.00 ? 13   THR A OG1 1 
ATOM   104  C CG2 . THR A 1 13  ? 7.211   7.205   -0.638  1.00 13.18 ? 13   THR A CG2 1 
ATOM   105  N N   . GLY A 1 14  ? 11.004  7.916   -3.167  1.00 12.89 ? 14   GLY A N   1 
ATOM   106  C CA  . GLY A 1 14  ? 12.433  7.769   -3.383  1.00 13.26 ? 14   GLY A CA  1 
ATOM   107  C C   . GLY A 1 14  ? 12.949  6.482   -2.774  1.00 13.85 ? 14   GLY A C   1 
ATOM   108  O O   . GLY A 1 14  ? 14.134  6.137   -2.877  1.00 14.65 ? 14   GLY A O   1 
ATOM   109  N N   . LYS A 1 15  ? 12.038  5.675   -2.003  1.00 13.63 ? 16   LYS A N   1 
ATOM   110  C CA  . LYS A 1 15  ? 12.374  4.367   -1.471  1.00 13.77 ? 16   LYS A CA  1 
ATOM   111  C C   . LYS A 1 15  ? 11.876  3.264   -2.396  1.00 13.74 ? 16   LYS A C   1 
ATOM   112  O O   . LYS A 1 15  ? 10.814  3.383   -3.002  1.00 14.05 ? 16   LYS A O   1 
ATOM   113  C CB  . LYS A 1 15  ? 11.745  4.189   -0.087  1.00 13.52 ? 16   LYS A CB  1 
ATOM   114  C CG  . LYS A 1 15  ? 12.338  5.063   1.006   1.00 13.93 ? 16   LYS A CG  1 
ATOM   115  C CD  . LYS A 1 15  ? 11.636  4.810   2.332   1.00 14.06 ? 16   LYS A CD  1 
ATOM   116  C CE  . LYS A 1 15  ? 12.287  5.523   3.500   1.00 14.82 ? 16   LYS A CE  1 
ATOM   117  N NZ  . LYS A 1 15  ? 13.604  4.927   3.853   1.00 16.41 ? 16   LYS A NZ  1 
ATOM   118  N N   . LEU A 1 16  ? 12.658  2.194   -2.503  1.00 13.84 ? 17   LEU A N   1 
ATOM   119  C CA  . LEU A 1 16  ? 12.276  1.018   -3.269  1.00 13.98 ? 17   LEU A CA  1 
ATOM   120  C C   . LEU A 1 16  ? 11.210  0.273   -2.482  1.00 13.49 ? 17   LEU A C   1 
ATOM   121  O O   . LEU A 1 16  ? 11.382  0.005   -1.293  1.00 13.44 ? 17   LEU A O   1 
ATOM   122  C CB  . LEU A 1 16  ? 13.478  0.095   -3.459  1.00 14.44 ? 17   LEU A CB  1 
ATOM   123  C CG  . LEU A 1 16  ? 14.589  0.613   -4.369  1.00 15.84 ? 17   LEU A CG  1 
ATOM   124  C CD1 . LEU A 1 16  ? 15.831  -0.260  -4.234  1.00 17.21 ? 17   LEU A CD1 1 
ATOM   125  C CD2 . LEU A 1 16  ? 14.129  0.663   -5.817  1.00 17.25 ? 17   LEU A CD2 1 
ATOM   126  N N   . ALA A 1 17  ? 10.110  -0.071  -3.150  1.00 13.36 ? 18   ALA A N   1 
ATOM   127  C CA  . ALA A 1 17  ? 9.017   -0.787  -2.496  1.00 13.46 ? 18   ALA A CA  1 
ATOM   128  C C   . ALA A 1 17  ? 9.566   -2.019  -1.786  1.00 13.63 ? 18   ALA A C   1 
ATOM   129  O O   . ALA A 1 17  ? 9.197   -2.312  -0.653  1.00 13.20 ? 18   ALA A O   1 
ATOM   130  C CB  . ALA A 1 17  ? 7.952   -1.174  -3.508  1.00 13.61 ? 18   ALA A CB  1 
ATOM   131  N N   . ILE A 1 18  ? 10.421  -2.760  -2.488  1.00 13.92 ? 19   ILE A N   1 
ATOM   132  C CA  . ILE A 1 18  ? 11.148  -3.877  -1.902  1.00 14.98 ? 19   ILE A CA  1 
ATOM   133  C C   . ILE A 1 18  ? 12.568  -3.332  -1.762  1.00 15.13 ? 19   ILE A C   1 
ATOM   134  O O   . ILE A 1 18  ? 13.189  -3.012  -2.773  1.00 15.58 ? 19   ILE A O   1 
ATOM   135  C CB  . ILE A 1 18  ? 11.163  -5.100  -2.851  1.00 14.99 ? 19   ILE A CB  1 
ATOM   136  C CG1 . ILE A 1 18  ? 9.741   -5.539  -3.202  1.00 16.43 ? 19   ILE A CG1 1 
ATOM   137  C CG2 . ILE A 1 18  ? 11.955  -6.253  -2.227  1.00 15.46 ? 19   ILE A CG2 1 
ATOM   138  C CD1 . ILE A 1 18  ? 9.670   -6.607  -4.282  1.00 18.48 ? 19   ILE A CD1 1 
ATOM   139  N N   . PRO A 1 19  ? 13.138  -3.260  -0.564  1.00 15.44 ? 20   PRO A N   1 
ATOM   140  C CA  . PRO A 1 19  ? 12.591  -3.747  0.701   1.00 14.96 ? 20   PRO A CA  1 
ATOM   141  C C   . PRO A 1 19  ? 11.976  -2.738  1.665   1.00 14.21 ? 20   PRO A C   1 
ATOM   142  O O   . PRO A 1 19  ? 11.639  -3.145  2.779   1.00 14.70 ? 20   PRO A O   1 
ATOM   143  C CB  . PRO A 1 19  ? 13.857  -4.270  1.366   1.00 15.29 ? 20   PRO A CB  1 
ATOM   144  C CG  . PRO A 1 19  ? 14.852  -3.182  1.025   1.00 15.96 ? 20   PRO A CG  1 
ATOM   145  C CD  . PRO A 1 19  ? 14.502  -2.741  -0.377  1.00 15.52 ? 20   PRO A CD  1 
ATOM   146  N N   . SER A 1 20  ? 11.823  -1.477  1.284   1.00 13.05 ? 21   SER A N   1 
ATOM   147  C CA  . SER A 1 20  ? 11.347  -0.478  2.245   1.00 12.73 ? 21   SER A CA  1 
ATOM   148  C C   . SER A 1 20  ? 9.910   -0.668  2.737   1.00 12.41 ? 21   SER A C   1 
ATOM   149  O O   . SER A 1 20  ? 9.612   -0.316  3.878   1.00 12.62 ? 21   SER A O   1 
ATOM   150  C CB  . SER A 1 20  ? 11.528  0.936   1.696   1.00 12.40 ? 21   SER A CB  1 
ATOM   151  O OG  . SER A 1 20  ? 12.904  1.231   1.545   1.00 13.26 ? 21   SER A OG  1 
ATOM   152  N N   . TYR A 1 21  ? 9.030   -1.211  1.904   1.00 12.62 ? 22   TYR A N   1 
ATOM   153  C CA  . TYR A 1 21  ? 7.630   -1.375  2.303   1.00 13.08 ? 22   TYR A CA  1 
ATOM   154  C C   . TYR A 1 21  ? 7.092   -2.794  2.230   1.00 14.05 ? 22   TYR A C   1 
ATOM   155  O O   . TYR A 1 21  ? 5.956   -3.047  2.633   1.00 15.89 ? 22   TYR A O   1 
ATOM   156  C CB  . TYR A 1 21  ? 6.767   -0.486  1.401   1.00 12.77 ? 22   TYR A CB  1 
ATOM   157  C CG  . TYR A 1 21  ? 7.052   0.989   1.608   1.00 11.63 ? 22   TYR A CG  1 
ATOM   158  C CD1 . TYR A 1 21  ? 6.491   1.633   2.690   1.00 11.64 ? 22   TYR A CD1 1 
ATOM   159  C CD2 . TYR A 1 21  ? 7.893   1.710   0.771   1.00 11.65 ? 22   TYR A CD2 1 
ATOM   160  C CE1 . TYR A 1 21  ? 6.726   2.949   2.942   1.00 11.43 ? 22   TYR A CE1 1 
ATOM   161  C CE2 . TYR A 1 21  ? 8.147   3.041   1.020   1.00 10.75 ? 22   TYR A CE2 1 
ATOM   162  C CZ  . TYR A 1 21  ? 7.565   3.666   2.108   1.00 10.69 ? 22   TYR A CZ  1 
ATOM   163  O OH  . TYR A 1 21  ? 7.815   5.000   2.358   1.00 11.92 ? 22   TYR A OH  1 
ATOM   164  N N   . SER A 1 22  ? 7.892   -3.715  1.714   1.00 14.34 ? 23   SER A N   1 
ATOM   165  C CA  . SER A 1 22  ? 7.434   -5.083  1.459   1.00 14.91 ? 23   SER A CA  1 
ATOM   166  C C   . SER A 1 22  ? 7.308   -5.965  2.691   1.00 15.02 ? 23   SER A C   1 
ATOM   167  O O   . SER A 1 22  ? 6.692   -7.028  2.617   1.00 14.85 ? 23   SER A O   1 
ATOM   168  C CB  . SER A 1 22  ? 8.373   -5.758  0.455   1.00 15.22 ? 23   SER A CB  1 
ATOM   169  O OG  . SER A 1 22  ? 9.715   -5.666  0.883   1.00 16.98 ? 23   SER A OG  1 
ATOM   170  N N   . SER A 1 23  ? 7.901   -5.545  3.804   1.00 14.93 ? 24   SER A N   1 
ATOM   171  C CA  . SER A 1 23  ? 7.865   -6.316  5.046   1.00 15.34 ? 24   SER A CA  1 
ATOM   172  C C   . SER A 1 23  ? 7.852   -5.418  6.289   1.00 15.03 ? 24   SER A C   1 
ATOM   173  O O   . SER A 1 23  ? 8.312   -5.815  7.362   1.00 16.65 ? 24   SER A O   1 
ATOM   174  C CB  . SER A 1 23  ? 9.082   -7.235  5.116   1.00 15.39 ? 24   SER A CB  1 
ATOM   175  O OG  . SER A 1 23  ? 10.269  -6.468  5.202   1.00 18.06 ? 24   SER A OG  1 
ATOM   176  N N   . TYR A 1 24  ? 7.263   -4.238  6.157   1.00 14.13 ? 25   TYR A N   1 
ATOM   177  C CA  . TYR A 1 24  ? 7.272   -3.232  7.213   1.00 13.27 ? 25   TYR A CA  1 
ATOM   178  C C   . TYR A 1 24  ? 6.090   -3.366  8.178   1.00 12.86 ? 25   TYR A C   1 
ATOM   179  O O   . TYR A 1 24  ? 4.936   -3.451  7.756   1.00 12.49 ? 25   TYR A O   1 
ATOM   180  C CB  . TYR A 1 24  ? 7.262   -1.864  6.536   1.00 13.18 ? 25   TYR A CB  1 
ATOM   181  C CG  . TYR A 1 24  ? 7.457   -0.663  7.421   1.00 11.95 ? 25   TYR A CG  1 
ATOM   182  C CD1 . TYR A 1 24  ? 6.403   -0.147  8.152   1.00 11.33 ? 25   TYR A CD1 1 
ATOM   183  C CD2 . TYR A 1 24  ? 8.674   0.000   7.467   1.00 12.57 ? 25   TYR A CD2 1 
ATOM   184  C CE1 . TYR A 1 24  ? 6.563   0.964   8.940   1.00 10.83 ? 25   TYR A CE1 1 
ATOM   185  C CE2 . TYR A 1 24  ? 8.842   1.134   8.245   1.00 11.65 ? 25   TYR A CE2 1 
ATOM   186  C CZ  . TYR A 1 24  ? 7.783   1.609   8.977   1.00 10.49 ? 25   TYR A CZ  1 
ATOM   187  O OH  . TYR A 1 24  ? 7.968   2.743   9.741   1.00 11.55 ? 25   TYR A OH  1 
ATOM   188  N N   . GLY A 1 25  ? 6.384   -3.401  9.476   1.00 12.41 ? 26   GLY A N   1 
ATOM   189  C CA  . GLY A 1 25  ? 5.353   -3.458  10.491  1.00 12.49 ? 26   GLY A CA  1 
ATOM   190  C C   . GLY A 1 25  ? 4.440   -4.658  10.373  1.00 12.40 ? 26   GLY A C   1 
ATOM   191  O O   . GLY A 1 25  ? 4.847   -5.735  9.928   1.00 12.94 ? 26   GLY A O   1 
ATOM   192  N N   . CYS A 1 26  ? 3.189   -4.462  10.763  1.00 12.23 ? 27   CYS A N   1 
ATOM   193  C CA  . CYS A 1 26  ? 2.203   -5.531  10.796  1.00 12.60 ? 27   CYS A CA  1 
ATOM   194  C C   . CYS A 1 26  ? 1.383   -5.670  9.521   1.00 12.49 ? 27   CYS A C   1 
ATOM   195  O O   . CYS A 1 26  ? 0.800   -6.726  9.286   1.00 13.32 ? 27   CYS A O   1 
ATOM   196  C CB  . CYS A 1 26  ? 1.261   -5.309  11.980  1.00 12.44 ? 27   CYS A CB  1 
ATOM   197  S SG  . CYS A 1 26  ? 2.075   -5.481  13.585  1.00 14.19 ? 27   CYS A SG  1 
ATOM   198  N N   . TYR A 1 27  ? 1.345   -4.625  8.697   1.00 12.74 ? 28   TYR A N   1 
ATOM   199  C CA  . TYR A 1 27  ? 0.477   -4.634  7.515   1.00 13.03 ? 28   TYR A CA  1 
ATOM   200  C C   . TYR A 1 27  ? 1.117   -4.403  6.151   1.00 13.86 ? 28   TYR A C   1 
ATOM   201  O O   . TYR A 1 27  ? 0.428   -4.527  5.137   1.00 14.69 ? 28   TYR A O   1 
ATOM   202  C CB  . TYR A 1 27  ? -0.665  -3.636  7.716   1.00 12.80 ? 28   TYR A CB  1 
ATOM   203  C CG  . TYR A 1 27  ? -1.590  -4.105  8.810   1.00 12.21 ? 28   TYR A CG  1 
ATOM   204  C CD1 . TYR A 1 27  ? -1.376  -3.742  10.132  1.00 12.01 ? 28   TYR A CD1 1 
ATOM   205  C CD2 . TYR A 1 27  ? -2.635  -4.967  8.531   1.00 13.03 ? 28   TYR A CD2 1 
ATOM   206  C CE1 . TYR A 1 27  ? -2.199  -4.200  11.143  1.00 12.75 ? 28   TYR A CE1 1 
ATOM   207  C CE2 . TYR A 1 27  ? -3.462  -5.430  9.530   1.00 12.74 ? 28   TYR A CE2 1 
ATOM   208  C CZ  . TYR A 1 27  ? -3.242  -5.047  10.832  1.00 12.68 ? 28   TYR A CZ  1 
ATOM   209  O OH  . TYR A 1 27  ? -4.089  -5.525  11.810  1.00 13.65 ? 28   TYR A OH  1 
ATOM   210  N N   . CYS A 1 28  ? 2.406   -4.090  6.097   1.00 14.95 ? 29   CYS A N   1 
ATOM   211  C CA  . CYS A 1 28  ? 2.993   -3.685  4.816   1.00 16.02 ? 29   CYS A CA  1 
ATOM   212  C C   . CYS A 1 28  ? 3.592   -4.898  4.158   1.00 18.22 ? 29   CYS A C   1 
ATOM   213  O O   . CYS A 1 28  ? 4.502   -5.520  4.710   1.00 18.86 ? 29   CYS A O   1 
ATOM   214  C CB  . CYS A 1 28  ? 4.088   -2.636  4.969   1.00 15.71 ? 29   CYS A CB  1 
ATOM   215  S SG  . CYS A 1 28  ? 3.492   -1.027  5.502   1.00 13.01 ? 29   CYS A SG  1 
ATOM   216  N N   . GLY A 1 29  ? 3.086   -5.219  2.973   1.00 20.35 ? 30   GLY A N   1 
ATOM   217  C CA  . GLY A 1 29  ? 3.602   -6.324  2.191   1.00 22.14 ? 30   GLY A CA  1 
ATOM   218  C C   . GLY A 1 29  ? 3.060   -7.682  2.570   1.00 23.74 ? 30   GLY A C   1 
ATOM   219  O O   . GLY A 1 29  ? 3.207   -8.623  1.797   1.00 24.33 ? 30   GLY A O   1 
ATOM   220  N N   . TRP A 1 30  ? 2.461   -7.817  3.748   1.00 25.44 ? 31   TRP A N   1 
ATOM   221  C CA  . TRP A 1 30  ? 1.871   -9.102  4.133   1.00 26.71 ? 31   TRP A CA  1 
ATOM   222  C C   . TRP A 1 30  ? 0.968   -8.891  5.393   1.00 26.98 ? 31   TRP A C   1 
ATOM   223  O O   . TRP A 1 30  ? 1.072   -9.611  6.391   1.00 27.56 ? 31   TRP A O   1 
ATOM   224  C CB  . TRP A 1 30  ? 2.991   -10.170 4.261   1.00 27.18 ? 31   TRP A CB  1 
ATOM   225  C CG  . TRP A 1 30  ? 2.908   -11.606 3.690   1.00 29.20 ? 31   TRP A CG  1 
ATOM   226  C CD1 . TRP A 1 30  ? 3.140   -12.027 2.398   1.00 30.83 ? 31   TRP A CD1 1 
ATOM   227  C CD2 . TRP A 1 30  ? 2.799   -12.796 4.466   1.00 31.32 ? 31   TRP A CD2 1 
ATOM   228  N NE1 . TRP A 1 30  ? 3.101   -13.400 2.329   1.00 32.08 ? 31   TRP A NE1 1 
ATOM   229  C CE2 . TRP A 1 30  ? 2.890   -13.896 3.588   1.00 32.19 ? 31   TRP A CE2 1 
ATOM   230  C CE3 . TRP A 1 30  ? 2.589   -13.043 5.819   1.00 32.00 ? 31   TRP A CE3 1 
ATOM   231  C CZ2 . TRP A 1 30  ? 2.777   -15.211 4.030   1.00 32.82 ? 31   TRP A CZ2 1 
ATOM   232  C CZ3 . TRP A 1 30  ? 2.479   -14.335 6.251   1.00 32.93 ? 31   TRP A CZ3 1 
ATOM   233  C CH2 . TRP A 1 30  ? 2.573   -15.406 5.365   1.00 33.12 ? 31   TRP A CH2 1 
ATOM   234  N N   . GLY A 1 31  ? 0.118   -7.850  5.299   1.00 27.16 ? 32   GLY A N   1 
ATOM   235  C CA  . GLY A 1 31  ? -1.051  -7.575  6.149   1.00 26.93 ? 32   GLY A CA  1 
ATOM   236  C C   . GLY A 1 31  ? -1.649  -8.667  7.008   1.00 26.54 ? 32   GLY A C   1 
ATOM   237  O O   . GLY A 1 31  ? -1.185  -9.797  6.985   1.00 27.11 ? 32   GLY A O   1 
ATOM   238  N N   . GLY A 1 32  ? -2.644  -8.320  7.826   1.00 25.91 ? 33   GLY A N   1 
ATOM   239  C CA  . GLY A 1 32  ? -3.349  -9.339  8.591   1.00 24.89 ? 33   GLY A CA  1 
ATOM   240  C C   . GLY A 1 32  ? -3.893  -9.063  9.975   1.00 24.01 ? 33   GLY A C   1 
ATOM   241  O O   . GLY A 1 32  ? -5.110  -9.076  10.179  1.00 24.24 ? 33   GLY A O   1 
ATOM   242  N N   . LYS A 1 33  ? -3.004  -8.876  10.942  1.00 22.67 ? 34   LYS A N   1 
ATOM   243  C CA  . LYS A 1 33  ? -3.434  -8.719  12.327  1.00 21.68 ? 34   LYS A CA  1 
ATOM   244  C C   . LYS A 1 33  ? -2.533  -7.777  13.107  1.00 19.95 ? 34   LYS A C   1 
ATOM   245  O O   . LYS A 1 33  ? -1.441  -7.421  12.662  1.00 19.12 ? 34   LYS A O   1 
ATOM   246  C CB  . LYS A 1 33  ? -3.478  -10.085 13.023  1.00 21.99 ? 34   LYS A CB  1 
ATOM   247  C CG  . LYS A 1 33  ? -2.163  -10.836 12.997  1.00 23.76 ? 34   LYS A CG  1 
ATOM   248  C CD  . LYS A 1 33  ? -2.176  -12.038 13.925  1.00 25.48 ? 34   LYS A CD  1 
ATOM   249  C CE  . LYS A 1 33  ? -3.243  -13.047 13.531  1.00 26.91 ? 34   LYS A CE  1 
ATOM   250  N NZ  . LYS A 1 33  ? -3.145  -14.308 14.317  1.00 28.37 ? 34   LYS A NZ  1 
ATOM   251  N N   . GLY A 1 34  ? -3.015  -7.373  14.278  1.00 18.32 ? 35   GLY A N   1 
ATOM   252  C CA  . GLY A 1 34  ? -2.266  -6.508  15.166  1.00 17.44 ? 35   GLY A CA  1 
ATOM   253  C C   . GLY A 1 34  ? -2.588  -5.035  15.036  1.00 16.35 ? 35   GLY A C   1 
ATOM   254  O O   . GLY A 1 34  ? -3.323  -4.596  14.147  1.00 15.62 ? 35   GLY A O   1 
ATOM   255  N N   . THR A 1 35  ? -2.038  -4.264  15.959  1.00 15.78 ? 36   THR A N   1 
ATOM   256  C CA  . THR A 1 35  ? -2.180  -2.826  15.927  1.00 15.39 ? 36   THR A CA  1 
ATOM   257  C C   . THR A 1 35  ? -1.058  -2.299  15.052  1.00 14.25 ? 36   THR A C   1 
ATOM   258  O O   . THR A 1 35  ? 0.110   -2.585  15.317  1.00 14.50 ? 36   THR A O   1 
ATOM   259  C CB  . THR A 1 35  ? -2.035  -2.256  17.333  1.00 15.70 ? 36   THR A CB  1 
ATOM   260  O OG1 . THR A 1 35  ? -3.133  -2.696  18.147  1.00 17.60 ? 36   THR A OG1 1 
ATOM   261  C CG2 . THR A 1 35  ? -2.136  -0.741  17.326  1.00 16.47 ? 36   THR A CG2 1 
ATOM   262  N N   . PRO A 1 36  ? -1.374  -1.538  14.010  1.00 13.06 ? 37   PRO A N   1 
ATOM   263  C CA  . PRO A 1 36  ? -0.316  -0.994  13.164  1.00 12.60 ? 37   PRO A CA  1 
ATOM   264  C C   . PRO A 1 36  ? 0.713   -0.274  14.024  1.00 12.44 ? 37   PRO A C   1 
ATOM   265  O O   . PRO A 1 36  ? 0.362   0.408   14.995  1.00 13.05 ? 37   PRO A O   1 
ATOM   266  C CB  . PRO A 1 36  ? -1.067  -0.040  12.238  1.00 12.44 ? 37   PRO A CB  1 
ATOM   267  C CG  . PRO A 1 36  ? -2.408  -0.628  12.144  1.00 12.63 ? 37   PRO A CG  1 
ATOM   268  C CD  . PRO A 1 36  ? -2.704  -1.134  13.528  1.00 12.79 ? 37   PRO A CD  1 
ATOM   269  N N   . LYS A 1 37  ? 1.979   -0.424  13.667  1.00 12.25 ? 38   LYS A N   1 
ATOM   270  C CA  . LYS A 1 37  ? 3.068   0.102   14.481  1.00 12.39 ? 38   LYS A CA  1 
ATOM   271  C C   . LYS A 1 37  ? 3.253   1.608   14.450  1.00 11.99 ? 38   LYS A C   1 
ATOM   272  O O   . LYS A 1 37  ? 3.735   2.183   15.418  1.00 12.68 ? 38   LYS A O   1 
ATOM   273  C CB  . LYS A 1 37  ? 4.383   -0.553  14.067  1.00 12.54 ? 38   LYS A CB  1 
ATOM   274  C CG  . LYS A 1 37  ? 4.378   -2.076  14.151  1.00 14.16 ? 38   LYS A CG  1 
ATOM   275  C CD  . LYS A 1 37  ? 3.878   -2.593  15.491  1.00 15.51 ? 38   LYS A CD  1 
ATOM   276  C CE  . LYS A 1 37  ? 4.719   -2.095  16.645  1.00 16.12 ? 38   LYS A CE  1 
ATOM   277  N NZ  . LYS A 1 37  ? 4.225   -2.609  17.959  1.00 18.39 ? 38   LYS A NZ  1 
ATOM   278  N N   . ASP A 1 38  ? 2.910   2.254   13.343  1.00 11.35 ? 39   ASP A N   1 
ATOM   279  C CA  . ASP A 1 38  ? 3.091   3.686   13.186  1.00 11.10 ? 39   ASP A CA  1 
ATOM   280  C C   . ASP A 1 38  ? 2.264   4.156   11.989  1.00 10.64 ? 39   ASP A C   1 
ATOM   281  O O   . ASP A 1 38  ? 1.503   3.382   11.399  1.00 10.17 ? 39   ASP A O   1 
ATOM   282  C CB  . ASP A 1 38  ? 4.573   4.022   13.030  1.00 11.20 ? 39   ASP A CB  1 
ATOM   283  C CG  . ASP A 1 38  ? 5.170   3.507   11.746  1.00 10.98 ? 39   ASP A CG  1 
ATOM   284  O OD1 . ASP A 1 38  ? 4.465   2.845   10.953  1.00 10.78 ? 39   ASP A OD1 1 
ATOM   285  O OD2 . ASP A 1 38  ? 6.358   3.751   11.456  1.00 10.80 ? 39   ASP A OD2 1 
ATOM   286  N N   . ALA A 1 39  ? 2.394   5.426   11.635  1.00 10.17 ? 40   ALA A N   1 
ATOM   287  C CA  . ALA A 1 39  ? 1.574   5.994   10.570  1.00 10.13 ? 40   ALA A CA  1 
ATOM   288  C C   . ALA A 1 39  ? 1.785   5.286   9.229   1.00 9.77  ? 40   ALA A C   1 
ATOM   289  O O   . ALA A 1 39  ? 0.828   5.060   8.492   1.00 9.40  ? 40   ALA A O   1 
ATOM   290  C CB  . ALA A 1 39  ? 1.820   7.481   10.438  1.00 10.54 ? 40   ALA A CB  1 
ATOM   291  N N   . THR A 1 40  ? 3.030   4.957   8.900   1.00 9.52  ? 41   THR A N   1 
ATOM   292  C CA  . THR A 1 40  ? 3.331   4.241   7.663   1.00 9.30  ? 41   THR A CA  1 
ATOM   293  C C   . THR A 1 40  ? 2.607   2.901   7.638   1.00 8.95  ? 41   THR A C   1 
ATOM   294  O O   . THR A 1 40  ? 1.998   2.531   6.633   1.00 9.06  ? 41   THR A O   1 
ATOM   295  C CB  . THR A 1 40  ? 4.840   4.033   7.519   1.00 9.18  ? 41   THR A CB  1 
ATOM   296  O OG1 . THR A 1 40  ? 5.467   5.285   7.176   1.00 10.25 ? 41   THR A OG1 1 
ATOM   297  C CG2 . THR A 1 40  ? 5.161   3.093   6.358   1.00 9.61  ? 41   THR A CG2 1 
ATOM   298  N N   . ASP A 1 41  ? 2.673   2.169   8.742   1.00 9.03  ? 42   ASP A N   1 
ATOM   299  C CA  . ASP A 1 41  ? 1.976   0.890   8.840   1.00 9.53  ? 42   ASP A CA  1 
ATOM   300  C C   . ASP A 1 41  ? 0.455   1.092   8.691   1.00 9.39  ? 42   ASP A C   1 
ATOM   301  O O   . ASP A 1 41  ? -0.246  0.263   8.109   1.00 9.21  ? 42   ASP A O   1 
ATOM   302  C CB  . ASP A 1 41  ? 2.312   0.228   10.183  1.00 9.47  ? 42   ASP A CB  1 
ATOM   303  C CG  . ASP A 1 41  ? 2.142   -1.276  10.183  1.00 10.02 ? 42   ASP A CG  1 
ATOM   304  O OD1 . ASP A 1 41  ? 1.974   -1.898  9.109   1.00 11.22 ? 42   ASP A OD1 1 
ATOM   305  O OD2 . ASP A 1 41  ? 2.197   -1.905  11.262  1.00 11.26 ? 42   ASP A OD2 1 
ATOM   306  N N   . ARG A 1 42  ? -0.063  2.203   9.207   1.00 9.51  ? 43   ARG A N   1 
ATOM   307  C CA  . ARG A 1 42  ? -1.486  2.500   9.056   1.00 9.50  ? 43   ARG A CA  1 
ATOM   308  C C   . ARG A 1 42  ? -1.818  2.729   7.575   1.00 9.40  ? 43   ARG A C   1 
ATOM   309  O O   . ARG A 1 42  ? -2.914  2.390   7.133   1.00 9.19  ? 43   ARG A O   1 
ATOM   310  C CB  . ARG A 1 42  ? -1.917  3.682   9.922   1.00 9.62  ? 43   ARG A CB  1 
ATOM   311  C CG  . ARG A 1 42  ? -1.973  3.334   11.403  1.00 10.20 ? 43   ARG A CG  1 
ATOM   312  C CD  . ARG A 1 42  ? -2.700  4.355   12.252  1.00 10.73 ? 43   ARG A CD  1 
ATOM   313  N NE  . ARG A 1 42  ? -1.964  5.604   12.392  1.00 11.53 ? 43   ARG A NE  1 
ATOM   314  C CZ  . ARG A 1 42  ? -0.991  5.821   13.271  1.00 11.86 ? 43   ARG A CZ  1 
ATOM   315  N NH1 . ARG A 1 42  ? -0.589  4.865   14.098  1.00 11.63 ? 43   ARG A NH1 1 
ATOM   316  N NH2 . ARG A 1 42  ? -0.396  7.003   13.308  1.00 12.56 ? 43   ARG A NH2 1 
ATOM   317  N N   . CYS A 1 43  ? -0.886  3.281   6.806   1.00 9.35  ? 44   CYS A N   1 
ATOM   318  C CA  . CYS A 1 43  ? -1.110  3.418   5.368   1.00 9.31  ? 44   CYS A CA  1 
ATOM   319  C C   . CYS A 1 43  ? -1.385  2.040   4.769   1.00 9.11  ? 44   CYS A C   1 
ATOM   320  O O   . CYS A 1 43  ? -2.280  1.858   3.946   1.00 8.95  ? 44   CYS A O   1 
ATOM   321  C CB  . CYS A 1 43  ? 0.120   3.994   4.666   1.00 9.60  ? 44   CYS A CB  1 
ATOM   322  S SG  . CYS A 1 43  ? 0.606   5.662   5.126   1.00 10.02 ? 44   CYS A SG  1 
ATOM   323  N N   . CYS A 1 44  ? -0.595  1.065   5.186   1.00 9.35  ? 45   CYS A N   1 
ATOM   324  C CA  . CYS A 1 44  ? -0.740  -0.296  4.690   1.00 9.71  ? 45   CYS A CA  1 
ATOM   325  C C   . CYS A 1 44  ? -2.013  -0.952  5.191   1.00 9.68  ? 45   CYS A C   1 
ATOM   326  O O   . CYS A 1 44  ? -2.637  -1.701  4.451   1.00 9.44  ? 45   CYS A O   1 
ATOM   327  C CB  . CYS A 1 44  ? 0.471   -1.134  5.061   1.00 9.97  ? 45   CYS A CB  1 
ATOM   328  S SG  . CYS A 1 44  ? 1.964   -0.547  4.241   1.00 11.84 ? 45   CYS A SG  1 
ATOM   329  N N   . PHE A 1 45  ? -2.391  -0.691  6.438   1.00 9.43  ? 46   PHE A N   1 
ATOM   330  C CA  . PHE A 1 45  ? -3.637  -1.209  6.971   1.00 9.67  ? 46   PHE A CA  1 
ATOM   331  C C   . PHE A 1 45  ? -4.815  -0.733  6.111   1.00 9.26  ? 46   PHE A C   1 
ATOM   332  O O   . PHE A 1 45  ? -5.664  -1.526  5.674   1.00 9.76  ? 46   PHE A O   1 
ATOM   333  C CB  . PHE A 1 45  ? -3.839  -0.759  8.417   1.00 10.11 ? 46   PHE A CB  1 
ATOM   334  C CG  . PHE A 1 45  ? -5.151  -1.204  8.984   1.00 10.86 ? 46   PHE A CG  1 
ATOM   335  C CD1 . PHE A 1 45  ? -5.293  -2.480  9.486   1.00 13.01 ? 46   PHE A CD1 1 
ATOM   336  C CD2 . PHE A 1 45  ? -6.262  -0.381  8.956   1.00 12.61 ? 46   PHE A CD2 1 
ATOM   337  C CE1 . PHE A 1 45  ? -6.505  -2.924  9.983   1.00 14.08 ? 46   PHE A CE1 1 
ATOM   338  C CE2 . PHE A 1 45  ? -7.479  -0.826  9.457   1.00 12.47 ? 46   PHE A CE2 1 
ATOM   339  C CZ  . PHE A 1 45  ? -7.592  -2.098  9.971   1.00 13.78 ? 46   PHE A CZ  1 
ATOM   340  N N   . VAL A 1 46  ? -4.870  0.572   5.866   1.00 8.70  ? 47   VAL A N   1 
ATOM   341  C CA  . VAL A 1 46  ? -5.946  1.150   5.069   1.00 9.07  ? 47   VAL A CA  1 
ATOM   342  C C   . VAL A 1 46  ? -5.901  0.624   3.631   1.00 8.97  ? 47   VAL A C   1 
ATOM   343  O O   . VAL A 1 46  ? -6.943  0.351   3.045   1.00 9.28  ? 47   VAL A O   1 
ATOM   344  C CB  . VAL A 1 46  ? -5.903  2.697   5.113   1.00 9.43  ? 47   VAL A CB  1 
ATOM   345  C CG1 . VAL A 1 46  ? -6.908  3.297   4.135   1.00 9.25  ? 47   VAL A CG1 1 
ATOM   346  C CG2 . VAL A 1 46  ? -6.175  3.199   6.549   1.00 9.60  ? 47   VAL A CG2 1 
ATOM   347  N N   . HIS A 1 47  ? -4.709  0.463   3.071   1.00 8.91  ? 48   HIS A N   1 
ATOM   348  C CA  . HIS A 1 47  ? -4.547  -0.059  1.724   1.00 9.14  ? 48   HIS A CA  1 
ATOM   349  C C   . HIS A 1 47  ? -5.080  -1.486  1.650   1.00 9.12  ? 48   HIS A C   1 
ATOM   350  O O   . HIS A 1 47  ? -5.743  -1.859  0.684   1.00 9.20  ? 48   HIS A O   1 
ATOM   351  C CB  . HIS A 1 47  ? -3.073  0.005   1.337   1.00 8.98  ? 48   HIS A CB  1 
ATOM   352  C CG  . HIS A 1 47  ? -2.798  -0.389  -0.078  1.00 8.96  ? 48   HIS A CG  1 
ATOM   353  N ND1 . HIS A 1 47  ? -2.132  -1.549  -0.399  1.00 9.93  ? 48   HIS A ND1 1 
ATOM   354  C CD2 . HIS A 1 47  ? -3.070  0.228   -1.251  1.00 8.72  ? 48   HIS A CD2 1 
ATOM   355  C CE1 . HIS A 1 47  ? -2.028  -1.644  -1.712  1.00 9.60  ? 48   HIS A CE1 1 
ATOM   356  N NE2 . HIS A 1 47  ? -2.586  -0.577  -2.255  1.00 9.22  ? 48   HIS A NE2 1 
ATOM   357  N N   . ASP A 1 48  ? -4.811  -2.283  2.678   1.00 9.39  ? 49   ASP A N   1 
ATOM   358  C CA  . ASP A 1 48  ? -5.335  -3.648  2.739   1.00 10.11 ? 49   ASP A CA  1 
ATOM   359  C C   . ASP A 1 48  ? -6.870  -3.612  2.770   1.00 9.90  ? 49   ASP A C   1 
ATOM   360  O O   . ASP A 1 48  ? -7.533  -4.363  2.060   1.00 10.29 ? 49   ASP A O   1 
ATOM   361  C CB  . ASP A 1 48  ? -4.830  -4.388  3.980   1.00 10.63 ? 49   ASP A CB  1 
ATOM   362  C CG  . ASP A 1 48  ? -3.356  -4.718  3.925   1.00 12.77 ? 49   ASP A CG  1 
ATOM   363  O OD1 . ASP A 1 48  ? -2.714  -4.584  2.866   1.00 13.73 ? 49   ASP A OD1 1 
ATOM   364  O OD2 . ASP A 1 48  ? -2.753  -5.115  4.944   1.00 17.78 ? 49   ASP A OD2 1 
ATOM   365  N N   . CYS A 1 49  ? -7.434  -2.737  3.598   1.00 9.76  ? 50   CYS A N   1 
ATOM   366  C CA  . CYS A 1 49  ? -8.881  -2.570  3.658   1.00 10.06 ? 50   CYS A CA  1 
ATOM   367  C C   . CYS A 1 49  ? -9.437  -2.146  2.304   1.00 10.12 ? 50   CYS A C   1 
ATOM   368  O O   . CYS A 1 49  ? -10.502 -2.595  1.884   1.00 10.85 ? 50   CYS A O   1 
ATOM   369  C CB  . CYS A 1 49  ? -9.252  -1.514  4.700   1.00 10.45 ? 50   CYS A CB  1 
ATOM   370  S SG  . CYS A 1 49  ? -8.881  -1.982  6.408   1.00 11.11 ? 50   CYS A SG  1 
ATOM   371  N N   . CYS A 1 50  ? -8.713  -1.264  1.631   1.00 9.77  ? 51   CYS A N   1 
ATOM   372  C CA  . CYS A 1 50  ? -9.124  -0.741  0.336   1.00 9.75  ? 51   CYS A CA  1 
ATOM   373  C C   . CYS A 1 50  ? -9.221  -1.883  -0.689  1.00 9.82  ? 51   CYS A C   1 
ATOM   374  O O   . CYS A 1 50  ? -10.225 -2.017  -1.407  1.00 10.06 ? 51   CYS A O   1 
ATOM   375  C CB  . CYS A 1 50  ? -8.156  0.361   -0.087  1.00 9.67  ? 51   CYS A CB  1 
ATOM   376  S SG  . CYS A 1 50  ? -8.788  1.452   -1.392  1.00 9.74  ? 51   CYS A SG  1 
ATOM   377  N N   . TYR A 1 51  ? -8.202  -2.729  -0.733  1.00 10.00 ? 52   TYR A N   1 
ATOM   378  C CA  . TYR A 1 51  ? -8.230  -3.899  -1.600  1.00 10.58 ? 52   TYR A CA  1 
ATOM   379  C C   . TYR A 1 51  ? -9.368  -4.829  -1.156  1.00 11.48 ? 52   TYR A C   1 
ATOM   380  O O   . TYR A 1 51  ? -10.022 -5.468  -1.985  1.00 12.12 ? 52   TYR A O   1 
ATOM   381  C CB  . TYR A 1 51  ? -6.908  -4.648  -1.536  1.00 10.39 ? 52   TYR A CB  1 
ATOM   382  C CG  . TYR A 1 51  ? -5.798  -4.115  -2.424  1.00 10.31 ? 52   TYR A CG  1 
ATOM   383  C CD1 . TYR A 1 51  ? -5.929  -2.945  -3.166  1.00 9.52  ? 52   TYR A CD1 1 
ATOM   384  C CD2 . TYR A 1 51  ? -4.607  -4.799  -2.507  1.00 10.64 ? 52   TYR A CD2 1 
ATOM   385  C CE1 . TYR A 1 51  ? -4.886  -2.495  -3.967  1.00 9.93  ? 52   TYR A CE1 1 
ATOM   386  C CE2 . TYR A 1 51  ? -3.578  -4.360  -3.290  1.00 10.83 ? 52   TYR A CE2 1 
ATOM   387  C CZ  . TYR A 1 51  ? -3.719  -3.208  -4.019  1.00 9.86  ? 52   TYR A CZ  1 
ATOM   388  O OH  . TYR A 1 51  ? -2.663  -2.795  -4.803  1.00 10.12 ? 52   TYR A OH  1 
ATOM   389  N N   . GLY A 1 52  ? -9.601  -4.899  0.156   1.00 12.37 ? 53   GLY A N   1 
ATOM   390  C CA  . GLY A 1 52  ? -10.661 -5.726  0.715   1.00 13.31 ? 53   GLY A CA  1 
ATOM   391  C C   . GLY A 1 52  ? -12.045 -5.299  0.262   1.00 13.48 ? 53   GLY A C   1 
ATOM   392  O O   . GLY A 1 52  ? -12.978 -6.111  0.262   1.00 14.86 ? 53   GLY A O   1 
ATOM   393  N N   . ASN A 1 53  ? -12.184 -4.028  -0.107  1.00 13.52 ? 54   ASN A N   1 
ATOM   394  C CA  . ASN A 1 53  ? -13.436 -3.493  -0.628  1.00 14.08 ? 54   ASN A CA  1 
ATOM   395  C C   . ASN A 1 53  ? -13.717 -4.058  -2.042  1.00 13.87 ? 54   ASN A C   1 
ATOM   396  O O   . ASN A 1 53  ? -14.821 -3.888  -2.556  1.00 14.19 ? 54   ASN A O   1 
ATOM   397  C CB  . ASN A 1 53  ? -13.411 -1.942  -0.728  1.00 14.44 ? 54   ASN A CB  1 
ATOM   398  C CG  . ASN A 1 53  ? -13.173 -1.214  0.615   1.00 15.16 ? 54   ASN A CG  1 
ATOM   399  O OD1 . ASN A 1 53  ? -13.611 -1.678  1.671   1.00 17.70 ? 54   ASN A OD1 1 
ATOM   400  N ND2 . ASN A 1 53  ? -12.501 -0.026  0.556   1.00 14.83 ? 54   ASN A ND2 1 
ATOM   401  N N   . LEU A 1 54  ? -12.727 -4.715  -2.661  1.00 13.46 ? 55   LEU A N   1 
ATOM   402  C CA  . LEU A 1 54  ? -12.815 -5.191  -4.057  1.00 13.28 ? 55   LEU A CA  1 
ATOM   403  C C   . LEU A 1 54  ? -12.598 -6.700  -4.187  1.00 13.41 ? 55   LEU A C   1 
ATOM   404  O O   . LEU A 1 54  ? -11.664 -7.146  -4.852  1.00 12.38 ? 55   LEU A O   1 
ATOM   405  C CB  . LEU A 1 54  ? -11.765 -4.473  -4.918  1.00 13.29 ? 55   LEU A CB  1 
ATOM   406  C CG  . LEU A 1 54  ? -11.578 -2.981  -4.638  1.00 13.78 ? 55   LEU A CG  1 
ATOM   407  C CD1 . LEU A 1 54  ? -10.357 -2.425  -5.371  1.00 13.39 ? 55   LEU A CD1 1 
ATOM   408  C CD2 . LEU A 1 54  ? -12.834 -2.217  -5.019  1.00 15.07 ? 55   LEU A CD2 1 
ATOM   409  N N   . PRO A 1 55  ? -13.474 -7.501  -3.586  1.00 13.99 ? 56   PRO A N   1 
ATOM   410  C CA  . PRO A 1 55  ? -13.289 -8.955  -3.550  1.00 14.29 ? 56   PRO A CA  1 
ATOM   411  C C   . PRO A 1 55  ? -13.312 -9.636  -4.912  1.00 13.84 ? 56   PRO A C   1 
ATOM   412  O O   . PRO A 1 55  ? -12.765 -10.724 -5.042  1.00 14.06 ? 56   PRO A O   1 
ATOM   413  C CB  . PRO A 1 55  ? -14.489 -9.419  -2.714  1.00 14.65 ? 56   PRO A CB  1 
ATOM   414  C CG  . PRO A 1 55  ? -15.481 -8.399  -2.930  1.00 14.90 ? 56   PRO A CG  1 
ATOM   415  C CD  . PRO A 1 55  ? -14.714 -7.109  -2.897  1.00 14.49 ? 56   PRO A CD  1 
ATOM   416  N N   . ASP A 1 56  ? -13.941 -8.953  -5.948  1.00 12.21 ? 59   ASP A N   1 
ATOM   417  C CA  . ASP A 1 56  ? -14.022 -9.565  -7.268  1.00 12.50 ? 59   ASP A CA  1 
ATOM   418  C C   . ASP A 1 56  ? -13.066 -8.885  -8.241  1.00 12.10 ? 59   ASP A C   1 
ATOM   419  O O   . ASP A 1 56  ? -13.120 -9.090  -9.455  1.00 12.05 ? 59   ASP A O   1 
ATOM   420  C CB  . ASP A 1 56  ? -15.458 -9.498  -7.763  1.00 12.71 ? 59   ASP A CB  1 
ATOM   421  C CG  . ASP A 1 56  ? -16.370 -10.412 -6.982  1.00 14.73 ? 59   ASP A CG  1 
ATOM   422  O OD1 . ASP A 1 56  ? -17.603 -10.211 -7.032  1.00 17.87 ? 59   ASP A OD1 1 
ATOM   423  O OD2 . ASP A 1 56  ? -15.933 -11.360 -6.299  1.00 17.33 ? 59   ASP A OD2 1 
ATOM   424  N N   . CYS A 1 57  ? -12.015 -8.124  -7.671  1.00 10.33 ? 61   CYS A N   1 
ATOM   425  C CA  . CYS A 1 57  ? -10.928 -7.567  -8.447  1.00 10.51 ? 61   CYS A CA  1 
ATOM   426  C C   . CYS A 1 57  ? -9.656  -8.298  -8.075  1.00 10.53 ? 61   CYS A C   1 
ATOM   427  O O   . CYS A 1 57  ? -9.608  -9.047  -7.102  1.00 11.59 ? 61   CYS A O   1 
ATOM   428  C CB  . CYS A 1 57  ? -10.792 -6.075  -8.179  1.00 10.14 ? 61   CYS A CB  1 
ATOM   429  S SG  . CYS A 1 57  ? -12.285 -5.147  -8.596  1.00 10.50 ? 61   CYS A SG  1 
ATOM   430  N N   . ASN A 1 58  ? -8.577  -8.128  -8.863  1.00 10.47 ? 67   ASN A N   1 
ATOM   431  C CA  . ASN A 1 58  ? -7.311  -8.821  -8.687  1.00 10.73 ? 67   ASN A CA  1 
ATOM   432  C C   . ASN A 1 58  ? -6.177  -7.797  -8.703  1.00 11.10 ? 67   ASN A C   1 
ATOM   433  O O   . ASN A 1 58  ? -5.463  -7.662  -9.682  1.00 11.00 ? 67   ASN A O   1 
ATOM   434  C CB  . ASN A 1 58  ? -7.166  -9.878  -9.778  1.00 11.16 ? 67   ASN A CB  1 
ATOM   435  C CG  . ASN A 1 58  ? -8.239  -10.948 -9.677  1.00 11.78 ? 67   ASN A CG  1 
ATOM   436  O OD1 . ASN A 1 58  ? -8.106  -11.891 -8.906  1.00 13.75 ? 67   ASN A OD1 1 
ATOM   437  N ND2 . ASN A 1 58  ? -9.325  -10.786 -10.427 1.00 11.15 ? 67   ASN A ND2 1 
ATOM   438  N N   . PRO A 1 59  ? -6.030  -7.051  -7.609  1.00 12.18 ? 68   PRO A N   1 
ATOM   439  C CA  . PRO A 1 59  ? -5.058  -5.948  -7.558  1.00 13.01 ? 68   PRO A CA  1 
ATOM   440  C C   . PRO A 1 59  ? -3.583  -6.316  -7.697  1.00 13.40 ? 68   PRO A C   1 
ATOM   441  O O   . PRO A 1 59  ? -2.776  -5.453  -8.044  1.00 13.85 ? 68   PRO A O   1 
ATOM   442  C CB  . PRO A 1 59  ? -5.327  -5.322  -6.191  1.00 13.55 ? 68   PRO A CB  1 
ATOM   443  C CG  . PRO A 1 59  ? -5.919  -6.375  -5.424  1.00 14.21 ? 68   PRO A CG  1 
ATOM   444  C CD  . PRO A 1 59  ? -6.791  -7.151  -6.355  1.00 12.15 ? 68   PRO A CD  1 
ATOM   445  N N   . LYS A 1 60  ? -3.221  -7.564  -7.469  1.00 13.29 ? 69   LYS A N   1 
ATOM   446  C CA  . LYS A 1 60  ? -1.834  -7.965  -7.615  1.00 14.03 ? 69   LYS A CA  1 
ATOM   447  C C   . LYS A 1 60  ? -1.384  -7.961  -9.071  1.00 13.25 ? 69   LYS A C   1 
ATOM   448  O O   . LYS A 1 60  ? -0.256  -7.582  -9.378  1.00 13.77 ? 69   LYS A O   1 
ATOM   449  C CB  . LYS A 1 60  ? -1.667  -9.360  -7.028  1.00 14.79 ? 69   LYS A CB  1 
ATOM   450  C CG  . LYS A 1 60  ? -2.112  -9.426  -5.581  1.00 18.42 ? 69   LYS A CG  1 
ATOM   451  C CD  . LYS A 1 60  ? -0.973  -9.140  -4.643  1.00 22.02 ? 69   LYS A CD  1 
ATOM   452  C CE  . LYS A 1 60  ? -1.036  -10.036 -3.417  1.00 23.34 ? 69   LYS A CE  1 
ATOM   453  N NZ  . LYS A 1 60  ? -1.665  -11.378 -3.556  1.00 25.26 ? 69   LYS A NZ  1 
ATOM   454  N N   . SER A 1 61  ? -2.279  -8.374  -9.969  1.00 12.48 ? 70   SER A N   1 
ATOM   455  C CA  . SER A 1 61  ? -1.933  -8.566  -11.370 1.00 12.17 ? 70   SER A CA  1 
ATOM   456  C C   . SER A 1 61  ? -2.590  -7.623  -12.366 1.00 11.32 ? 70   SER A C   1 
ATOM   457  O O   . SER A 1 61  ? -2.040  -7.393  -13.436 1.00 12.35 ? 70   SER A O   1 
ATOM   458  C CB  . SER A 1 61  ? -2.281  -10.003 -11.777 1.00 12.65 ? 70   SER A CB  1 
ATOM   459  O OG  . SER A 1 61  ? -3.674  -10.247 -11.633 1.00 13.86 ? 70   SER A OG  1 
ATOM   460  N N   . ASP A 1 62  ? -3.756  -7.080  -12.032 1.00 10.41 ? 71   ASP A N   1 
ATOM   461  C CA  . ASP A 1 62  ? -4.500  -6.249  -12.973 1.00 9.86  ? 71   ASP A CA  1 
ATOM   462  C C   . ASP A 1 62  ? -3.788  -4.909  -13.087 1.00 9.87  ? 71   ASP A C   1 
ATOM   463  O O   . ASP A 1 62  ? -3.501  -4.265  -12.079 1.00 10.71 ? 71   ASP A O   1 
ATOM   464  C CB  . ASP A 1 62  ? -5.934  -6.076  -12.486 1.00 9.63  ? 71   ASP A CB  1 
ATOM   465  C CG  . ASP A 1 62  ? -6.869  -5.556  -13.546 1.00 9.10  ? 71   ASP A CG  1 
ATOM   466  O OD1 . ASP A 1 62  ? -6.427  -5.232  -14.680 1.00 9.73  ? 71   ASP A OD1 1 
ATOM   467  O OD2 . ASP A 1 62  ? -8.093  -5.448  -13.290 1.00 9.13  ? 71   ASP A OD2 1 
ATOM   468  N N   . ARG A 1 63  ? -3.501  -4.502  -14.318 1.00 9.89  ? 72   ARG A N   1 
ATOM   469  C CA  . ARG A 1 63  ? -2.783  -3.259  -14.585 1.00 10.27 ? 72   ARG A CA  1 
ATOM   470  C C   . ARG A 1 63  ? -3.729  -2.104  -14.852 1.00 10.47 ? 72   ARG A C   1 
ATOM   471  O O   . ARG A 1 63  ? -4.716  -2.255  -15.564 1.00 10.61 ? 72   ARG A O   1 
ATOM   472  C CB  . ARG A 1 63  ? -1.890  -3.429  -15.816 1.00 10.39 ? 72   ARG A CB  1 
ATOM   473  C CG  . ARG A 1 63  ? -0.823  -4.486  -15.650 1.00 11.60 ? 72   ARG A CG  1 
ATOM   474  C CD  . ARG A 1 63  ? 0.224   -4.469  -16.755 1.00 12.62 ? 72   ARG A CD  1 
ATOM   475  N NE  . ARG A 1 63  ? 1.065   -5.658  -16.742 1.00 14.12 ? 72   ARG A NE  1 
ATOM   476  C CZ  . ARG A 1 63  ? 2.155   -5.815  -17.479 1.00 15.93 ? 72   ARG A CZ  1 
ATOM   477  N NH1 . ARG A 1 63  ? 2.844   -6.944  -17.402 1.00 16.73 ? 72   ARG A NH1 1 
ATOM   478  N NH2 . ARG A 1 63  ? 2.560   -4.847  -18.284 1.00 15.94 ? 72   ARG A NH2 1 
ATOM   479  N N   . TYR A 1 64  ? -3.400  -0.941  -14.308 1.00 10.97 ? 73   TYR A N   1 
ATOM   480  C CA  . TYR A 1 64  ? -4.164  0.273   -14.545 1.00 11.11 ? 73   TYR A CA  1 
ATOM   481  C C   . TYR A 1 64  ? -3.212  1.306   -15.155 1.00 11.49 ? 73   TYR A C   1 
ATOM   482  O O   . TYR A 1 64  ? -1.991  1.141   -15.111 1.00 12.43 ? 73   TYR A O   1 
ATOM   483  C CB  . TYR A 1 64  ? -4.771  0.810   -13.233 1.00 10.95 ? 73   TYR A CB  1 
ATOM   484  C CG  . TYR A 1 64  ? -3.772  0.957   -12.103 1.00 10.88 ? 73   TYR A CG  1 
ATOM   485  C CD1 . TYR A 1 64  ? -2.889  2.026   -12.062 1.00 10.56 ? 73   TYR A CD1 1 
ATOM   486  C CD2 . TYR A 1 64  ? -3.695  0.007   -11.091 1.00 10.15 ? 73   TYR A CD2 1 
ATOM   487  C CE1 . TYR A 1 64  ? -1.962  2.144   -11.047 1.00 10.61 ? 73   TYR A CE1 1 
ATOM   488  C CE2 . TYR A 1 64  ? -2.777  0.121   -10.065 1.00 9.14  ? 73   TYR A CE2 1 
ATOM   489  C CZ  . TYR A 1 64  ? -1.906  1.190   -10.054 1.00 10.30 ? 73   TYR A CZ  1 
ATOM   490  O OH  . TYR A 1 64  ? -0.975  1.329   -9.049  1.00 10.41 ? 73   TYR A OH  1 
ATOM   491  N N   . LYS A 1 65  ? -3.776  2.373   -15.706 1.00 11.92 ? 74   LYS A N   1 
ATOM   492  C CA  . LYS A 1 65  ? -2.981  3.468   -16.254 1.00 12.34 ? 74   LYS A CA  1 
ATOM   493  C C   . LYS A 1 65  ? -3.202  4.729   -15.435 1.00 12.12 ? 74   LYS A C   1 
ATOM   494  O O   . LYS A 1 65  ? -4.307  4.993   -14.970 1.00 12.14 ? 74   LYS A O   1 
ATOM   495  C CB  . LYS A 1 65  ? -3.353  3.755   -17.710 1.00 12.91 ? 74   LYS A CB  1 
ATOM   496  C CG  . LYS A 1 65  ? -3.059  2.609   -18.676 1.00 14.29 ? 74   LYS A CG  1 
ATOM   497  C CD  . LYS A 1 65  ? -1.566  2.363   -18.868 1.00 16.09 ? 74   LYS A CD  1 
ATOM   498  C CE  . LYS A 1 65  ? -1.302  1.300   -19.928 1.00 17.54 ? 74   LYS A CE  1 
ATOM   499  N NZ  . LYS A 1 65  ? 0.150   1.147   -20.250 1.00 18.94 ? 74   LYS A NZ  1 
ATOM   500  N N   . TYR A 1 66  ? -2.139  5.495   -15.257 1.00 12.41 ? 75   TYR A N   1 
ATOM   501  C CA  . TYR A 1 66  ? -2.243  6.765   -14.561 1.00 12.58 ? 75   TYR A CA  1 
ATOM   502  C C   . TYR A 1 66  ? -1.213  7.705   -15.142 1.00 13.17 ? 75   TYR A C   1 
ATOM   503  O O   . TYR A 1 66  ? -0.274  7.270   -15.814 1.00 13.63 ? 75   TYR A O   1 
ATOM   504  C CB  . TYR A 1 66  ? -2.060  6.606   -13.048 1.00 12.57 ? 75   TYR A CB  1 
ATOM   505  C CG  . TYR A 1 66  ? -0.658  6.309   -12.582 1.00 11.81 ? 75   TYR A CG  1 
ATOM   506  C CD1 . TYR A 1 66  ? 0.177   7.320   -12.136 1.00 12.61 ? 75   TYR A CD1 1 
ATOM   507  C CD2 . TYR A 1 66  ? -0.179  5.013   -12.555 1.00 11.13 ? 75   TYR A CD2 1 
ATOM   508  C CE1 . TYR A 1 66  ? 1.452   7.045   -11.689 1.00 12.32 ? 75   TYR A CE1 1 
ATOM   509  C CE2 . TYR A 1 66  ? 1.087   4.730   -12.119 1.00 12.22 ? 75   TYR A CE2 1 
ATOM   510  C CZ  . TYR A 1 66  ? 1.903   5.747   -11.683 1.00 12.16 ? 75   TYR A CZ  1 
ATOM   511  O OH  . TYR A 1 66  ? 3.172   5.454   -11.235 1.00 13.49 ? 75   TYR A OH  1 
ATOM   512  N N   . LYS A 1 67  ? -1.408  8.995   -14.900 1.00 14.00 ? 76   LYS A N   1 
ATOM   513  C CA  . LYS A 1 67  ? -0.484  10.014  -15.360 1.00 14.62 ? 76   LYS A CA  1 
ATOM   514  C C   . LYS A 1 67  ? -0.230  10.983  -14.217 1.00 15.30 ? 76   LYS A C   1 
ATOM   515  O O   . LYS A 1 67  ? -0.864  10.913  -13.165 1.00 14.35 ? 76   LYS A O   1 
ATOM   516  C CB  . LYS A 1 67  ? -1.055  10.774  -16.553 1.00 14.76 ? 76   LYS A CB  1 
ATOM   517  C CG  . LYS A 1 67  ? -2.344  11.488  -16.239 1.00 15.36 ? 76   LYS A CG  1 
ATOM   518  C CD  . LYS A 1 67  ? -2.890  12.178  -17.472 1.00 17.01 ? 76   LYS A CD  1 
ATOM   519  C CE  . LYS A 1 67  ? -4.233  12.806  -17.200 1.00 18.15 ? 76   LYS A CE  1 
ATOM   520  N NZ  . LYS A 1 67  ? -4.763  13.476  -18.414 1.00 19.76 ? 76   LYS A NZ  1 
ATOM   521  N N   . ARG A 1 68  ? 0.703   11.895  -14.446 1.00 16.98 ? 77   ARG A N   1 
ATOM   522  C CA  . ARG A 1 68  ? 1.060   12.921  -13.486 1.00 18.19 ? 77   ARG A CA  1 
ATOM   523  C C   . ARG A 1 68  ? 0.652   14.256  -14.075 1.00 19.08 ? 77   ARG A C   1 
ATOM   524  O O   . ARG A 1 68  ? 0.995   14.568  -15.219 1.00 19.57 ? 77   ARG A O   1 
ATOM   525  C CB  . ARG A 1 68  ? 2.568   12.936  -13.244 1.00 18.49 ? 77   ARG A CB  1 
ATOM   526  C CG  . ARG A 1 68  ? 3.102   11.738  -12.501 1.00 19.15 ? 77   ARG A CG  1 
ATOM   527  C CD  . ARG A 1 68  ? 2.905   11.806  -10.992 1.00 19.53 ? 77   ARG A CD  1 
ATOM   528  N NE  . ARG A 1 68  ? 3.428   10.638  -10.296 1.00 18.91 ? 77   ARG A NE  1 
ATOM   529  C CZ  . ARG A 1 68  ? 3.522   10.535  -8.977  1.00 17.96 ? 77   ARG A CZ  1 
ATOM   530  N NH1 . ARG A 1 68  ? 3.118   11.533  -8.193  1.00 17.92 ? 77   ARG A NH1 1 
ATOM   531  N NH2 . ARG A 1 68  ? 4.001   9.429   -8.424  1.00 18.65 ? 77   ARG A NH2 1 
ATOM   532  N N   . VAL A 1 69  ? -0.107  15.028  -13.316 1.00 20.03 ? 78   VAL A N   1 
ATOM   533  C CA  . VAL A 1 69  ? -0.490  16.356  -13.744 1.00 21.00 ? 78   VAL A CA  1 
ATOM   534  C C   . VAL A 1 69  ? 0.240   17.225  -12.744 1.00 21.81 ? 78   VAL A C   1 
ATOM   535  O O   . VAL A 1 69  ? -0.146  17.308  -11.576 1.00 21.59 ? 78   VAL A O   1 
ATOM   536  C CB  . VAL A 1 69  ? -2.004  16.572  -13.696 1.00 21.10 ? 78   VAL A CB  1 
ATOM   537  C CG1 . VAL A 1 69  ? -2.366  17.999  -14.091 1.00 21.57 ? 78   VAL A CG1 1 
ATOM   538  C CG2 . VAL A 1 69  ? -2.699  15.580  -14.611 1.00 21.40 ? 78   VAL A CG2 1 
ATOM   539  N N   . ASN A 1 70  ? 1.313   17.855  -13.195 1.00 22.93 ? 79   ASN A N   1 
ATOM   540  C CA  . ASN A 1 70  ? 2.175   18.566  -12.267 1.00 23.70 ? 79   ASN A CA  1 
ATOM   541  C C   . ASN A 1 70  ? 2.282   18.021  -10.814 1.00 23.29 ? 79   ASN A C   1 
ATOM   542  O O   . ASN A 1 70  ? 1.819   18.677  -9.881  1.00 24.31 ? 79   ASN A O   1 
ATOM   543  C CB  . ASN A 1 70  ? 1.549   19.942  -12.220 1.00 24.27 ? 79   ASN A CB  1 
ATOM   544  C CG  . ASN A 1 70  ? 2.282   20.940  -13.057 1.00 25.83 ? 79   ASN A CG  1 
ATOM   545  O OD1 . ASN A 1 70  ? 2.379   20.808  -14.279 1.00 28.73 ? 79   ASN A OD1 1 
ATOM   546  N ND2 . ASN A 1 70  ? 2.805   21.965  -12.403 1.00 27.85 ? 79   ASN A ND2 1 
ATOM   547  N N   . GLY A 1 71  ? 2.891   16.850  -10.606 1.00 22.30 ? 80   GLY A N   1 
ATOM   548  C CA  . GLY A 1 71  ? 3.003   16.265  -9.266  1.00 20.98 ? 80   GLY A CA  1 
ATOM   549  C C   . GLY A 1 71  ? 1.881   15.283  -8.918  1.00 19.43 ? 80   GLY A C   1 
ATOM   550  O O   . GLY A 1 71  ? 2.117   14.167  -8.436  1.00 19.26 ? 80   GLY A O   1 
ATOM   551  N N   . ALA A 1 72  ? 0.647   15.699  -9.172  1.00 17.71 ? 81   ALA A N   1 
ATOM   552  C CA  . ALA A 1 72  ? -0.534  14.908  -8.831  1.00 16.36 ? 81   ALA A CA  1 
ATOM   553  C C   . ALA A 1 72  ? -0.702  13.632  -9.661  1.00 15.13 ? 81   ALA A C   1 
ATOM   554  O O   . ALA A 1 72  ? -0.429  13.605  -10.859 1.00 15.34 ? 81   ALA A O   1 
ATOM   555  C CB  . ALA A 1 72  ? -1.781  15.770  -8.962  1.00 16.53 ? 81   ALA A CB  1 
ATOM   556  N N   . ILE A 1 73  ? -1.165  12.577  -9.002  1.00 13.98 ? 82   ILE A N   1 
ATOM   557  C CA  . ILE A 1 73  ? -1.458  11.322  -9.658  1.00 13.24 ? 82   ILE A CA  1 
ATOM   558  C C   . ILE A 1 73  ? -2.898  11.378  -10.132 1.00 13.01 ? 82   ILE A C   1 
ATOM   559  O O   . ILE A 1 73  ? -3.796  11.709  -9.367  1.00 13.18 ? 82   ILE A O   1 
ATOM   560  C CB  . ILE A 1 73  ? -1.300  10.167  -8.668  1.00 12.86 ? 82   ILE A CB  1 
ATOM   561  C CG1 . ILE A 1 73  ? 0.160   10.032  -8.238  1.00 13.22 ? 82   ILE A CG1 1 
ATOM   562  C CG2 . ILE A 1 73  ? -1.830  8.871   -9.278  1.00 12.70 ? 82   ILE A CG2 1 
ATOM   563  C CD1 . ILE A 1 73  ? 0.350   9.067   -7.102  1.00 14.18 ? 82   ILE A CD1 1 
ATOM   564  N N   . VAL A 1 74  ? -3.102  11.093  -11.415 1.00 12.69 ? 83   VAL A N   1 
ATOM   565  C CA  . VAL A 1 74  ? -4.435  11.043  -11.992 1.00 13.02 ? 83   VAL A CA  1 
ATOM   566  C C   . VAL A 1 74  ? -4.673  9.665   -12.595 1.00 12.92 ? 83   VAL A C   1 
ATOM   567  O O   . VAL A 1 74  ? -4.044  9.299   -13.581 1.00 12.86 ? 83   VAL A O   1 
ATOM   568  C CB  . VAL A 1 74  ? -4.638  12.133  -13.068 1.00 13.41 ? 83   VAL A CB  1 
ATOM   569  C CG1 . VAL A 1 74  ? -6.035  12.051  -13.642 1.00 13.72 ? 83   VAL A CG1 1 
ATOM   570  C CG2 . VAL A 1 74  ? -4.379  13.521  -12.475 1.00 14.41 ? 83   VAL A CG2 1 
ATOM   571  N N   . CYS A 1 75  ? -5.569  8.902   -11.980 1.00 12.64 ? 84   CYS A N   1 
ATOM   572  C CA  . CYS A 1 75  ? -5.928  7.581   -12.471 1.00 12.99 ? 84   CYS A CA  1 
ATOM   573  C C   . CYS A 1 75  ? -6.757  7.729   -13.745 1.00 13.57 ? 84   CYS A C   1 
ATOM   574  O O   . CYS A 1 75  ? -7.797  8.385   -13.735 1.00 15.04 ? 84   CYS A O   1 
ATOM   575  C CB  . CYS A 1 75  ? -6.722  6.819   -11.407 1.00 12.66 ? 84   CYS A CB  1 
ATOM   576  S SG  . CYS A 1 75  ? -5.770  6.341   -9.936  1.00 11.77 ? 84   CYS A SG  1 
ATOM   577  N N   . GLU A 1 76  ? -6.285  7.130   -14.833 1.00 13.58 ? 85   GLU A N   1 
ATOM   578  C CA  . GLU A 1 76  ? -6.977  7.183   -16.118 1.00 14.33 ? 85   GLU A CA  1 
ATOM   579  C C   . GLU A 1 76  ? -8.040  6.078   -16.178 1.00 14.53 ? 85   GLU A C   1 
ATOM   580  O O   . GLU A 1 76  ? -7.940  5.066   -15.485 1.00 15.72 ? 85   GLU A O   1 
ATOM   581  C CB  . GLU A 1 76  ? -5.955  7.078   -17.250 1.00 14.52 ? 85   GLU A CB  1 
ATOM   582  C CG  . GLU A 1 76  ? -5.087  8.333   -17.330 1.00 15.39 ? 85   GLU A CG  1 
ATOM   583  C CD  . GLU A 1 76  ? -3.880  8.203   -18.231 1.00 17.07 ? 85   GLU A CD  1 
ATOM   584  O OE1 . GLU A 1 76  ? -2.974  7.418   -17.896 1.00 19.25 ? 85   GLU A OE1 1 
ATOM   585  O OE2 . GLU A 1 76  ? -3.817  8.924   -19.249 1.00 19.44 ? 85   GLU A OE2 1 
ATOM   586  N N   . LYS A 1 77  ? -9.064  6.277   -16.995 1.00 14.36 ? 86   LYS A N   1 
ATOM   587  C CA  . LYS A 1 77  ? -10.184 5.347   -17.054 1.00 14.90 ? 86   LYS A CA  1 
ATOM   588  C C   . LYS A 1 77  ? -9.819  4.033   -17.728 1.00 14.75 ? 86   LYS A C   1 
ATOM   589  O O   . LYS A 1 77  ? -9.375  3.993   -18.871 1.00 15.77 ? 86   LYS A O   1 
ATOM   590  C CB  . LYS A 1 77  ? -11.377 5.977   -17.764 1.00 15.22 ? 86   LYS A CB  1 
ATOM   591  C CG  . LYS A 1 77  ? -12.667 5.193   -17.569 1.00 17.40 ? 86   LYS A CG  1 
ATOM   592  C CD  . LYS A 1 77  ? -13.889 5.998   -17.949 1.00 20.08 ? 86   LYS A CD  1 
ATOM   593  C CE  . LYS A 1 77  ? -15.170 5.243   -17.634 1.00 21.89 ? 86   LYS A CE  1 
ATOM   594  N NZ  . LYS A 1 77  ? -16.380 6.056   -17.927 1.00 23.68 ? 86   LYS A NZ  1 
ATOM   595  N N   . GLY A 1 78  ? -10.008 2.887   -16.978 1.00 12.17 ? 88   GLY A N   1 
ATOM   596  C CA  . GLY A 1 78  ? -9.893  1.527   -17.468 1.00 11.98 ? 88   GLY A CA  1 
ATOM   597  C C   . GLY A 1 78  ? -11.172 0.803   -17.098 1.00 11.60 ? 88   GLY A C   1 
ATOM   598  O O   . GLY A 1 78  ? -12.244 1.382   -17.174 1.00 12.49 ? 88   GLY A O   1 
ATOM   599  N N   . THR A 1 79  ? -11.065 -0.462  -16.708 1.00 11.07 ? 89   THR A N   1 
ATOM   600  C CA  . THR A 1 79  ? -12.229 -1.197  -16.224 1.00 10.47 ? 89   THR A CA  1 
ATOM   601  C C   . THR A 1 79  ? -12.578 -0.661  -14.824 1.00 10.54 ? 89   THR A C   1 
ATOM   602  O O   . THR A 1 79  ? -11.768 0.042   -14.207 1.00 10.12 ? 89   THR A O   1 
ATOM   603  C CB  . THR A 1 79  ? -11.941 -2.697  -16.135 1.00 10.36 ? 89   THR A CB  1 
ATOM   604  O OG1 . THR A 1 79  ? -10.936 -2.929  -15.131 1.00 9.84  ? 89   THR A OG1 1 
ATOM   605  C CG2 . THR A 1 79  ? -11.389 -3.259  -17.449 1.00 10.61 ? 89   THR A CG2 1 
ATOM   606  N N   . SER A 1 80  ? -13.759 -0.997  -14.304 1.00 10.55 ? 90   SER A N   1 
ATOM   607  C CA  . SER A 1 80  ? -14.152 -0.544  -12.970 1.00 11.13 ? 90   SER A CA  1 
ATOM   608  C C   . SER A 1 80  ? -13.126 -1.029  -11.935 1.00 10.44 ? 90   SER A C   1 
ATOM   609  O O   . SER A 1 80  ? -12.702 -0.267  -11.062 1.00 10.32 ? 90   SER A O   1 
ATOM   610  C CB  . SER A 1 80  ? -15.554 -1.031  -12.611 1.00 11.92 ? 90   SER A CB  1 
ATOM   611  O OG  . SER A 1 80  ? -16.520 -0.511  -13.509 1.00 15.64 ? 90   SER A OG  1 
ATOM   612  N N   . CYS A 1 81  ? -12.719 -2.290  -12.033 1.00 9.47  ? 91   CYS A N   1 
ATOM   613  C CA  . CYS A 1 81  ? -11.722 -2.825  -11.110 1.00 9.54  ? 91   CYS A CA  1 
ATOM   614  C C   . CYS A 1 81  ? -10.417 -2.029  -11.185 1.00 9.19  ? 91   CYS A C   1 
ATOM   615  O O   . CYS A 1 81  ? -9.827  -1.678  -10.160 1.00 9.27  ? 91   CYS A O   1 
ATOM   616  C CB  . CYS A 1 81  ? -11.442 -4.302  -11.398 1.00 9.53  ? 91   CYS A CB  1 
ATOM   617  S SG  . CYS A 1 81  ? -12.585 -5.461  -10.596 1.00 10.37 ? 91   CYS A SG  1 
ATOM   618  N N   . GLU A 1 82  ? -9.957  -1.738  -12.395 1.00 8.81  ? 92   GLU A N   1 
ATOM   619  C CA  . GLU A 1 82  ? -8.706  -1.013  -12.561 1.00 9.10  ? 92   GLU A CA  1 
ATOM   620  C C   . GLU A 1 82  ? -8.791  0.378   -11.949 1.00 9.09  ? 92   GLU A C   1 
ATOM   621  O O   . GLU A 1 82  ? -7.852  0.828   -11.290 1.00 9.14  ? 92   GLU A O   1 
ATOM   622  C CB  . GLU A 1 82  ? -8.328  -0.952  -14.041 1.00 8.95  ? 92   GLU A CB  1 
ATOM   623  C CG  . GLU A 1 82  ? -7.834  -2.316  -14.528 1.00 9.72  ? 92   GLU A CG  1 
ATOM   624  C CD  . GLU A 1 82  ? -7.877  -2.555  -16.029 1.00 9.85  ? 92   GLU A CD  1 
ATOM   625  O OE1 . GLU A 1 82  ? -8.321  -1.675  -16.796 1.00 9.39  ? 92   GLU A OE1 1 
ATOM   626  O OE2 . GLU A 1 82  ? -7.463  -3.666  -16.448 1.00 9.60  ? 92   GLU A OE2 1 
ATOM   627  N N   . ASN A 1 83  ? -9.908  1.058   -12.153 1.00 9.44  ? 93   ASN A N   1 
ATOM   628  C CA  . ASN A 1 83  ? -10.072 2.392   -11.589 1.00 9.66  ? 93   ASN A CA  1 
ATOM   629  C C   . ASN A 1 83  ? -9.996  2.360   -10.070 1.00 9.62  ? 93   ASN A C   1 
ATOM   630  O O   . ASN A 1 83  ? -9.335  3.189   -9.445  1.00 9.49  ? 93   ASN A O   1 
ATOM   631  C CB  . ASN A 1 83  ? -11.414 2.988   -12.000 1.00 10.42 ? 93   ASN A CB  1 
ATOM   632  C CG  . ASN A 1 83  ? -11.574 3.096   -13.502 1.00 11.28 ? 93   ASN A CG  1 
ATOM   633  O OD1 . ASN A 1 83  ? -10.592 3.171   -14.241 1.00 13.37 ? 93   ASN A OD1 1 
ATOM   634  N ND2 . ASN A 1 83  ? -12.821 3.119   -13.962 1.00 13.98 ? 93   ASN A ND2 1 
ATOM   635  N N   . ARG A 1 84  ? -10.680 1.395   -9.479  1.00 9.40  ? 94   ARG A N   1 
ATOM   636  C CA  . ARG A 1 84  ? -10.754 1.285   -8.028  1.00 9.77  ? 94   ARG A CA  1 
ATOM   637  C C   . ARG A 1 84  ? -9.413  0.862   -7.429  1.00 9.15  ? 94   ARG A C   1 
ATOM   638  O O   . ARG A 1 84  ? -8.999  1.369   -6.390  1.00 8.97  ? 94   ARG A O   1 
ATOM   639  C CB  . ARG A 1 84  ? -11.875 0.329   -7.630  1.00 10.15 ? 94   ARG A CB  1 
ATOM   640  C CG  . ARG A 1 84  ? -13.250 0.824   -8.081  1.00 11.64 ? 94   ARG A CG  1 
ATOM   641  C CD  . ARG A 1 84  ? -14.314 -0.265  -8.086  1.00 14.13 ? 94   ARG A CD  1 
ATOM   642  N NE  . ARG A 1 84  ? -14.858 -0.496  -6.756  1.00 15.37 ? 94   ARG A NE  1 
ATOM   643  C CZ  . ARG A 1 84  ? -15.633 -1.521  -6.418  1.00 17.58 ? 94   ARG A CZ  1 
ATOM   644  N NH1 . ARG A 1 84  ? -16.073 -1.627  -5.171  1.00 19.34 ? 94   ARG A NH1 1 
ATOM   645  N NH2 . ARG A 1 84  ? -15.974 -2.442  -7.312  1.00 17.95 ? 94   ARG A NH2 1 
ATOM   646  N N   . ILE A 1 85  ? -8.723  -0.062  -8.086  1.00 8.91  ? 95   ILE A N   1 
ATOM   647  C CA  . ILE A 1 85  ? -7.401  -0.472  -7.644  1.00 8.76  ? 95   ILE A CA  1 
ATOM   648  C C   . ILE A 1 85  ? -6.467  0.740   -7.696  1.00 8.60  ? 95   ILE A C   1 
ATOM   649  O O   . ILE A 1 85  ? -5.698  0.985   -6.769  1.00 8.18  ? 95   ILE A O   1 
ATOM   650  C CB  . ILE A 1 85  ? -6.854  -1.617  -8.519  1.00 8.95  ? 95   ILE A CB  1 
ATOM   651  C CG1 . ILE A 1 85  ? -7.685  -2.880  -8.327  1.00 9.47  ? 95   ILE A CG1 1 
ATOM   652  C CG2 . ILE A 1 85  ? -5.392  -1.885  -8.178  1.00 8.88  ? 95   ILE A CG2 1 
ATOM   653  C CD1 . ILE A 1 85  ? -7.502  -3.892  -9.438  1.00 9.46  ? 95   ILE A CD1 1 
ATOM   654  N N   . CYS A 1 86  ? -6.501  1.488   -8.794  1.00 8.42  ? 96   CYS A N   1 
ATOM   655  C CA  . CYS A 1 86  ? -5.637  2.651   -8.928  1.00 8.83  ? 96   CYS A CA  1 
ATOM   656  C C   . CYS A 1 86  ? -5.881  3.651   -7.784  1.00 8.93  ? 96   CYS A C   1 
ATOM   657  O O   . CYS A 1 86  ? -4.935  4.196   -7.213  1.00 9.01  ? 96   CYS A O   1 
ATOM   658  C CB  . CYS A 1 86  ? -5.828  3.308   -10.292 1.00 8.97  ? 96   CYS A CB  1 
ATOM   659  S SG  . CYS A 1 86  ? -4.707  4.710   -10.576 1.00 10.20 ? 96   CYS A SG  1 
ATOM   660  N N   . GLU A 1 87  ? -7.135  3.896   -7.432  1.00 8.98  ? 97   GLU A N   1 
ATOM   661  C CA  . GLU A 1 87  ? -7.430  4.847   -6.361  1.00 9.45  ? 97   GLU A CA  1 
ATOM   662  C C   . GLU A 1 87  ? -6.870  4.340   -5.022  1.00 9.06  ? 97   GLU A C   1 
ATOM   663  O O   . GLU A 1 87  ? -6.396  5.128   -4.203  1.00 9.22  ? 97   GLU A O   1 
ATOM   664  C CB  . GLU A 1 87  ? -8.928  5.130   -6.267  1.00 9.86  ? 97   GLU A CB  1 
ATOM   665  C CG  . GLU A 1 87  ? -9.478  5.952   -7.430  1.00 12.03 ? 97   GLU A CG  1 
ATOM   666  C CD  . GLU A 1 87  ? -8.883  7.349   -7.539  1.00 13.14 ? 97   GLU A CD  1 
ATOM   667  O OE1 . GLU A 1 87  ? -8.483  7.924   -6.501  1.00 14.92 ? 97   GLU A OE1 1 
ATOM   668  O OE2 . GLU A 1 87  ? -8.821  7.891   -8.670  1.00 14.72 ? 97   GLU A OE2 1 
ATOM   669  N N   . CYS A 1 88  ? -6.924  3.036   -4.785  1.00 8.49  ? 98   CYS A N   1 
ATOM   670  C CA  . CYS A 1 88  ? -6.340  2.470   -3.570  1.00 8.56  ? 98   CYS A CA  1 
ATOM   671  C C   . CYS A 1 88  ? -4.830  2.690   -3.520  1.00 8.35  ? 98   CYS A C   1 
ATOM   672  O O   . CYS A 1 88  ? -4.276  3.067   -2.485  1.00 8.05  ? 98   CYS A O   1 
ATOM   673  C CB  . CYS A 1 88  ? -6.604  0.964   -3.490  1.00 8.48  ? 98   CYS A CB  1 
ATOM   674  S SG  . CYS A 1 88  ? -8.325  0.490   -3.144  1.00 9.60  ? 98   CYS A SG  1 
ATOM   675  N N   . ASP A 1 89  ? -4.160  2.426   -4.636  1.00 8.02  ? 99   ASP A N   1 
ATOM   676  C CA  . ASP A 1 89  ? -2.709  2.538   -4.697  1.00 8.11  ? 99   ASP A CA  1 
ATOM   677  C C   . ASP A 1 89  ? -2.271  4.000   -4.587  1.00 8.36  ? 99   ASP A C   1 
ATOM   678  O O   . ASP A 1 89  ? -1.311  4.306   -3.879  1.00 8.20  ? 99   ASP A O   1 
ATOM   679  C CB  . ASP A 1 89  ? -2.167  1.916   -5.985  1.00 8.34  ? 99   ASP A CB  1 
ATOM   680  C CG  . ASP A 1 89  ? -2.205  0.412   -5.982  1.00 8.30  ? 99   ASP A CG  1 
ATOM   681  O OD1 . ASP A 1 89  ? -2.688  -0.200  -5.000  1.00 8.47  ? 99   ASP A OD1 1 
ATOM   682  O OD2 . ASP A 1 89  ? -1.754  -0.220  -6.961  1.00 9.28  ? 99   ASP A OD2 1 
ATOM   683  N N   . LYS A 1 90  ? -2.964  4.886   -5.298  1.00 8.34  ? 100  LYS A N   1 
ATOM   684  C CA  . LYS A 1 90  ? -2.703  6.322   -5.236  1.00 8.58  ? 100  LYS A CA  1 
ATOM   685  C C   . LYS A 1 90  ? -2.755  6.816   -3.785  1.00 8.47  ? 100  LYS A C   1 
ATOM   686  O O   . LYS A 1 90  ? -1.861  7.539   -3.321  1.00 8.77  ? 100  LYS A O   1 
ATOM   687  C CB  . LYS A 1 90  ? -3.746  7.068   -6.072  1.00 8.56  ? 100  LYS A CB  1 
ATOM   688  C CG  . LYS A 1 90  ? -3.723  8.584   -5.915  1.00 9.14  ? 100  LYS A CG  1 
ATOM   689  C CD  . LYS A 1 90  ? -4.780  9.259   -6.771  1.00 10.39 ? 100  LYS A CD  1 
ATOM   690  C CE  . LYS A 1 90  ? -4.854  10.744  -6.497  1.00 11.35 ? 100  LYS A CE  1 
ATOM   691  N NZ  . LYS A 1 90  ? -5.890  11.441  -7.306  1.00 13.54 ? 100  LYS A NZ  1 
ATOM   692  N N   . ALA A 1 91  ? -3.808  6.439   -3.071  1.00 8.29  ? 101  ALA A N   1 
ATOM   693  C CA  . ALA A 1 91  ? -3.965  6.858   -1.688  1.00 8.17  ? 101  ALA A CA  1 
ATOM   694  C C   . ALA A 1 91  ? -2.792  6.369   -0.837  1.00 8.15  ? 101  ALA A C   1 
ATOM   695  O O   . ALA A 1 91  ? -2.243  7.114   -0.036  1.00 8.41  ? 101  ALA A O   1 
ATOM   696  C CB  . ALA A 1 91  ? -5.272  6.347   -1.134  1.00 7.92  ? 101  ALA A CB  1 
ATOM   697  N N   . ALA A 1 92  ? -2.408  5.114   -1.003  1.00 8.41  ? 102  ALA A N   1 
ATOM   698  C CA  . ALA A 1 92  ? -1.308  4.555   -0.225  1.00 8.70  ? 102  ALA A CA  1 
ATOM   699  C C   . ALA A 1 92  ? 0.017   5.257   -0.524  1.00 8.92  ? 102  ALA A C   1 
ATOM   700  O O   . ALA A 1 92  ? 0.789   5.548   0.396   1.00 9.08  ? 102  ALA A O   1 
ATOM   701  C CB  . ALA A 1 92  ? -1.186  3.073   -0.479  1.00 8.53  ? 102  ALA A CB  1 
ATOM   702  N N   . ALA A 1 93  ? 0.293   5.525   -1.797  1.00 9.51  ? 103  ALA A N   1 
ATOM   703  C CA  . ALA A 1 93  ? 1.530   6.208   -2.169  1.00 10.24 ? 103  ALA A CA  1 
ATOM   704  C C   . ALA A 1 93  ? 1.595   7.611   -1.550  1.00 10.50 ? 103  ALA A C   1 
ATOM   705  O O   . ALA A 1 93  ? 2.635   8.033   -1.040  1.00 11.09 ? 103  ALA A O   1 
ATOM   706  C CB  . ALA A 1 93  ? 1.661   6.284   -3.686  1.00 10.57 ? 103  ALA A CB  1 
ATOM   707  N N   . ILE A 1 94  ? 0.490   8.342   -1.612  1.00 10.25 ? 104  ILE A N   1 
ATOM   708  C CA  . ILE A 1 94  ? 0.391   9.658   -0.992  1.00 10.86 ? 104  ILE A CA  1 
ATOM   709  C C   . ILE A 1 94  ? 0.571   9.531   0.522   1.00 10.29 ? 104  ILE A C   1 
ATOM   710  O O   . ILE A 1 94  ? 1.271   10.332  1.145   1.00 10.81 ? 104  ILE A O   1 
ATOM   711  C CB  . ILE A 1 94  ? -0.973  10.289  -1.327  1.00 11.04 ? 104  ILE A CB  1 
ATOM   712  C CG1 . ILE A 1 94  ? -1.001  10.659  -2.811  1.00 12.31 ? 104  ILE A CG1 1 
ATOM   713  C CG2 . ILE A 1 94  ? -1.254  11.495  -0.453  1.00 12.08 ? 104  ILE A CG2 1 
ATOM   714  C CD1 . ILE A 1 94  ? -2.352  11.121  -3.307  1.00 13.82 ? 104  ILE A CD1 1 
ATOM   715  N N   . CYS A 1 95  ? -0.059  8.524   1.110   1.00 9.83  ? 105  CYS A N   1 
ATOM   716  C CA  . CYS A 1 95  ? 0.041   8.294   2.547   1.00 9.88  ? 105  CYS A CA  1 
ATOM   717  C C   . CYS A 1 95  ? 1.499   8.025   2.944   1.00 9.60  ? 105  CYS A C   1 
ATOM   718  O O   . CYS A 1 95  ? 1.992   8.558   3.939   1.00 9.44  ? 105  CYS A O   1 
ATOM   719  C CB  . CYS A 1 95  ? -0.881  7.143   2.935   1.00 9.71  ? 105  CYS A CB  1 
ATOM   720  S SG  . CYS A 1 95  ? -1.002  6.849   4.703   1.00 10.42 ? 105  CYS A SG  1 
ATOM   721  N N   . PHE A 1 96  ? 2.198   7.202   2.172   1.00 9.73  ? 106  PHE A N   1 
ATOM   722  C CA  . PHE A 1 96  ? 3.602   6.928   2.469   1.00 9.85  ? 106  PHE A CA  1 
ATOM   723  C C   . PHE A 1 96  ? 4.413   8.230   2.427   1.00 9.91  ? 106  PHE A C   1 
ATOM   724  O O   . PHE A 1 96  ? 5.253   8.484   3.288   1.00 9.84  ? 106  PHE A O   1 
ATOM   725  C CB  . PHE A 1 96  ? 4.216   5.936   1.479   1.00 9.93  ? 106  PHE A CB  1 
ATOM   726  C CG  . PHE A 1 96  ? 3.710   4.514   1.597   1.00 9.68  ? 106  PHE A CG  1 
ATOM   727  C CD1 . PHE A 1 96  ? 3.363   3.949   2.813   1.00 10.91 ? 106  PHE A CD1 1 
ATOM   728  C CD2 . PHE A 1 96  ? 3.626   3.729   0.457   1.00 10.72 ? 106  PHE A CD2 1 
ATOM   729  C CE1 . PHE A 1 96  ? 2.922   2.637   2.876   1.00 10.83 ? 106  PHE A CE1 1 
ATOM   730  C CE2 . PHE A 1 96  ? 3.185   2.427   0.517   1.00 11.77 ? 106  PHE A CE2 1 
ATOM   731  C CZ  . PHE A 1 96  ? 2.833   1.875   1.719   1.00 11.23 ? 106  PHE A CZ  1 
ATOM   732  N N   . ARG A 1 97  ? 4.157   9.064   1.430   1.00 10.36 ? 107  ARG A N   1 
ATOM   733  C CA  . ARG A 1 97  ? 4.859   10.338  1.296   1.00 11.03 ? 107  ARG A CA  1 
ATOM   734  C C   . ARG A 1 97  ? 4.580   11.250  2.489   1.00 11.13 ? 107  ARG A C   1 
ATOM   735  O O   . ARG A 1 97  ? 5.488   11.914  3.003   1.00 11.71 ? 107  ARG A O   1 
ATOM   736  C CB  . ARG A 1 97  ? 4.448   11.041  0.009   1.00 11.15 ? 107  ARG A CB  1 
ATOM   737  C CG  . ARG A 1 97  ? 5.110   12.388  -0.179  1.00 13.11 ? 107  ARG A CG  1 
ATOM   738  C CD  . ARG A 1 97  ? 6.548   12.289  -0.585  1.00 14.66 ? 107  ARG A CD  1 
ATOM   739  N NE  . ARG A 1 97  ? 7.219   13.585  -0.610  1.00 17.65 ? 107  ARG A NE  1 
ATOM   740  C CZ  . ARG A 1 97  ? 7.653   14.215  0.475   1.00 19.71 ? 107  ARG A CZ  1 
ATOM   741  N NH1 . ARG A 1 97  ? 8.262   15.390  0.362   1.00 21.83 ? 107  ARG A NH1 1 
ATOM   742  N NH2 . ARG A 1 97  ? 7.478   13.679  1.676   1.00 20.17 ? 107  ARG A NH2 1 
ATOM   743  N N   . GLN A 1 98  ? 3.325   11.296  2.922   1.00 11.43 ? 108  GLN A N   1 
ATOM   744  C CA  . GLN A 1 98  ? 2.896   12.133  4.042   1.00 12.12 ? 108  GLN A CA  1 
ATOM   745  C C   . GLN A 1 98  ? 3.494   11.682  5.363   1.00 12.15 ? 108  GLN A C   1 
ATOM   746  O O   . GLN A 1 98  ? 3.533   12.446  6.325   1.00 13.23 ? 108  GLN A O   1 
ATOM   747  C CB  . GLN A 1 98  ? 1.365   12.101  4.122   1.00 12.68 ? 108  GLN A CB  1 
ATOM   748  C CG  . GLN A 1 98  ? 0.739   13.081  5.056   1.00 14.65 ? 108  GLN A CG  1 
ATOM   749  C CD  . GLN A 1 98  ? -0.637  13.501  4.565   1.00 16.98 ? 108  GLN A CD  1 
ATOM   750  O OE1 . GLN A 1 98  ? -1.506  12.654  4.336   1.00 16.62 ? 108  GLN A OE1 1 
ATOM   751  N NE2 . GLN A 1 98  ? -0.832  14.803  4.377   1.00 18.95 ? 108  GLN A NE2 1 
ATOM   752  N N   . ASN A 1 99  ? 3.972   10.448  5.413   1.00 11.86 ? 109  ASN A N   1 
ATOM   753  C CA  . ASN A 1 99  ? 4.480   9.892   6.664   1.00 11.72 ? 109  ASN A CA  1 
ATOM   754  C C   . ASN A 1 99  ? 5.942   9.473   6.626   1.00 11.94 ? 109  ASN A C   1 
ATOM   755  O O   . ASN A 1 99  ? 6.427   8.785   7.522   1.00 11.54 ? 109  ASN A O   1 
ATOM   756  C CB  . ASN A 1 99  ? 3.586   8.751   7.098   1.00 11.29 ? 109  ASN A CB  1 
ATOM   757  C CG  . ASN A 1 99  ? 2.228   9.249   7.523   1.00 11.50 ? 109  ASN A CG  1 
ATOM   758  O OD1 . ASN A 1 99  ? 2.106   9.945   8.526   1.00 11.59 ? 109  ASN A OD1 1 
ATOM   759  N ND2 . ASN A 1 99  ? 1.204   8.942   6.739   1.00 11.24 ? 109  ASN A ND2 1 
ATOM   760  N N   . LEU A 1 100 ? 6.655   9.922   5.602   1.00 12.57 ? 110  LEU A N   1 
ATOM   761  C CA  . LEU A 1 100 ? 8.077   9.640   5.496   1.00 14.10 ? 110  LEU A CA  1 
ATOM   762  C C   . LEU A 1 100 ? 8.832   10.182  6.711   1.00 15.04 ? 110  LEU A C   1 
ATOM   763  O O   . LEU A 1 100 ? 9.863   9.636   7.096   1.00 15.98 ? 110  LEU A O   1 
ATOM   764  C CB  . LEU A 1 100 ? 8.658   10.271  4.240   1.00 14.64 ? 110  LEU A CB  1 
ATOM   765  C CG  . LEU A 1 100 ? 8.740   9.412   2.986   1.00 15.60 ? 110  LEU A CG  1 
ATOM   766  C CD1 . LEU A 1 100 ? 9.377   10.252  1.891   1.00 16.38 ? 110  LEU A CD1 1 
ATOM   767  C CD2 . LEU A 1 100 ? 9.530   8.129   3.181   1.00 15.63 ? 110  LEU A CD2 1 
ATOM   768  N N   . ASN A 1 101 ? 8.309   11.251  7.308   1.00 15.80 ? 111  ASN A N   1 
ATOM   769  C CA  . ASN A 1 101 ? 8.944   11.896  8.455   1.00 16.46 ? 111  ASN A CA  1 
ATOM   770  C C   . ASN A 1 101 ? 8.987   11.040  9.720   1.00 16.06 ? 111  ASN A C   1 
ATOM   771  O O   . ASN A 1 101 ? 9.715   11.355  10.663  1.00 17.08 ? 111  ASN A O   1 
ATOM   772  C CB  . ASN A 1 101 ? 8.327   13.281  8.729   1.00 16.96 ? 111  ASN A CB  1 
ATOM   773  C CG  . ASN A 1 101 ? 6.843   13.243  9.088   1.00 18.46 ? 111  ASN A CG  1 
ATOM   774  O OD1 . ASN A 1 101 ? 6.290   14.251  9.533   1.00 22.51 ? 111  ASN A OD1 1 
ATOM   775  N ND2 . ASN A 1 101 ? 6.188   12.112  8.868   1.00 19.66 ? 111  ASN A ND2 1 
ATOM   776  N N   . THR A 1 102 ? 8.231   9.951   9.748   1.00 15.00 ? 112  THR A N   1 
ATOM   777  C CA  . THR A 1 102 ? 8.265   9.078   10.914  1.00 14.69 ? 112  THR A CA  1 
ATOM   778  C C   . THR A 1 102 ? 8.750   7.677   10.547  1.00 14.23 ? 112  THR A C   1 
ATOM   779  O O   . THR A 1 102 ? 8.797   6.803   11.395  1.00 14.51 ? 112  THR A O   1 
ATOM   780  C CB  . THR A 1 102 ? 6.935   9.070   11.667  1.00 14.70 ? 112  THR A CB  1 
ATOM   781  O OG1 . THR A 1 102 ? 5.800   9.011   10.777  1.00 15.15 ? 112  THR A OG1 1 
ATOM   782  C CG2 . THR A 1 102 ? 6.884   10.402  12.398  1.00 15.63 ? 112  THR A CG2 1 
ATOM   783  N N   . TYR A 1 103 ? 9.123   7.470   9.289   1.00 13.80 ? 113  TYR A N   1 
ATOM   784  C CA  . TYR A 1 103 ? 9.299   6.094   8.811   1.00 13.39 ? 113  TYR A CA  1 
ATOM   785  C C   . TYR A 1 103 ? 10.462  5.597   9.654   1.00 13.76 ? 113  TYR A C   1 
ATOM   786  O O   . TYR A 1 103 ? 11.407  6.358   9.863   1.00 13.90 ? 113  TYR A O   1 
ATOM   787  C CB  . TYR A 1 103 ? 9.650   6.098   7.319   1.00 13.16 ? 113  TYR A CB  1 
ATOM   788  C CG  . TYR A 1 103 ? 10.099  4.764   6.763   1.00 12.83 ? 113  TYR A CG  1 
ATOM   789  C CD1 . TYR A 1 103 ? 11.366  4.269   7.043   1.00 13.49 ? 113  TYR A CD1 1 
ATOM   790  C CD2 . TYR A 1 103 ? 9.266   4.013   5.943   1.00 12.37 ? 113  TYR A CD2 1 
ATOM   791  C CE1 . TYR A 1 103 ? 11.789  3.065   6.543   1.00 13.05 ? 113  TYR A CE1 1 
ATOM   792  C CE2 . TYR A 1 103 ? 9.679   2.789   5.436   1.00 12.28 ? 113  TYR A CE2 1 
ATOM   793  C CZ  . TYR A 1 103 ? 10.943  2.316   5.746   1.00 13.24 ? 113  TYR A CZ  1 
ATOM   794  O OH  . TYR A 1 103 ? 11.385  1.111   5.247   1.00 13.35 ? 113  TYR A OH  1 
ATOM   795  N N   . SER A 1 104 ? 10.402  4.363   10.156  1.00 13.85 ? 114  SER A N   1 
ATOM   796  C CA  . SER A 1 104 ? 11.476  3.819   11.000  1.00 14.81 ? 114  SER A CA  1 
ATOM   797  C C   . SER A 1 104 ? 11.985  2.473   10.487  1.00 15.40 ? 114  SER A C   1 
ATOM   798  O O   . SER A 1 104 ? 11.226  1.508   10.412  1.00 14.88 ? 114  SER A O   1 
ATOM   799  C CB  . SER A 1 104 ? 10.993  3.658   12.442  1.00 14.81 ? 114  SER A CB  1 
ATOM   800  O OG  . SER A 1 104 ? 10.705  4.909   13.042  1.00 17.28 ? 114  SER A OG  1 
ATOM   801  N N   . LYS A 1 105 ? 13.281  2.401   10.180  1.00 16.58 ? 115  LYS A N   1 
ATOM   802  C CA  . LYS A 1 105 ? 13.894  1.165   9.668   1.00 17.61 ? 115  LYS A CA  1 
ATOM   803  C C   . LYS A 1 105 ? 13.721  -0.027  10.620  1.00 17.70 ? 115  LYS A C   1 
ATOM   804  O O   . LYS A 1 105 ? 13.756  -1.175  10.183  1.00 18.04 ? 115  LYS A O   1 
ATOM   805  C CB  . LYS A 1 105 ? 15.394  1.344   9.379   1.00 18.29 ? 115  LYS A CB  1 
ATOM   806  C CG  . LYS A 1 105 ? 15.798  2.346   8.303   1.00 20.70 ? 115  LYS A CG  1 
ATOM   807  C CD  . LYS A 1 105 ? 17.342  2.444   8.267   1.00 23.61 ? 115  LYS A CD  1 
ATOM   808  C CE  . LYS A 1 105 ? 17.932  3.378   7.218   1.00 25.77 ? 115  LYS A CE  1 
ATOM   809  N NZ  . LYS A 1 105 ? 17.661  2.943   5.827   1.00 27.25 ? 115  LYS A NZ  1 
ATOM   810  N N   . LYS A 1 106 ? 13.532  0.234   11.910  1.00 17.62 ? 116  LYS A N   1 
ATOM   811  C CA  . LYS A 1 106 ? 13.375  -0.838  12.891  1.00 17.88 ? 116  LYS A CA  1 
ATOM   812  C C   . LYS A 1 106 ? 12.129  -1.687  12.647  1.00 17.19 ? 116  LYS A C   1 
ATOM   813  O O   . LYS A 1 106 ? 12.005  -2.776  13.208  1.00 17.66 ? 116  LYS A O   1 
ATOM   814  C CB  . LYS A 1 106 ? 13.324  -0.275  14.307  1.00 18.46 ? 116  LYS A CB  1 
ATOM   815  C CG  . LYS A 1 106 ? 12.108  0.571   14.582  1.00 20.13 ? 116  LYS A CG  1 
ATOM   816  C CD  . LYS A 1 106 ? 12.079  1.026   16.013  1.00 22.69 ? 116  LYS A CD  1 
ATOM   817  C CE  . LYS A 1 106 ? 10.911  1.941   16.273  1.00 23.69 ? 116  LYS A CE  1 
ATOM   818  N NZ  . LYS A 1 106 ? 10.992  2.506   17.646  1.00 25.32 ? 116  LYS A NZ  1 
ATOM   819  N N   . TYR A 1 107 ? 11.201  -1.184  11.833  1.00 16.23 ? 117  TYR A N   1 
ATOM   820  C CA  . TYR A 1 107 ? 9.975   -1.923  11.535  1.00 15.41 ? 117  TYR A CA  1 
ATOM   821  C C   . TYR A 1 107 ? 10.109  -2.774  10.270  1.00 15.13 ? 117  TYR A C   1 
ATOM   822  O O   . TYR A 1 107 ? 9.190   -3.500  9.920   1.00 14.90 ? 117  TYR A O   1 
ATOM   823  C CB  . TYR A 1 107 ? 8.773   -0.981  11.449  1.00 15.19 ? 117  TYR A CB  1 
ATOM   824  C CG  . TYR A 1 107 ? 8.388   -0.392  12.786  1.00 14.75 ? 117  TYR A CG  1 
ATOM   825  C CD1 . TYR A 1 107 ? 8.267   -1.188  13.918  1.00 14.83 ? 117  TYR A CD1 1 
ATOM   826  C CD2 . TYR A 1 107 ? 8.158   0.967   12.920  1.00 14.96 ? 117  TYR A CD2 1 
ATOM   827  C CE1 . TYR A 1 107 ? 7.917   -0.643  15.141  1.00 16.29 ? 117  TYR A CE1 1 
ATOM   828  C CE2 . TYR A 1 107 ? 7.811   1.515   14.131  1.00 15.86 ? 117  TYR A CE2 1 
ATOM   829  C CZ  . TYR A 1 107 ? 7.688   0.713   15.238  1.00 16.29 ? 117  TYR A CZ  1 
ATOM   830  O OH  . TYR A 1 107 ? 7.340   1.268   16.450  1.00 18.76 ? 117  TYR A OH  1 
ATOM   831  N N   . MET A 1 108 ? 11.246  -2.696  9.582   1.00 15.28 ? 118  MET A N   1 
ATOM   832  C CA  . MET A 1 108 ? 11.469  -3.560  8.419   1.00 15.63 ? 118  MET A CA  1 
ATOM   833  C C   . MET A 1 108 ? 11.670  -4.995  8.929   1.00 15.60 ? 118  MET A C   1 
ATOM   834  O O   . MET A 1 108 ? 12.341  -5.195  9.941   1.00 16.06 ? 118  MET A O   1 
ATOM   835  C CB  . MET A 1 108 ? 12.692  -3.101  7.619   1.00 15.74 ? 118  MET A CB  1 
ATOM   836  C CG  . MET A 1 108 ? 12.468  -1.792  6.855   1.00 16.29 ? 118  MET A CG  1 
ATOM   837  S SD  . MET A 1 108 ? 13.975  -1.062  6.180   1.00 18.56 ? 118  MET A SD  1 
ATOM   838  C CE  . MET A 1 108 ? 14.348  -2.219  4.887   1.00 17.94 ? 118  MET A CE  1 
ATOM   839  N N   . LEU A 1 109 ? 11.095  -5.977  8.235   1.00 15.94 ? 119  LEU A N   1 
ATOM   840  C CA  . LEU A 1 109 ? 11.192  -7.388  8.633   1.00 16.22 ? 119  LEU A CA  1 
ATOM   841  C C   . LEU A 1 109 ? 10.602  -7.613  10.025  1.00 16.25 ? 119  LEU A C   1 
ATOM   842  O O   . LEU A 1 109 ? 11.057  -8.475  10.775  1.00 17.00 ? 119  LEU A O   1 
ATOM   843  C CB  . LEU A 1 109 ? 12.648  -7.885  8.577   1.00 16.21 ? 119  LEU A CB  1 
ATOM   844  C CG  . LEU A 1 109 ? 13.308  -7.809  7.193   1.00 17.14 ? 119  LEU A CG  1 
ATOM   845  C CD1 . LEU A 1 109 ? 14.723  -8.362  7.219   1.00 18.36 ? 119  LEU A CD1 1 
ATOM   846  C CD2 . LEU A 1 109 ? 12.480  -8.548  6.155   1.00 17.77 ? 119  LEU A CD2 1 
ATOM   847  N N   . TYR A 1 110 ? 9.576   -6.842  10.373  1.00 15.85 ? 120  TYR A N   1 
ATOM   848  C CA  . TYR A 1 110 ? 8.954   -6.953  11.686  1.00 15.50 ? 120  TYR A CA  1 
ATOM   849  C C   . TYR A 1 110 ? 8.381   -8.364  11.865  1.00 15.15 ? 120  TYR A C   1 
ATOM   850  O O   . TYR A 1 110 ? 7.678   -8.858  10.987  1.00 15.11 ? 120  TYR A O   1 
ATOM   851  C CB  . TYR A 1 110 ? 7.855   -5.897  11.825  1.00 15.57 ? 120  TYR A CB  1 
ATOM   852  C CG  . TYR A 1 110 ? 7.465   -5.606  13.251  1.00 16.12 ? 120  TYR A CG  1 
ATOM   853  C CD1 . TYR A 1 110 ? 8.367   -5.034  14.137  1.00 17.21 ? 120  TYR A CD1 1 
ATOM   854  C CD2 . TYR A 1 110 ? 6.192   -5.894  13.707  1.00 16.45 ? 120  TYR A CD2 1 
ATOM   855  C CE1 . TYR A 1 110 ? 8.010   -4.764  15.436  1.00 16.91 ? 120  TYR A CE1 1 
ATOM   856  C CE2 . TYR A 1 110 ? 5.823   -5.633  14.998  1.00 16.89 ? 120  TYR A CE2 1 
ATOM   857  C CZ  . TYR A 1 110 ? 6.728   -5.065  15.865  1.00 17.39 ? 120  TYR A CZ  1 
ATOM   858  O OH  . TYR A 1 110 ? 6.338   -4.807  17.160  1.00 18.80 ? 120  TYR A OH  1 
ATOM   859  N N   . PRO A 1 111 ? 8.670   -9.016  12.989  1.00 14.81 ? 121  PRO A N   1 
ATOM   860  C CA  . PRO A 1 111 ? 8.207   -10.391 13.218  1.00 14.55 ? 121  PRO A CA  1 
ATOM   861  C C   . PRO A 1 111 ? 6.710   -10.526 13.457  1.00 14.01 ? 121  PRO A C   1 
ATOM   862  O O   . PRO A 1 111 ? 6.137   -9.746  14.226  1.00 13.92 ? 121  PRO A O   1 
ATOM   863  C CB  . PRO A 1 111 ? 8.982   -10.836 14.467  1.00 14.78 ? 121  PRO A CB  1 
ATOM   864  C CG  . PRO A 1 111 ? 9.752   -9.677  14.940  1.00 16.09 ? 121  PRO A CG  1 
ATOM   865  C CD  . PRO A 1 111 ? 9.468   -8.509  14.109  1.00 15.28 ? 121  PRO A CD  1 
ATOM   866  N N   . ASP A 1 112 ? 6.106   -11.527 12.825  1.00 13.39 ? 122  ASP A N   1 
ATOM   867  C CA  . ASP A 1 112 ? 4.672   -11.774 12.902  1.00 13.71 ? 122  ASP A CA  1 
ATOM   868  C C   . ASP A 1 112 ? 4.158   -11.842 14.335  1.00 13.75 ? 122  ASP A C   1 
ATOM   869  O O   . ASP A 1 112 ? 3.066   -11.357 14.645  1.00 14.01 ? 122  ASP A O   1 
ATOM   870  C CB  . ASP A 1 112 ? 4.346   -13.080 12.198  1.00 13.90 ? 122  ASP A CB  1 
ATOM   871  C CG  . ASP A 1 112 ? 2.872   -13.388 12.222  1.00 14.73 ? 122  ASP A CG  1 
ATOM   872  O OD1 . ASP A 1 112 ? 2.420   -14.118 13.127  1.00 15.89 ? 122  ASP A OD1 1 
ATOM   873  O OD2 . ASP A 1 112 ? 2.094   -12.913 11.384  1.00 18.51 ? 122  ASP A OD2 1 
ATOM   874  N N   . PHE A 1 113 ? 4.958   -12.471 15.345  1.00 14.67 ? 124  PHE A N   1 
ATOM   875  C CA  . PHE A 1 113 ? 4.326   -12.745 16.634  1.00 15.37 ? 124  PHE A CA  1 
ATOM   876  C C   . PHE A 1 113 ? 4.047   -11.467 17.410  1.00 15.80 ? 124  PHE A C   1 
ATOM   877  O O   . PHE A 1 113 ? 3.289   -11.498 18.369  1.00 15.77 ? 124  PHE A O   1 
ATOM   878  C CB  . PHE A 1 113 ? 5.174   -13.710 17.475  1.00 15.45 ? 124  PHE A CB  1 
ATOM   879  C CG  . PHE A 1 113 ? 6.354   -13.067 18.129  1.00 16.25 ? 124  PHE A CG  1 
ATOM   880  C CD1 . PHE A 1 113 ? 7.450   -12.678 17.391  1.00 16.79 ? 124  PHE A CD1 1 
ATOM   881  C CD2 . PHE A 1 113 ? 6.359   -12.847 19.493  1.00 18.02 ? 124  PHE A CD2 1 
ATOM   882  C CE1 . PHE A 1 113 ? 8.540   -12.093 17.999  1.00 17.29 ? 124  PHE A CE1 1 
ATOM   883  C CE2 . PHE A 1 113 ? 7.443   -12.254 20.108  1.00 18.48 ? 124  PHE A CE2 1 
ATOM   884  C CZ  . PHE A 1 113 ? 8.530   -11.877 19.364  1.00 18.37 ? 124  PHE A CZ  1 
ATOM   885  N N   . LEU A 1 114 ? 4.643   -10.354 16.987  1.00 16.37 ? 125  LEU A N   1 
ATOM   886  C CA  . LEU A 1 114 ? 4.414   -9.061  17.630  1.00 17.07 ? 125  LEU A CA  1 
ATOM   887  C C   . LEU A 1 114 ? 3.182   -8.358  17.050  1.00 17.45 ? 125  LEU A C   1 
ATOM   888  O O   . LEU A 1 114 ? 2.863   -7.227  17.442  1.00 18.06 ? 125  LEU A O   1 
ATOM   889  C CB  . LEU A 1 114 ? 5.644   -8.170  17.488  1.00 17.09 ? 125  LEU A CB  1 
ATOM   890  C CG  . LEU A 1 114 ? 6.855   -8.647  18.303  1.00 18.64 ? 125  LEU A CG  1 
ATOM   891  C CD1 . LEU A 1 114 ? 8.057   -7.757  18.065  1.00 19.13 ? 125  LEU A CD1 1 
ATOM   892  C CD2 . LEU A 1 114 ? 6.519   -8.695  19.783  1.00 20.44 ? 125  LEU A CD2 1 
ATOM   893  N N   . CYS A 1 115 ? 2.498   -9.028  16.124  1.00 17.80 ? 126  CYS A N   1 
ATOM   894  C CA  . CYS A 1 115 ? 1.271   -8.506  15.525  1.00 18.66 ? 126  CYS A CA  1 
ATOM   895  C C   . CYS A 1 115 ? 0.122   -9.423  15.907  1.00 19.88 ? 126  CYS A C   1 
ATOM   896  O O   . CYS A 1 115 ? -0.018  -10.503 15.336  1.00 20.34 ? 126  CYS A O   1 
ATOM   897  C CB  . CYS A 1 115 ? 1.383   -8.449  14.006  1.00 18.42 ? 126  CYS A CB  1 
ATOM   898  S SG  . CYS A 1 115 ? 2.582   -7.268  13.403  1.00 18.23 ? 126  CYS A SG  1 
ATOM   899  N N   . LYS A 1 116 ? -0.700  -8.993  16.859  1.00 21.43 ? 127  LYS A N   1 
ATOM   900  C CA  . LYS A 1 116 ? -1.734  -9.866  17.424  1.00 22.83 ? 127  LYS A CA  1 
ATOM   901  C C   . LYS A 1 116 ? -3.056  -9.109  17.508  1.00 23.41 ? 127  LYS A C   1 
ATOM   902  O O   . LYS A 1 116 ? -3.076  -7.928  17.851  1.00 23.70 ? 127  LYS A O   1 
ATOM   903  C CB  . LYS A 1 116 ? -1.359  -10.370 18.834  1.00 23.27 ? 127  LYS A CB  1 
ATOM   904  C CG  . LYS A 1 116 ? 0.146   -10.498 19.127  1.00 25.02 ? 127  LYS A CG  1 
ATOM   905  C CD  . LYS A 1 116 ? 0.475   -10.040 20.557  1.00 26.82 ? 127  LYS A CD  1 
ATOM   906  C CE  . LYS A 1 116 ? 1.920   -9.563  20.716  1.00 27.72 ? 127  LYS A CE  1 
ATOM   907  N NZ  . LYS A 1 116 ? 2.870   -10.652 21.081  1.00 28.05 ? 127  LYS A NZ  1 
ATOM   908  N N   . GLY A 1 117 ? -4.157  -9.791  17.203  1.00 24.20 ? 128  GLY A N   1 
ATOM   909  C CA  . GLY A 1 117 ? -5.483  -9.197  17.297  1.00 24.67 ? 128  GLY A CA  1 
ATOM   910  C C   . GLY A 1 117 ? -5.992  -8.612  15.992  1.00 25.07 ? 128  GLY A C   1 
ATOM   911  O O   . GLY A 1 117 ? -5.231  -8.023  15.228  1.00 25.48 ? 128  GLY A O   1 
ATOM   912  N N   . GLU A 1 118 ? -7.287  -8.770  15.736  1.00 25.34 ? 129  GLU A N   1 
ATOM   913  C CA  . GLU A 1 118 ? -7.889  -8.224  14.525  1.00 25.40 ? 129  GLU A CA  1 
ATOM   914  C C   . GLU A 1 118 ? -8.338  -6.786  14.774  1.00 24.60 ? 129  GLU A C   1 
ATOM   915  O O   . GLU A 1 118 ? -8.846  -6.454  15.847  1.00 24.83 ? 129  GLU A O   1 
ATOM   916  C CB  . GLU A 1 118 ? -9.071  -9.075  14.046  1.00 25.92 ? 129  GLU A CB  1 
ATOM   917  C CG  . GLU A 1 118 ? -8.675  -10.383 13.370  1.00 27.74 ? 129  GLU A CG  1 
ATOM   918  C CD  . GLU A 1 118 ? -8.879  -11.593 14.265  1.00 29.87 ? 129  GLU A CD  1 
ATOM   919  O OE1 . GLU A 1 118 ? -7.919  -12.008 14.951  1.00 31.64 ? 129  GLU A OE1 1 
ATOM   920  O OE2 . GLU A 1 118 ? -10.009 -12.130 14.289  1.00 31.70 ? 129  GLU A OE2 1 
ATOM   921  N N   . LEU A 1 119 ? -8.120  -5.936  13.779  1.00 23.48 ? 130  LEU A N   1 
ATOM   922  C CA  . LEU A 1 119 ? -8.525  -4.545  13.836  1.00 22.52 ? 130  LEU A CA  1 
ATOM   923  C C   . LEU A 1 119 ? -9.496  -4.389  12.680  1.00 21.01 ? 130  LEU A C   1 
ATOM   924  O O   . LEU A 1 119 ? -9.145  -4.673  11.538  1.00 20.70 ? 130  LEU A O   1 
ATOM   925  C CB  . LEU A 1 119 ? -7.314  -3.633  13.654  1.00 22.95 ? 130  LEU A CB  1 
ATOM   926  C CG  . LEU A 1 119 ? -7.464  -2.217  14.209  1.00 24.37 ? 130  LEU A CG  1 
ATOM   927  C CD1 . LEU A 1 119 ? -6.102  -1.582  14.409  1.00 25.38 ? 130  LEU A CD1 1 
ATOM   928  C CD2 . LEU A 1 119 ? -8.329  -1.354  13.315  1.00 24.99 ? 130  LEU A CD2 1 
ATOM   929  N N   . LYS A 1 120 ? -10.720 -3.964  12.965  1.00 19.17 ? 131  LYS A N   1 
ATOM   930  C CA  . LYS A 1 120 ? -11.736 -3.858  11.927  1.00 18.22 ? 131  LYS A CA  1 
ATOM   931  C C   . LYS A 1 120 ? -11.481 -2.680  10.997  1.00 17.08 ? 131  LYS A C   1 
ATOM   932  O O   . LYS A 1 120 ? -11.098 -1.595  11.422  1.00 15.57 ? 131  LYS A O   1 
ATOM   933  C CB  . LYS A 1 120 ? -13.128 -3.759  12.546  1.00 18.12 ? 131  LYS A CB  1 
ATOM   934  C CG  . LYS A 1 120 ? -13.516 -5.008  13.322  1.00 19.22 ? 131  LYS A CG  1 
ATOM   935  C CD  . LYS A 1 120 ? -14.891 -4.891  13.959  1.00 20.02 ? 131  LYS A CD  1 
ATOM   936  C CE  . LYS A 1 120 ? -15.247 -6.143  14.754  1.00 20.91 ? 131  LYS A CE  1 
ATOM   937  N NZ  . LYS A 1 120 ? -16.556 -6.048  15.462  1.00 21.19 ? 131  LYS A NZ  1 
ATOM   938  N N   . CYS A 1 121 ? -11.701 -2.936  9.631   1.00 15.22 ? 133  CYS A N   1 
ATOM   939  C CA  . CYS A 1 121 ? -11.621 -1.875  8.643   1.00 15.52 ? 133  CYS A CA  1 
ATOM   940  C C   . CYS A 1 121 ? -12.732 -0.849  8.834   1.00 16.19 ? 133  CYS A C   1 
ATOM   941  O O   . CYS A 1 121 ? -12.527 0.333   8.574   1.00 16.80 ? 133  CYS A O   1 
ATOM   942  C CB  . CYS A 1 121 ? -11.717 -2.485  7.250   1.00 15.15 ? 133  CYS A CB  1 
ATOM   943  S SG  . CYS A 1 121 ? -10.249 -3.431  6.785   1.00 13.85 ? 133  CYS A SG  1 
ATOM   944  O OXT . CYS A 1 121 ? -13.842 -1.205  9.240   1.00 17.78 ? 133  CYS A OXT 1 
HETATM 945  C C1  . PHQ B 2 1   ? 2.662   -9.862  -2.004  0.50 30.05 ? 134  PHQ B C1  1 
HETATM 946  O O1  . PHQ B 2 1   ? 2.768   -8.961  -1.185  0.50 30.63 ? 134  PHQ B O1  1 
HETATM 947  O O2  . PHQ B 2 1   ? 3.723   -9.971  -2.974  0.50 29.87 ? 134  PHQ B O2  1 
HETATM 948  C C2  . PHQ B 2 1   ? 3.820   -10.915 -4.016  0.50 29.03 ? 134  PHQ B C2  1 
HETATM 949  C C3  . PHQ B 2 1   ? 5.075   -10.682 -4.798  0.50 28.89 ? 134  PHQ B C3  1 
HETATM 950  C C4  . PHQ B 2 1   ? 6.009   -9.658  -4.510  0.50 28.70 ? 134  PHQ B C4  1 
HETATM 951  C C5  . PHQ B 2 1   ? 7.176   -9.504  -5.303  0.50 28.61 ? 134  PHQ B C5  1 
HETATM 952  C C6  . PHQ B 2 1   ? 7.464   -10.337 -6.404  0.50 28.56 ? 134  PHQ B C6  1 
HETATM 953  C C7  . PHQ B 2 1   ? 6.544   -11.356 -6.698  0.50 28.49 ? 134  PHQ B C7  1 
HETATM 954  C C8  . PHQ B 2 1   ? 5.369   -11.524 -5.912  0.50 28.65 ? 134  PHQ B C8  1 
ATOM   955  N N   . VAL B 2 2   ? 1.624   -10.831 -2.265  0.50 28.47 ? 135  VAL B N   1 
ATOM   956  C CA  . VAL B 2 2   ? 1.162   -12.027 -1.548  0.50 28.43 ? 135  VAL B CA  1 
ATOM   957  C C   . VAL B 2 2   ? -0.245  -12.342 -0.977  0.50 28.49 ? 135  VAL B C   1 
ATOM   958  O O   . VAL B 2 2   ? -1.069  -12.959 -1.643  0.50 28.54 ? 135  VAL B O   1 
ATOM   959  C CB  . VAL B 2 2   ? 2.353   -13.027 -1.334  0.50 28.35 ? 135  VAL B CB  1 
ATOM   960  C CG1 . VAL B 2 2   ? 1.904   -14.211 -0.555  0.50 28.41 ? 135  VAL B CG1 1 
ATOM   961  C CG2 . VAL B 2 2   ? 2.867   -13.525 -2.697  0.50 28.50 ? 135  VAL B CG2 1 
ATOM   962  N N   . ALA B 2 3   ? -0.663  -11.720 0.130   0.50 28.56 ? 136  ALA B N   1 
ATOM   963  C CA  . ALA B 2 3   ? -1.896  -11.932 0.940   0.50 28.50 ? 136  ALA B CA  1 
ATOM   964  C C   . ALA B 2 3   ? -2.526  -10.603 1.580   0.50 28.55 ? 136  ALA B C   1 
ATOM   965  O O   . ALA B 2 3   ? -1.821  -9.667  2.035   0.50 28.62 ? 136  ALA B O   1 
ATOM   966  C CB  . ALA B 2 3   ? -1.445  -12.922 2.058   0.50 28.54 ? 136  ALA B CB  1 
ATOM   967  N N   . ARG B 2 4   ? -3.865  -10.583 1.649   0.50 28.60 ? 137  ARG B N   1 
ATOM   968  C CA  . ARG B 2 4   ? -4.653  -9.469  2.193   0.50 28.65 ? 137  ARG B CA  1 
ATOM   969  C C   . ARG B 2 4   ? -4.549  -8.121  1.488   0.50 28.80 ? 137  ARG B C   1 
ATOM   970  O O   . ARG B 2 4   ? -5.493  -7.308  1.477   0.50 28.98 ? 137  ARG B O   1 
ATOM   971  C CB  . ARG B 2 4   ? -4.149  -9.053  3.588   0.50 28.48 ? 137  ARG B CB  1 
ATOM   972  C CG  . ARG B 2 4   ? -5.100  -8.154  4.356   0.50 28.15 ? 137  ARG B CG  1 
ATOM   973  C CD  . ARG B 2 4   ? -6.410  -8.860  4.720   0.50 27.87 ? 137  ARG B CD  1 
ATOM   974  N NE  . ARG B 2 4   ? -6.832  -8.593  6.096   0.50 27.57 ? 137  ARG B NE  1 
ATOM   975  C CZ  . ARG B 2 4   ? -8.063  -8.801  6.555   0.50 27.37 ? 137  ARG B CZ  1 
ATOM   976  N NH1 . ARG B 2 4   ? -9.004  -9.269  5.746   0.50 27.22 ? 137  ARG B NH1 1 
ATOM   977  N NH2 . ARG B 2 4   ? -8.354  -8.571  7.827   0.50 27.17 ? 137  ARG B NH2 1 
ATOM   978  N N   . SER B 2 5   ? -3.408  -7.902  0.856   0.50 29.00 ? 138  SER B N   1 
ATOM   979  C CA  . SER B 2 5   ? -2.994  -6.605  0.373   0.50 29.12 ? 138  SER B CA  1 
ATOM   980  C C   . SER B 2 5   ? -1.521  -6.192  0.529   0.50 29.14 ? 138  SER B C   1 
ATOM   981  O O   . SER B 2 5   ? -1.193  -5.026  0.262   0.50 29.28 ? 138  SER B O   1 
ATOM   982  C CB  . SER B 2 5   ? -4.005  -5.437  0.381   0.50 29.18 ? 138  SER B CB  1 
ATOM   983  O OG  . SER B 2 5   ? -3.301  -4.231  0.439   0.50 29.32 ? 138  SER B OG  1 
ATOM   984  O OXT . SER B 2 5   ? -0.705  -7.064  0.896   0.50 29.29 ? 138  SER B OXT 1 
HETATM 985  S S   . SO4 C 3 .   ? 1.288   6.650   16.439  0.50 26.50 ? 135  SO4 A S   1 
HETATM 986  O O1  . SO4 C 3 .   ? 2.648   6.934   16.881  0.50 26.81 ? 135  SO4 A O1  1 
HETATM 987  O O2  . SO4 C 3 .   ? 0.928   7.551   15.348  0.50 26.34 ? 135  SO4 A O2  1 
HETATM 988  O O3  . SO4 C 3 .   ? 0.355   6.872   17.538  0.50 26.80 ? 135  SO4 A O3  1 
HETATM 989  O O4  . SO4 C 3 .   ? 1.191   5.263   15.992  0.50 26.25 ? 135  SO4 A O4  1 
HETATM 990  S S   . SO4 D 3 .   ? 2.455   -0.955  -17.570 1.00 18.92 ? 136  SO4 A S   1 
HETATM 991  O O1  . SO4 D 3 .   ? 2.218   -2.076  -18.479 1.00 20.00 ? 136  SO4 A O1  1 
HETATM 992  O O2  . SO4 D 3 .   ? 3.772   -0.387  -17.848 1.00 20.19 ? 136  SO4 A O2  1 
HETATM 993  O O3  . SO4 D 3 .   ? 2.418   -1.432  -16.189 1.00 18.87 ? 136  SO4 A O3  1 
HETATM 994  O O4  . SO4 D 3 .   ? 1.414   0.045   -17.791 1.00 19.14 ? 136  SO4 A O4  1 
HETATM 995  S S   . SO4 E 3 .   ? 15.414  5.350   11.139  1.00 35.63 ? 137  SO4 A S   1 
HETATM 996  O O1  . SO4 E 3 .   ? 14.822  4.738   9.954   1.00 34.94 ? 137  SO4 A O1  1 
HETATM 997  O O2  . SO4 E 3 .   ? 15.398  6.802   10.979  1.00 35.97 ? 137  SO4 A O2  1 
HETATM 998  O O3  . SO4 E 3 .   ? 16.788  4.885   11.311  1.00 35.95 ? 137  SO4 A O3  1 
HETATM 999  O O4  . SO4 E 3 .   ? 14.633  4.972   12.310  1.00 35.67 ? 137  SO4 A O4  1 
HETATM 1000 O O   . HOH F 4 .   ? -3.445  3.776   2.183   1.00 9.59  ? 1001 HOH A O   1 
HETATM 1001 O O   . HOH F 4 .   ? 5.574   6.097   9.888   1.00 10.62 ? 1002 HOH A O   1 
HETATM 1002 O O   . HOH F 4 .   ? -2.233  -2.691  -8.075  1.00 10.41 ? 1003 HOH A O   1 
HETATM 1003 O O   . HOH F 4 .   ? -15.167 -8.037  -11.043 1.00 10.93 ? 1004 HOH A O   1 
HETATM 1004 O O   . HOH F 4 .   ? -3.817  -6.019  -16.820 1.00 12.04 ? 1005 HOH A O   1 
HETATM 1005 O O   . HOH F 4 .   ? -10.186 -5.527  -14.972 1.00 8.89  ? 1006 HOH A O   1 
HETATM 1006 O O   . HOH F 4 .   ? -5.258  2.907   0.249   1.00 9.64  ? 1007 HOH A O   1 
HETATM 1007 O O   . HOH F 4 .   ? -8.407  5.240   -1.728  1.00 10.59 ? 1008 HOH A O   1 
HETATM 1008 O O   . HOH F 4 .   ? -1.493  6.662   7.907   1.00 11.02 ? 1009 HOH A O   1 
HETATM 1009 O O   . HOH F 4 .   ? -2.862  7.145   10.186  1.00 11.98 ? 1010 HOH A O   1 
HETATM 1010 O O   . HOH F 4 .   ? -15.527 -2.369  -16.134 1.00 12.11 ? 1011 HOH A O   1 
HETATM 1011 O O   . HOH F 4 .   ? -9.199  -6.885  -11.288 1.00 10.11 ? 1012 HOH A O   1 
HETATM 1012 O O   . HOH F 4 .   ? 6.461   6.253   4.655   1.00 11.04 ? 1013 HOH A O   1 
HETATM 1013 O O   . HOH F 4 .   ? 4.113   10.655  10.221  1.00 14.52 ? 1014 HOH A O   1 
HETATM 1014 O O   . HOH F 4 .   ? -7.021  7.919   -4.124  1.00 11.55 ? 1015 HOH A O   1 
HETATM 1015 O O   . HOH F 4 .   ? -1.689  2.289   14.971  1.00 14.88 ? 1016 HOH A O   1 
HETATM 1016 O O   . HOH F 4 .   ? -10.967 2.309   -4.571  1.00 11.84 ? 1017 HOH A O   1 
HETATM 1017 O O   . HOH F 4 .   ? -7.575  4.416   0.744   1.00 9.87  ? 1018 HOH A O   1 
HETATM 1018 O O   . HOH F 4 .   ? 11.940  8.568   -7.032  1.00 16.67 ? 1019 HOH A O   1 
HETATM 1019 O O   . HOH F 4 .   ? -14.951 -6.311  -6.298  1.00 15.64 ? 1020 HOH A O   1 
HETATM 1020 O O   . HOH F 4 .   ? -14.276 -4.252  -13.479 1.00 13.87 ? 1021 HOH A O   1 
HETATM 1021 O O   . HOH F 4 .   ? 7.814   5.027   13.384  1.00 16.52 ? 1022 HOH A O   1 
HETATM 1022 O O   . HOH F 4 .   ? -1.698  9.311   7.029   1.00 13.78 ? 1023 HOH A O   1 
HETATM 1023 O O   . HOH F 4 .   ? -9.034  8.211   -19.182 1.00 17.07 ? 1024 HOH A O   1 
HETATM 1024 O O   . HOH F 4 .   ? -7.047  9.892   -9.678  1.00 14.13 ? 1025 HOH A O   1 
HETATM 1025 O O   . HOH F 4 .   ? 14.683  1.699   -0.409  1.00 16.29 ? 1026 HOH A O   1 
HETATM 1026 O O   . HOH F 4 .   ? 3.836   7.429   13.169  1.00 17.37 ? 1027 HOH A O   1 
HETATM 1027 O O   . HOH F 4 .   ? -16.701 0.187   -16.401 1.00 18.81 ? 1028 HOH A O   1 
HETATM 1028 O O   . HOH F 4 .   ? 13.814  1.865   4.021   1.00 16.70 ? 1029 HOH A O   1 
HETATM 1029 O O   . HOH F 4 .   ? -5.272  11.146  -20.135 1.00 17.23 ? 1030 HOH A O   1 
HETATM 1030 O O   . HOH F 4 .   ? 9.797   -3.475  4.646   1.00 18.30 ? 1031 HOH A O   1 
HETATM 1031 O O   . HOH F 4 .   ? -18.697 -8.516  -8.999  1.00 18.42 ? 1032 HOH A O   1 
HETATM 1032 O O   . HOH F 4 .   ? -2.408  9.965   4.464   1.00 13.38 ? 1033 HOH A O   1 
HETATM 1033 O O   . HOH F 4 .   ? -4.781  -1.346  -18.160 1.00 16.77 ? 1034 HOH A O   1 
HETATM 1034 O O   . HOH F 4 .   ? 0.480   4.395   -16.350 1.00 18.58 ? 1035 HOH A O   1 
HETATM 1035 O O   . HOH F 4 .   ? 15.870  7.175   -4.707  1.00 25.83 ? 1036 HOH A O   1 
HETATM 1036 O O   . HOH F 4 .   ? -6.641  4.012   -13.385 1.00 18.66 ? 1037 HOH A O   1 
HETATM 1037 O O   . HOH F 4 .   ? -15.310 2.972   -12.579 1.00 24.53 ? 1038 HOH A O   1 
HETATM 1038 O O   . HOH F 4 .   ? -0.085  11.103  9.744   1.00 21.12 ? 1039 HOH A O   1 
HETATM 1039 O O   . HOH F 4 .   ? 4.935   -8.608  10.411  1.00 27.39 ? 1040 HOH A O   1 
HETATM 1040 O O   . HOH F 4 .   ? -15.390 -3.358  -10.011 1.00 22.50 ? 1041 HOH A O   1 
HETATM 1041 O O   . HOH F 4 .   ? 2.977   14.261  8.230   1.00 24.83 ? 1042 HOH A O   1 
HETATM 1042 O O   . HOH F 4 .   ? 1.492   -1.469  17.698  1.00 31.16 ? 1043 HOH A O   1 
HETATM 1043 O O   . HOH F 4 .   ? 6.519   13.309  5.334   1.00 22.46 ? 1044 HOH A O   1 
HETATM 1044 O O   . HOH F 4 .   ? 2.539   -4.951  -13.915 1.00 21.05 ? 1045 HOH A O   1 
HETATM 1045 O O   . HOH F 4 .   ? -3.248  12.833  6.578   1.00 19.98 ? 1046 HOH A O   1 
HETATM 1046 O O   . HOH F 4 .   ? -8.333  10.644  -6.049  1.00 18.53 ? 1047 HOH A O   1 
HETATM 1047 O O   . HOH F 4 .   ? -11.831 0.038   -2.661  1.00 17.41 ? 1048 HOH A O   1 
HETATM 1048 O O   . HOH F 4 .   ? -15.756 -5.974  -9.188  1.00 17.54 ? 1049 HOH A O   1 
HETATM 1049 O O   . HOH F 4 .   ? -11.533 -3.031  15.609  1.00 28.98 ? 1050 HOH A O   1 
HETATM 1050 O O   . HOH F 4 .   ? 16.107  6.185   -0.878  1.00 27.77 ? 1051 HOH A O   1 
HETATM 1051 O O   . HOH F 4 .   ? 8.684   14.374  4.289   1.00 25.20 ? 1052 HOH A O   1 
HETATM 1052 O O   . HOH F 4 .   ? -3.871  15.998  -18.323 1.00 37.59 ? 1053 HOH A O   1 
HETATM 1053 O O   . HOH F 4 .   ? -0.120  15.236  -17.894 1.00 39.46 ? 1054 HOH A O   1 
HETATM 1054 O O   . HOH F 4 .   ? -8.953  10.193  -12.224 1.00 43.07 ? 1055 HOH A O   1 
HETATM 1055 O O   . HOH F 4 .   ? -9.167  -6.226  -17.520 1.00 11.04 ? 1056 HOH A O   1 
HETATM 1056 O O   . HOH F 4 .   ? -2.667  9.943   10.263  1.00 18.98 ? 1057 HOH A O   1 
HETATM 1057 O O   . HOH F 4 .   ? 3.186   2.264   -14.237 1.00 20.87 ? 1058 HOH A O   1 
HETATM 1058 O O   . HOH F 4 .   ? 5.996   6.823   14.756  1.00 21.79 ? 1059 HOH A O   1 
HETATM 1059 O O   . HOH F 4 .   ? -0.970  13.181  8.080   1.00 25.96 ? 1060 HOH A O   1 
HETATM 1060 O O   . HOH F 4 .   ? 4.993   0.650   -15.465 1.00 23.23 ? 1061 HOH A O   1 
HETATM 1061 O O   . HOH F 4 .   ? 15.990  3.798   -3.199  1.00 27.74 ? 1062 HOH A O   1 
HETATM 1062 O O   . HOH F 4 .   ? -5.495  -1.438  17.953  1.00 29.37 ? 1063 HOH A O   1 
HETATM 1063 O O   . HOH F 4 .   ? 4.174   1.277   18.009  1.00 25.84 ? 1064 HOH A O   1 
HETATM 1064 O O   . HOH F 4 .   ? -2.033  3.169   17.618  1.00 31.79 ? 1065 HOH A O   1 
HETATM 1065 O O   . HOH F 4 .   ? -11.123 -8.982  -11.795 1.00 11.13 ? 1066 HOH A O   1 
HETATM 1066 O O   . HOH F 4 .   ? -11.389 9.729   -19.219 1.00 21.31 ? 1067 HOH A O   1 
HETATM 1067 O O   . HOH F 4 .   ? -7.692  10.629  -19.394 1.00 20.67 ? 1068 HOH A O   1 
HETATM 1068 O O   . HOH F 4 .   ? -9.731  11.983  -20.529 1.00 25.38 ? 1069 HOH A O   1 
HETATM 1069 O O   . HOH F 4 .   ? -2.014  9.410   12.850  1.00 21.06 ? 1070 HOH A O   1 
HETATM 1070 O O   . HOH F 4 .   ? -7.718  11.106  -16.819 1.00 27.98 ? 1071 HOH A O   1 
HETATM 1071 O O   . HOH F 4 .   ? -4.984  14.104  -8.763  1.00 31.36 ? 1072 HOH A O   1 
HETATM 1072 O O   . HOH F 4 .   ? -3.828  6.188   6.388   1.00 16.28 ? 1073 HOH A O   1 
HETATM 1073 O O   . HOH F 4 .   ? 3.566   -5.441  19.219  1.00 36.12 ? 1074 HOH A O   1 
HETATM 1074 O O   . HOH F 4 .   ? 0.807   1.792   -15.607 1.00 20.12 ? 1075 HOH A O   1 
HETATM 1075 O O   . HOH F 4 .   ? 16.680  4.355   3.069   1.00 40.04 ? 1076 HOH A O   1 
HETATM 1076 O O   . HOH F 4 .   ? 16.187  3.791   0.497   1.00 21.92 ? 1077 HOH A O   1 
HETATM 1077 O O   . HOH F 4 .   ? -12.157 -4.114  3.518   1.00 19.27 ? 1078 HOH A O   1 
HETATM 1078 O O   . HOH F 4 .   ? 4.891   15.432  6.408   1.00 24.02 ? 1079 HOH A O   1 
HETATM 1079 O O   . HOH F 4 .   ? -6.125  4.816   -20.222 1.00 29.85 ? 1080 HOH A O   1 
HETATM 1080 O O   . HOH F 4 .   ? -0.820  7.435   -19.521 1.00 25.79 ? 1081 HOH A O   1 
HETATM 1081 O O   . HOH F 4 .   ? -0.839  -4.787  -5.678  1.00 18.60 ? 1082 HOH A O   1 
HETATM 1082 O O   . HOH F 4 .   ? -3.869  4.968   -21.506 1.00 36.51 ? 1083 HOH A O   1 
HETATM 1083 O O   . HOH F 4 .   ? -1.923  6.133   17.695  1.00 23.37 ? 1084 HOH A O   1 
HETATM 1084 O O   . HOH F 4 .   ? 10.250  -2.025  17.878  1.00 31.04 ? 1085 HOH A O   1 
HETATM 1085 O O   . HOH F 4 .   ? 0.556   -7.571  -14.443 1.00 20.22 ? 1086 HOH A O   1 
HETATM 1086 O O   . HOH F 4 .   ? 9.950   0.216   -6.060  1.00 16.13 ? 1087 HOH A O   1 
HETATM 1087 O O   . HOH F 4 .   ? 4.537   -6.718  7.337   1.00 22.80 ? 1088 HOH A O   1 
HETATM 1088 O O   . HOH F 4 .   ? 15.091  -8.857  12.190  1.00 28.26 ? 1089 HOH A O   1 
HETATM 1089 O O   . HOH F 4 .   ? 8.161   -3.828  18.690  1.00 28.85 ? 1090 HOH A O   1 
HETATM 1090 O O   . HOH F 4 .   ? 11.721  -5.425  12.676  1.00 21.88 ? 1091 HOH A O   1 
HETATM 1091 O O   . HOH F 4 .   ? 2.427   11.758  -16.668 1.00 31.65 ? 1092 HOH A O   1 
HETATM 1092 O O   . HOH F 4 .   ? 4.424   8.946   -12.897 1.00 28.20 ? 1093 HOH A O   1 
HETATM 1093 O O   . HOH F 4 .   ? 4.492   4.666   16.549  1.00 25.64 ? 1094 HOH A O   1 
HETATM 1094 O O   . HOH F 4 .   ? 1.822   15.881  -20.619 1.00 39.83 ? 1095 HOH A O   1 
HETATM 1095 O O   . HOH F 4 .   ? -11.316 11.517  -9.045  1.00 46.12 ? 1096 HOH A O   1 
HETATM 1096 O O   . HOH F 4 .   ? 4.168   -3.093  -15.023 1.00 25.63 ? 1097 HOH A O   1 
HETATM 1097 O O   . HOH F 4 .   ? 1.102   9.401   -19.558 1.00 27.09 ? 1098 HOH A O   1 
HETATM 1098 O O   . HOH F 4 .   ? 3.708   2.914   -11.616 1.00 17.28 ? 1099 HOH A O   1 
HETATM 1099 O O   . HOH F 4 .   ? 2.848   -7.262  -13.270 1.00 23.99 ? 1100 HOH A O   1 
HETATM 1100 O O   . HOH F 4 .   ? 5.340   -1.136  -13.487 1.00 25.03 ? 1101 HOH A O   1 
HETATM 1101 O O   . HOH F 4 .   ? 2.328   13.562  -4.169  1.00 24.25 ? 1102 HOH A O   1 
HETATM 1102 O O   . HOH F 4 .   ? -0.999  -10.312 -16.510 1.00 19.32 ? 1103 HOH A O   1 
HETATM 1103 O O   . HOH F 4 .   ? 1.865   -9.778  -17.256 1.00 20.92 ? 1104 HOH A O   1 
HETATM 1104 O O   . HOH F 4 .   ? -8.567  12.066  -10.541 1.00 30.75 ? 1105 HOH A O   1 
HETATM 1105 O O   . HOH F 4 .   ? 4.101   -10.780 -16.198 1.00 29.67 ? 1106 HOH A O   1 
HETATM 1106 O O   . HOH F 4 .   ? 4.800   -9.016  -13.871 1.00 34.74 ? 1107 HOH A O   1 
HETATM 1107 O O   . HOH F 4 .   ? -1.598  12.859  -6.257  1.00 19.71 ? 1108 HOH A O   1 
HETATM 1108 O O   . HOH F 4 .   ? -15.861 2.746   -20.469 1.00 28.89 ? 1109 HOH A O   1 
HETATM 1109 O O   . HOH F 4 .   ? 13.570  -6.623  14.098  1.00 31.19 ? 1110 HOH A O   1 
HETATM 1110 O O   . HOH F 4 .   ? -9.362  10.210  -14.767 1.00 21.66 ? 1111 HOH A O   1 
HETATM 1111 O O   . HOH F 4 .   ? -19.145 0.415   -5.233  1.00 32.50 ? 1112 HOH A O   1 
HETATM 1112 O O   . HOH F 4 .   ? 5.998   13.569  -14.589 1.00 27.16 ? 1113 HOH A O   1 
HETATM 1113 O O   . HOH F 4 .   ? 5.878   10.516  -14.768 1.00 36.91 ? 1114 HOH A O   1 
HETATM 1114 O O   . HOH F 4 .   ? 11.806  -3.537  15.888  1.00 30.28 ? 1115 HOH A O   1 
HETATM 1115 O O   . HOH F 4 .   ? 1.789   -9.508  -11.752 1.00 32.42 ? 1116 HOH A O   1 
HETATM 1116 O O   . HOH F 4 .   ? 15.700  -4.778  14.019  1.00 39.11 ? 1117 HOH A O   1 
HETATM 1117 O O   . HOH F 4 .   ? -14.926 0.419   1.542   1.00 22.89 ? 1118 HOH A O   1 
HETATM 1118 O O   . HOH F 4 .   ? 1.593   12.153  -19.158 1.00 27.51 ? 1119 HOH A O   1 
HETATM 1119 O O   . HOH F 4 .   ? 2.372   -4.374  -1.189  1.00 27.98 ? 1120 HOH A O   1 
HETATM 1120 O O   . HOH F 4 .   ? -4.893  -9.959  -6.877  1.00 15.16 ? 1121 HOH A O   1 
HETATM 1121 O O   . HOH F 4 .   ? 4.178   13.269  10.865  1.00 29.12 ? 1123 HOH A O   1 
HETATM 1122 O O   . HOH F 4 .   ? -10.000 5.910   -12.989 1.00 24.23 ? 1124 HOH A O   1 
HETATM 1123 O O   . HOH F 4 .   ? -12.880 4.054   -8.929  1.00 25.51 ? 1126 HOH A O   1 
HETATM 1124 O O   . HOH F 4 .   ? 9.262   4.850   15.536  1.00 28.43 ? 1127 HOH A O   1 
HETATM 1125 O O   . HOH F 4 .   ? -13.383 8.445   -20.644 1.00 27.03 ? 1128 HOH A O   1 
HETATM 1126 O O   . HOH F 4 .   ? -7.939  2.362   -14.477 1.00 22.19 ? 1129 HOH A O   1 
HETATM 1127 O O   . HOH F 4 .   ? -17.344 1.924   -14.061 1.00 33.96 ? 1130 HOH A O   1 
HETATM 1128 O O   . HOH F 4 .   ? 1.038   -4.615  17.231  1.00 26.39 ? 1131 HOH A O   1 
HETATM 1129 O O   . HOH F 4 .   ? 3.459   -1.877  0.552   1.00 28.81 ? 1132 HOH A O   1 
HETATM 1130 O O   . HOH F 4 .   ? 10.626  -2.444  -5.473  1.00 16.10 ? 1133 HOH A O   1 
HETATM 1131 O O   . HOH F 4 .   ? -6.463  2.230   -16.502 1.00 20.16 ? 1134 HOH A O   1 
HETATM 1132 O O   . HOH F 4 .   ? -0.599  -0.581  -22.526 1.00 28.04 ? 1135 HOH A O   1 
HETATM 1133 O O   . HOH F 4 .   ? 18.415  6.585   -4.394  1.00 32.38 ? 1136 HOH A O   1 
HETATM 1134 O O   . HOH F 4 .   ? -12.265 6.900   -14.565 1.00 28.88 ? 1137 HOH A O   1 
HETATM 1135 O O   . HOH F 4 .   ? -15.255 5.876   -13.127 1.00 39.73 ? 1138 HOH A O   1 
HETATM 1136 O O   . HOH F 4 .   ? 13.123  -3.532  -5.903  1.00 28.49 ? 1139 HOH A O   1 
HETATM 1137 O O   . HOH F 4 .   ? -4.253  -12.292 16.069  1.00 31.72 ? 1140 HOH A O   1 
HETATM 1138 O O   . HOH F 4 .   ? 13.993  11.344  13.265  1.00 36.55 ? 1141 HOH A O   1 
HETATM 1139 O O   . HOH F 4 .   ? 0.089   17.221  3.008   1.00 24.06 ? 1142 HOH A O   1 
HETATM 1140 O O   . HOH F 4 .   ? -6.511  -6.710  11.404  1.00 20.23 ? 1143 HOH A O   1 
HETATM 1141 O O   . HOH F 4 .   ? -8.270  -5.853  9.087   1.00 23.97 ? 1144 HOH A O   1 
HETATM 1142 O O   . HOH F 4 .   ? -9.713  6.043   -10.336 1.00 35.90 ? 1145 HOH A O   1 
HETATM 1143 O O   . HOH F 4 .   ? 8.721   -3.698  -6.936  1.00 19.80 ? 1146 HOH A O   1 
HETATM 1144 O O   . HOH F 4 .   ? -6.690  -4.517  7.005   1.00 18.03 ? 1148 HOH A O   1 
HETATM 1145 O O   . HOH F 4 .   ? -10.725 -6.158  4.430   1.00 21.27 ? 1150 HOH A O   1 
HETATM 1146 O O   . HOH F 4 .   ? -6.287  -12.763 -6.617  1.00 30.61 ? 1151 HOH A O   1 
HETATM 1147 O O   . HOH F 4 .   ? -16.150 8.685   -19.314 1.00 33.96 ? 1152 HOH A O   1 
HETATM 1148 O O   . HOH F 4 .   ? -12.367 10.800  -17.111 1.00 36.54 ? 1153 HOH A O   1 
HETATM 1149 O O   . HOH F 4 .   ? -12.416 5.445   -21.240 1.00 26.55 ? 1154 HOH A O   1 
HETATM 1150 O O   . HOH F 4 .   ? 0.337   -7.417  18.558  1.00 33.16 ? 1155 HOH A O   1 
HETATM 1151 O O   . HOH F 4 .   ? 0.721   5.401   -18.904 1.00 23.79 ? 1156 HOH A O   1 
HETATM 1152 O O   . HOH F 4 .   ? 14.444  6.320   6.094   1.00 32.95 ? 1157 HOH A O   1 
HETATM 1153 O O   . HOH F 4 .   ? 14.994  7.181   1.914   1.00 31.00 ? 1158 HOH A O   1 
HETATM 1154 O O   . HOH F 4 .   ? -8.538  5.880   -20.535 1.00 19.43 ? 1159 HOH A O   1 
HETATM 1155 O O   . HOH F 4 .   ? 10.411  1.987   -10.902 1.00 24.47 ? 1160 HOH A O   1 
HETATM 1156 O O   . HOH F 4 .   ? -15.114 5.293   -21.965 1.00 28.96 ? 1161 HOH A O   1 
HETATM 1157 O O   . HOH F 4 .   ? -0.848  -2.534  1.879   1.00 15.37 ? 1162 HOH A O   1 
HETATM 1158 O O   . HOH F 4 .   ? 10.295  -5.872  -8.044  1.00 31.80 ? 1164 HOH A O   1 
HETATM 1159 O O   . HOH F 4 .   ? -17.126 1.594   -5.884  1.00 32.78 ? 1165 HOH A O   1 
HETATM 1160 O O   . HOH F 4 .   ? 11.338  1.403   20.038  1.00 38.45 ? 1166 HOH A O   1 
HETATM 1161 O O   . HOH F 4 .   ? 2.703   -7.189  -10.443 1.00 19.91 ? 1167 HOH A O   1 
HETATM 1162 O O   . HOH F 4 .   ? 7.992   -2.047  -9.213  1.00 22.71 ? 1168 HOH A O   1 
HETATM 1163 O O   . HOH F 4 .   ? 3.340   15.536  -16.390 1.00 34.57 ? 1169 HOH A O   1 
HETATM 1164 O O   . HOH F 4 .   ? 1.487   3.489   -20.755 1.00 32.54 ? 1170 HOH A O   1 
HETATM 1165 O O   . HOH F 4 .   ? 11.909  9.698   12.306  1.00 29.25 ? 1171 HOH A O   1 
HETATM 1166 O O   . HOH F 4 .   ? 4.609   15.617  -14.033 1.00 33.95 ? 1172 HOH A O   1 
HETATM 1167 O O   . HOH F 4 .   ? 6.531   -4.879  -5.723  1.00 30.69 ? 1173 HOH A O   1 
HETATM 1168 O O   . HOH F 4 .   ? 6.354   14.129  -17.689 1.00 36.63 ? 1174 HOH A O   1 
HETATM 1169 O O   . HOH F 4 .   ? 11.348  0.102   -8.605  1.00 28.70 ? 1175 HOH A O   1 
HETATM 1170 O O   . HOH F 4 .   ? 6.351   -7.224  -6.765  1.00 24.35 ? 1176 HOH A O   1 
HETATM 1171 O O   . HOH F 4 .   ? -9.013  -7.188  -4.012  1.00 26.05 ? 1178 HOH A O   1 
HETATM 1172 O O   . HOH F 4 .   ? 6.224   -9.508  -17.692 1.00 31.82 ? 1179 HOH A O   1 
HETATM 1173 O O   . HOH F 4 .   ? 5.392   -10.770 -11.746 1.00 39.19 ? 1180 HOH A O   1 
HETATM 1174 O O   . HOH F 4 .   ? -2.014  19.013  -10.674 1.00 33.50 ? 1181 HOH A O   1 
HETATM 1175 O O   . HOH F 4 .   ? 4.589   -8.407  -8.832  1.00 29.03 ? 1182 HOH A O   1 
HETATM 1176 O O   . HOH F 4 .   ? 2.170   8.099   -17.696 1.00 35.10 ? 1183 HOH A O   1 
HETATM 1177 O O   . HOH F 4 .   ? 2.791   7.470   -15.053 1.00 38.05 ? 1184 HOH A O   1 
HETATM 1178 O O   . HOH F 4 .   ? -12.661 -5.606  8.603   1.00 27.89 ? 1185 HOH A O   1 
HETATM 1179 O O   . HOH F 4 .   ? -0.960  -6.433  3.507   1.00 23.29 ? 1186 HOH A O   1 
HETATM 1180 O O   . HOH F 4 .   ? 1.457   -3.594  1.179   1.00 26.96 ? 1187 HOH A O   1 
HETATM 1181 O O   . HOH F 4 .   ? -2.448  -8.113  -15.996 1.00 14.99 ? 1188 HOH A O   1 
HETATM 1182 O O   . HOH F 4 .   ? -18.545 -5.855  -8.625  1.00 30.01 ? 1189 HOH A O   1 
HETATM 1183 O O   . HOH F 4 .   ? -16.340 9.606   -15.995 1.00 27.26 ? 1190 HOH A O   1 
HETATM 1184 O O   . HOH F 4 .   ? -15.435 -5.303  17.840  1.00 34.63 ? 1191 HOH A O   1 
HETATM 1185 O O   . HOH F 4 .   ? 0.152   -14.717 10.840  1.00 32.68 ? 1192 HOH A O   1 
HETATM 1186 O O   . HOH F 4 .   ? -14.569 -3.814  4.824   1.00 29.95 ? 1193 HOH A O   1 
HETATM 1187 O O   . HOH F 4 .   ? -17.532 -5.436  -5.471  1.00 41.62 ? 1194 HOH A O   1 
HETATM 1188 O O   . HOH F 4 .   ? -12.692 -8.587  0.880   1.00 26.80 ? 1195 HOH A O   1 
HETATM 1189 O O   . HOH F 4 .   ? 4.884   -1.390  20.360  1.00 35.91 ? 1196 HOH A O   1 
HETATM 1190 O O   . HOH F 4 .   ? -11.153 -0.011  13.491  1.00 31.63 ? 1197 HOH A O   1 
HETATM 1191 O O   . HOH F 4 .   ? 7.422   -0.310  19.028  1.00 34.49 ? 1199 HOH A O   1 
HETATM 1192 O O   . HOH F 4 .   ? -19.135 -1.148  -3.260  1.00 33.69 ? 1201 HOH A O   1 
HETATM 1193 O O   . HOH G 4 .   ? -0.178  -4.305  -2.123  1.00 25.77 ? 1122 HOH B O   1 
HETATM 1194 O O   . HOH G 4 .   ? -8.008  -5.837  5.003   1.00 23.34 ? 1147 HOH B O   1 
HETATM 1195 O O   . HOH G 4 .   ? -4.938  -6.641  6.678   1.00 23.46 ? 1163 HOH B O   1 
HETATM 1196 O O   . HOH G 4 .   ? -7.911  -8.324  -0.814  1.00 33.06 ? 1177 HOH B O   1 
HETATM 1197 O O   . HOH G 4 .   ? -11.250 -8.705  3.378   1.00 29.88 ? 1198 HOH B O   1 
HETATM 1198 O O   . HOH G 4 .   ? -7.974  -6.904  1.458   1.00 23.15 ? 1200 HOH B O   1 
# 
